data_5G1P
#
_entry.id   5G1P
#
_cell.length_a   83.670
_cell.length_b   157.670
_cell.length_c   83.540
_cell.angle_alpha   90.00
_cell.angle_beta   120.08
_cell.angle_gamma   90.00
#
_symmetry.space_group_name_H-M   'P 1 21 1'
#
loop_
_entity.id
_entity.type
_entity.pdbx_description
1 polymer 'CAD PROTEIN'
2 non-polymer 'PHOSPHORIC ACID MONO(FORMAMIDE)ESTER'
3 water water
#
_entity_poly.entity_id   1
_entity_poly.type   'polypeptide(L)'
_entity_poly.pdbx_seq_one_letter_code
;GPMSPLLHSLVGQHILSVQQFTKDQMSHLFNVAHTLRMMVQKERSLDILKGKVMASMFYEVSTRTSSSFAAAMARLGGAV
LSFSEATSSVQKGESLADSVQTMSCYADVVVLRHPQPGAVELAAKHCRRPVINAGDGVGEHPTQALLDIFTIREELGTVN
GMTITMVGDLKHGRTVHSLACLLTQYRVSLRYVAPPSLRMPPTVRAFVASRGTKQEEFESIEEALPDTDVLYMTRIQKER
FGSTQEYEACFGQFILTPHIMTRAKKKMVVMHPMPRVNEISVEVDSDPRAAYFRQAENGMYIRMALLATVLGRF
;
_entity_poly.pdbx_strand_id   A,B,C,D,E,F
#
# COMPACT_ATOMS: atom_id res chain seq x y z
N VAL A 11 -7.22 -9.43 13.11
CA VAL A 11 -6.13 -8.77 12.32
C VAL A 11 -6.39 -7.27 12.21
N GLY A 12 -5.59 -6.50 12.93
CA GLY A 12 -5.72 -5.04 12.94
C GLY A 12 -6.45 -4.54 14.17
N GLN A 13 -7.22 -5.43 14.81
CA GLN A 13 -8.04 -5.05 15.97
C GLN A 13 -7.14 -4.53 17.07
N HIS A 14 -7.65 -3.55 17.82
CA HIS A 14 -6.94 -3.06 18.99
C HIS A 14 -7.26 -4.08 20.07
N ILE A 15 -6.48 -4.09 21.13
CA ILE A 15 -6.74 -5.04 22.23
C ILE A 15 -6.70 -4.23 23.52
N LEU A 16 -7.87 -3.73 23.92
CA LEU A 16 -7.96 -2.71 24.97
C LEU A 16 -8.71 -3.11 26.21
N SER A 17 -9.74 -3.91 26.04
CA SER A 17 -10.48 -4.44 27.17
C SER A 17 -10.77 -5.91 26.91
N VAL A 18 -11.10 -6.63 27.96
CA VAL A 18 -11.27 -8.07 27.92
C VAL A 18 -12.66 -8.44 27.36
N GLN A 19 -13.47 -7.42 27.11
CA GLN A 19 -14.85 -7.57 26.64
C GLN A 19 -14.95 -8.14 25.22
N GLN A 20 -13.84 -8.07 24.50
CA GLN A 20 -13.80 -8.28 23.04
C GLN A 20 -13.38 -9.71 22.66
N PHE A 21 -13.21 -10.54 23.69
CA PHE A 21 -12.83 -11.92 23.51
C PHE A 21 -14.04 -12.86 23.61
N THR A 22 -14.02 -13.87 22.76
CA THR A 22 -15.02 -14.90 22.70
C THR A 22 -14.32 -16.17 23.13
N LYS A 23 -15.07 -17.24 23.29
CA LYS A 23 -14.49 -18.49 23.75
C LYS A 23 -13.85 -19.22 22.59
N ASP A 24 -14.49 -19.17 21.42
CA ASP A 24 -13.92 -19.78 20.19
C ASP A 24 -12.60 -19.08 19.81
N GLN A 25 -12.56 -17.77 20.05
CA GLN A 25 -11.32 -17.01 19.82
C GLN A 25 -10.25 -17.45 20.81
N MET A 26 -10.55 -17.40 22.11
CA MET A 26 -9.55 -17.72 23.14
C MET A 26 -9.00 -19.12 22.95
N SER A 27 -9.89 -20.09 22.76
CA SER A 27 -9.49 -21.48 22.55
C SER A 27 -8.48 -21.57 21.37
N HIS A 28 -8.83 -20.93 20.26
CA HIS A 28 -7.88 -20.71 19.15
C HIS A 28 -6.63 -20.01 19.69
N LEU A 29 -6.84 -18.86 20.29
CA LEU A 29 -5.75 -18.07 20.90
C LEU A 29 -4.86 -18.91 21.81
N PHE A 30 -5.45 -19.93 22.43
CA PHE A 30 -4.71 -20.94 23.20
C PHE A 30 -4.07 -22.02 22.33
N ASN A 31 -4.83 -22.49 21.33
CA ASN A 31 -4.34 -23.50 20.39
C ASN A 31 -3.13 -23.00 19.58
N VAL A 32 -3.05 -21.69 19.41
CA VAL A 32 -1.89 -21.02 18.78
C VAL A 32 -0.66 -21.10 19.67
N ALA A 33 -0.87 -20.76 20.94
CA ALA A 33 0.21 -20.68 21.93
C ALA A 33 0.91 -22.00 22.10
N HIS A 34 0.14 -23.07 22.30
CA HIS A 34 0.74 -24.39 22.44
C HIS A 34 1.54 -24.75 21.19
N THR A 35 0.95 -24.51 20.05
CA THR A 35 1.61 -24.78 18.77
C THR A 35 2.89 -23.94 18.60
N LEU A 36 2.83 -22.68 18.97
CA LEU A 36 4.03 -21.81 18.93
C LEU A 36 5.04 -22.23 19.96
N ARG A 37 4.57 -22.65 21.13
CA ARG A 37 5.42 -23.15 22.21
C ARG A 37 6.20 -24.35 21.73
N MET A 38 5.46 -25.29 21.17
CA MET A 38 6.02 -26.61 20.82
C MET A 38 6.99 -26.52 19.66
N MET A 39 6.84 -25.51 18.82
CA MET A 39 7.84 -25.20 17.80
C MET A 39 9.18 -24.81 18.42
N VAL A 40 9.12 -24.00 19.46
CA VAL A 40 10.30 -23.53 20.19
C VAL A 40 10.92 -24.69 20.95
N GLN A 41 10.09 -25.49 21.64
CA GLN A 41 10.64 -26.66 22.38
C GLN A 41 11.41 -27.65 21.57
N LYS A 42 11.11 -27.72 20.27
CA LYS A 42 11.82 -28.57 19.30
C LYS A 42 12.77 -27.79 18.39
N GLU A 43 12.73 -26.46 18.48
CA GLU A 43 13.60 -25.55 17.74
C GLU A 43 13.28 -25.54 16.26
N ARG A 44 12.09 -25.04 15.98
CA ARG A 44 11.64 -24.76 14.64
C ARG A 44 11.75 -23.27 14.41
N SER A 45 12.20 -22.93 13.21
CA SER A 45 12.38 -21.55 12.74
C SER A 45 11.04 -20.84 12.85
N LEU A 46 11.08 -19.55 13.17
CA LEU A 46 9.86 -18.72 13.25
C LEU A 46 10.09 -17.38 12.60
N ASP A 47 10.11 -17.36 11.27
CA ASP A 47 10.17 -16.11 10.47
C ASP A 47 8.80 -15.44 10.35
N ILE A 48 8.01 -15.54 11.41
CA ILE A 48 6.58 -15.25 11.35
C ILE A 48 6.35 -13.75 11.28
N LEU A 49 6.97 -13.03 12.21
CA LEU A 49 6.97 -11.56 12.26
C LEU A 49 8.35 -11.00 11.91
N LYS A 50 9.03 -11.71 11.01
CA LYS A 50 10.28 -11.25 10.49
C LYS A 50 9.92 -10.05 9.66
N GLY A 51 10.54 -8.92 9.96
CA GLY A 51 10.35 -7.71 9.16
C GLY A 51 9.32 -6.74 9.71
N LYS A 52 8.35 -7.25 10.48
CA LYS A 52 7.47 -6.37 11.27
C LYS A 52 8.23 -5.84 12.47
N VAL A 53 7.70 -4.79 13.10
CA VAL A 53 8.34 -4.18 14.27
C VAL A 53 7.30 -3.89 15.35
N MET A 54 7.70 -4.10 16.60
CA MET A 54 6.88 -3.75 17.75
C MET A 54 7.49 -2.56 18.50
N ALA A 55 6.61 -1.61 18.82
CA ALA A 55 6.94 -0.43 19.61
C ALA A 55 6.46 -0.58 21.05
N SER A 56 7.39 -0.67 21.99
CA SER A 56 7.01 -0.87 23.40
C SER A 56 6.86 0.49 24.04
N MET A 57 5.75 0.73 24.72
CA MET A 57 5.54 2.01 25.41
C MET A 57 4.92 1.79 26.79
N PHE A 58 5.72 1.90 27.83
CA PHE A 58 5.32 1.55 29.18
C PHE A 58 5.65 2.72 30.12
N TYR A 59 4.62 3.25 30.78
CA TYR A 59 4.73 4.43 31.67
C TYR A 59 4.57 4.08 33.14
N GLU A 60 4.10 2.85 33.37
CA GLU A 60 4.18 2.23 34.68
C GLU A 60 5.54 1.53 34.74
N VAL A 61 5.93 1.10 35.93
CA VAL A 61 7.15 0.35 36.11
C VAL A 61 6.85 -1.17 36.09
N SER A 62 7.33 -1.85 35.05
CA SER A 62 7.12 -3.29 34.86
C SER A 62 8.37 -4.02 34.39
N THR A 63 8.38 -5.34 34.60
CA THR A 63 9.36 -6.25 33.98
C THR A 63 8.91 -7.68 33.86
N ARG A 64 7.69 -7.85 33.40
CA ARG A 64 7.15 -9.17 33.14
C ARG A 64 6.29 -9.16 31.91
N THR A 65 5.36 -8.22 31.86
CA THR A 65 4.54 -7.97 30.68
C THR A 65 5.43 -7.58 29.51
N SER A 66 6.28 -6.57 29.74
CA SER A 66 7.17 -6.03 28.71
C SER A 66 8.23 -7.02 28.25
N SER A 67 8.84 -7.69 29.21
CA SER A 67 9.85 -8.69 28.91
C SER A 67 9.22 -9.78 28.04
N SER A 68 8.20 -10.43 28.56
CA SER A 68 7.48 -11.46 27.83
C SER A 68 7.19 -10.96 26.42
N PHE A 69 6.59 -9.77 26.35
CA PHE A 69 6.32 -9.11 25.06
C PHE A 69 7.59 -8.98 24.19
N ALA A 70 8.70 -8.66 24.83
CA ALA A 70 9.99 -8.55 24.15
C ALA A 70 10.48 -9.91 23.66
N ALA A 71 10.44 -10.91 24.54
CA ALA A 71 10.84 -12.26 24.19
C ALA A 71 9.94 -12.72 23.05
N ALA A 72 8.65 -12.49 23.22
CA ALA A 72 7.61 -12.97 22.29
C ALA A 72 7.90 -12.47 20.88
N MET A 73 8.00 -11.14 20.73
CA MET A 73 8.33 -10.48 19.44
C MET A 73 9.68 -10.94 18.83
N ALA A 74 10.68 -11.01 19.68
CA ALA A 74 12.02 -11.46 19.30
C ALA A 74 12.07 -12.91 18.87
N ARG A 75 11.16 -13.72 19.43
CA ARG A 75 11.08 -15.15 19.10
C ARG A 75 10.43 -15.47 17.74
N LEU A 76 9.47 -14.65 17.33
CA LEU A 76 8.77 -14.88 16.05
C LEU A 76 9.57 -14.28 14.91
N GLY A 77 10.68 -13.62 15.24
CA GLY A 77 11.60 -13.04 14.25
C GLY A 77 11.61 -11.53 14.24
N GLY A 78 10.67 -10.93 14.95
CA GLY A 78 10.55 -9.47 14.99
C GLY A 78 11.59 -8.73 15.81
N ALA A 79 11.50 -7.42 15.80
CA ALA A 79 12.36 -6.53 16.56
C ALA A 79 11.51 -5.65 17.47
N VAL A 80 12.15 -5.02 18.46
CA VAL A 80 11.42 -4.22 19.47
C VAL A 80 12.03 -2.85 19.78
N LEU A 81 11.16 -1.84 19.75
CA LEU A 81 11.60 -0.50 20.02
C LEU A 81 11.54 -0.27 21.51
N SER A 82 12.73 -0.33 22.10
CA SER A 82 12.97 0.16 23.44
C SER A 82 12.62 1.65 23.57
N PHE A 83 11.42 1.96 24.06
CA PHE A 83 10.99 3.38 24.25
C PHE A 83 11.03 3.83 25.73
N SER A 84 11.97 4.72 26.04
CA SER A 84 12.15 5.17 27.43
C SER A 84 11.71 6.57 27.54
N GLU A 85 10.52 6.75 28.12
CA GLU A 85 9.95 8.09 28.27
C GLU A 85 10.90 9.04 28.98
N ALA A 86 11.53 8.53 30.03
CA ALA A 86 12.56 9.25 30.80
C ALA A 86 13.57 10.00 29.94
N THR A 87 14.04 9.34 28.88
CA THR A 87 15.00 9.91 27.91
C THR A 87 14.33 10.24 26.57
N SER A 88 13.03 10.50 26.61
CA SER A 88 12.24 10.82 25.40
C SER A 88 11.77 12.26 25.38
N SER A 89 11.32 12.70 24.22
CA SER A 89 10.94 14.10 23.96
C SER A 89 9.89 14.61 24.93
N VAL A 90 9.29 13.72 25.74
CA VAL A 90 8.50 14.13 26.92
C VAL A 90 9.30 15.09 27.81
N GLN A 91 10.61 14.87 27.95
CA GLN A 91 11.51 15.86 28.63
C GLN A 91 11.68 17.17 27.85
N LYS A 92 11.30 17.17 26.58
CA LYS A 92 11.02 18.40 25.80
C LYS A 92 9.51 18.67 25.73
N GLY A 93 8.74 17.71 26.22
CA GLY A 93 7.34 17.90 26.55
C GLY A 93 6.48 17.95 25.32
N GLU A 94 6.12 16.78 24.80
CA GLU A 94 5.21 16.63 23.67
C GLU A 94 4.11 15.67 24.06
N SER A 95 3.04 15.65 23.27
CA SER A 95 1.85 14.87 23.62
C SER A 95 2.14 13.38 23.66
N LEU A 96 1.39 12.68 24.49
CA LEU A 96 1.45 11.22 24.54
C LEU A 96 0.99 10.65 23.21
N ALA A 97 -0.13 11.17 22.70
CA ALA A 97 -0.61 10.75 21.36
C ALA A 97 0.47 11.05 20.33
N ASP A 98 0.98 12.27 20.40
CA ASP A 98 2.05 12.75 19.51
C ASP A 98 3.12 11.65 19.42
N SER A 99 3.53 11.14 20.59
CA SER A 99 4.60 10.15 20.68
C SER A 99 4.10 8.83 20.18
N VAL A 100 2.96 8.43 20.74
CA VAL A 100 2.37 7.11 20.43
C VAL A 100 2.13 6.97 18.91
N GLN A 101 1.62 8.02 18.30
CA GLN A 101 1.45 8.07 16.85
C GLN A 101 2.79 8.13 16.13
N THR A 102 3.71 8.91 16.67
CA THR A 102 5.06 9.03 16.10
C THR A 102 5.67 7.66 15.99
N MET A 103 5.62 6.93 17.10
CA MET A 103 6.08 5.54 17.16
C MET A 103 5.24 4.65 16.23
N SER A 104 3.97 4.99 16.07
CA SER A 104 3.11 4.31 15.11
C SER A 104 3.56 4.49 13.66
N CYS A 105 4.48 5.44 13.44
CA CYS A 105 5.12 5.63 12.13
C CYS A 105 6.23 4.63 11.85
N TYR A 106 6.92 4.22 12.93
CA TYR A 106 8.12 3.34 12.86
C TYR A 106 7.92 1.85 13.20
N ALA A 107 6.69 1.48 13.57
CA ALA A 107 6.37 0.16 14.02
C ALA A 107 5.10 -0.35 13.37
N ASP A 108 4.75 -1.61 13.64
CA ASP A 108 3.51 -2.24 13.12
C ASP A 108 2.49 -2.66 14.16
N VAL A 109 2.89 -2.75 15.42
CA VAL A 109 1.92 -2.89 16.53
C VAL A 109 2.31 -1.88 17.59
N VAL A 110 1.63 -1.96 18.74
CA VAL A 110 2.00 -1.17 19.93
C VAL A 110 1.54 -1.88 21.20
N VAL A 111 2.36 -1.73 22.22
CA VAL A 111 2.11 -2.28 23.51
C VAL A 111 2.29 -1.14 24.49
N LEU A 112 1.15 -0.62 24.93
CA LEU A 112 1.14 0.55 25.75
C LEU A 112 0.65 0.16 27.11
N ARG A 113 1.25 0.78 28.11
CA ARG A 113 0.82 0.62 29.49
C ARG A 113 0.86 1.96 30.21
N HIS A 114 -0.29 2.43 30.66
CA HIS A 114 -0.42 3.73 31.30
C HIS A 114 -1.27 3.61 32.55
N PRO A 115 -0.87 4.26 33.67
CA PRO A 115 -1.73 4.22 34.85
C PRO A 115 -3.00 5.08 34.73
N GLN A 116 -2.86 6.25 34.09
CA GLN A 116 -3.93 7.28 34.06
C GLN A 116 -5.28 6.73 33.56
N PRO A 117 -6.41 7.24 34.11
CA PRO A 117 -7.69 6.75 33.61
C PRO A 117 -7.89 7.06 32.14
N GLY A 118 -7.66 6.05 31.33
CA GLY A 118 -7.98 6.13 29.90
C GLY A 118 -7.02 6.96 29.08
N ALA A 119 -5.76 7.03 29.52
CA ALA A 119 -4.68 7.52 28.66
C ALA A 119 -4.46 6.56 27.50
N VAL A 120 -4.77 5.29 27.74
CA VAL A 120 -4.59 4.21 26.75
C VAL A 120 -5.70 4.25 25.68
N GLU A 121 -6.95 4.17 26.13
CA GLU A 121 -8.12 4.28 25.23
C GLU A 121 -7.91 5.39 24.23
N LEU A 122 -7.45 6.53 24.75
CA LEU A 122 -7.21 7.73 23.94
C LEU A 122 -6.17 7.42 22.86
N ALA A 123 -4.96 7.12 23.31
CA ALA A 123 -3.83 6.88 22.43
C ALA A 123 -4.19 5.83 21.38
N ALA A 124 -4.91 4.81 21.83
CA ALA A 124 -5.40 3.74 20.97
C ALA A 124 -6.35 4.32 19.93
N LYS A 125 -7.32 5.09 20.43
CA LYS A 125 -8.47 5.58 19.65
C LYS A 125 -8.05 5.86 18.19
N HIS A 126 -7.16 6.83 18.06
CA HIS A 126 -6.61 7.22 16.78
C HIS A 126 -5.21 6.71 16.81
N CYS A 127 -4.97 5.75 15.93
CA CYS A 127 -3.66 5.16 15.78
C CYS A 127 -3.67 4.45 14.44
N ARG A 128 -2.74 4.80 13.56
CA ARG A 128 -2.69 4.17 12.24
C ARG A 128 -2.37 2.68 12.38
N ARG A 129 -1.94 2.29 13.58
CA ARG A 129 -1.47 0.96 13.88
C ARG A 129 -2.15 0.48 15.16
N PRO A 130 -2.21 -0.84 15.36
CA PRO A 130 -2.97 -1.39 16.46
C PRO A 130 -2.27 -1.29 17.81
N VAL A 131 -3.07 -1.26 18.87
CA VAL A 131 -2.55 -1.10 20.21
C VAL A 131 -3.05 -2.26 21.09
N ILE A 132 -2.11 -2.91 21.78
CA ILE A 132 -2.42 -4.01 22.69
C ILE A 132 -2.23 -3.52 24.11
N ASN A 133 -3.33 -3.42 24.85
CA ASN A 133 -3.26 -2.96 26.24
C ASN A 133 -2.28 -3.81 27.04
N ALA A 134 -1.73 -3.21 28.07
CA ALA A 134 -1.00 -3.96 29.09
C ALA A 134 -1.32 -3.48 30.50
N GLY A 135 -2.12 -2.43 30.57
CA GLY A 135 -2.48 -1.81 31.82
C GLY A 135 -3.10 -0.47 31.54
N ASP A 136 -4.10 -0.14 32.35
CA ASP A 136 -4.73 1.16 32.33
C ASP A 136 -5.05 1.54 33.79
N GLY A 137 -5.65 2.71 34.00
CA GLY A 137 -6.11 3.10 35.33
C GLY A 137 -7.43 2.48 35.74
N VAL A 138 -8.19 2.02 34.76
CA VAL A 138 -9.50 1.41 35.01
C VAL A 138 -9.32 -0.01 35.55
N GLY A 139 -8.13 -0.56 35.31
CA GLY A 139 -7.78 -1.88 35.80
C GLY A 139 -7.87 -2.98 34.78
N GLU A 140 -8.11 -2.69 33.50
CA GLU A 140 -8.12 -3.77 32.49
C GLU A 140 -6.72 -4.29 32.26
N HIS A 141 -6.64 -5.55 31.87
CA HIS A 141 -5.34 -6.16 31.55
C HIS A 141 -5.56 -7.46 30.77
N PRO A 142 -6.03 -7.35 29.54
CA PRO A 142 -6.54 -8.52 28.81
C PRO A 142 -5.52 -9.63 28.64
N THR A 143 -4.28 -9.26 28.42
CA THR A 143 -3.18 -10.22 28.20
C THR A 143 -2.94 -11.04 29.47
N GLN A 144 -2.98 -10.38 30.62
CA GLN A 144 -2.89 -11.07 31.91
C GLN A 144 -4.04 -12.04 32.06
N ALA A 145 -5.25 -11.53 31.93
CA ALA A 145 -6.46 -12.35 32.09
C ALA A 145 -6.34 -13.49 31.13
N LEU A 146 -5.98 -13.15 29.92
CA LEU A 146 -5.84 -14.12 28.85
C LEU A 146 -4.93 -15.29 29.22
N LEU A 147 -3.76 -14.95 29.76
CA LEU A 147 -2.73 -15.91 30.15
C LEU A 147 -3.09 -16.65 31.41
N ASP A 148 -3.77 -15.97 32.33
CA ASP A 148 -4.17 -16.59 33.57
C ASP A 148 -5.06 -17.78 33.28
N ILE A 149 -5.83 -17.72 32.20
CA ILE A 149 -6.64 -18.89 31.77
C ILE A 149 -5.81 -20.10 31.35
N PHE A 150 -4.89 -19.93 30.39
CA PHE A 150 -4.13 -21.07 29.90
C PHE A 150 -3.54 -21.82 31.09
N THR A 151 -3.06 -21.06 32.07
CA THR A 151 -2.51 -21.64 33.29
C THR A 151 -3.58 -22.47 33.94
N ILE A 152 -4.77 -21.88 34.07
CA ILE A 152 -5.91 -22.52 34.74
C ILE A 152 -6.39 -23.74 33.97
N ARG A 153 -6.37 -23.64 32.66
CA ARG A 153 -6.79 -24.73 31.78
C ARG A 153 -5.70 -25.82 31.69
N GLU A 154 -4.46 -25.38 31.46
CA GLU A 154 -3.30 -26.28 31.37
C GLU A 154 -3.06 -27.02 32.66
N GLU A 155 -3.13 -26.28 33.75
CA GLU A 155 -2.74 -26.78 35.06
C GLU A 155 -3.71 -27.82 35.61
N LEU A 156 -4.99 -27.65 35.32
CA LEU A 156 -6.07 -28.43 35.96
C LEU A 156 -6.95 -29.26 35.01
N GLY A 157 -6.64 -29.22 33.72
CA GLY A 157 -7.32 -30.08 32.72
C GLY A 157 -8.43 -29.39 31.97
N THR A 158 -9.33 -28.75 32.72
CA THR A 158 -10.36 -27.91 32.13
C THR A 158 -10.52 -26.63 32.95
N VAL A 159 -11.34 -25.71 32.46
CA VAL A 159 -11.62 -24.42 33.16
C VAL A 159 -12.95 -24.47 33.91
N ASN A 160 -13.94 -25.06 33.24
CA ASN A 160 -15.28 -25.24 33.78
C ASN A 160 -15.30 -26.17 34.98
N GLY A 161 -15.93 -25.72 36.05
CA GLY A 161 -16.12 -26.50 37.28
C GLY A 161 -15.24 -25.98 38.40
N MET A 162 -14.13 -25.34 38.04
CA MET A 162 -13.13 -24.91 39.04
C MET A 162 -13.70 -23.85 39.96
N THR A 163 -13.24 -23.86 41.20
CA THR A 163 -13.61 -22.82 42.16
C THR A 163 -12.32 -22.02 42.40
N ILE A 164 -12.47 -20.70 42.43
CA ILE A 164 -11.33 -19.80 42.32
C ILE A 164 -11.20 -18.87 43.52
N THR A 165 -10.22 -19.16 44.37
CA THR A 165 -9.92 -18.32 45.54
C THR A 165 -8.96 -17.21 45.13
N MET A 166 -9.50 -16.02 45.00
CA MET A 166 -8.69 -14.85 44.75
C MET A 166 -8.42 -14.20 46.08
N VAL A 167 -7.14 -14.09 46.43
CA VAL A 167 -6.69 -13.63 47.73
C VAL A 167 -5.85 -12.37 47.61
N GLY A 168 -6.04 -11.46 48.57
CA GLY A 168 -5.17 -10.29 48.79
C GLY A 168 -5.96 -8.99 48.67
N ASP A 169 -5.26 -7.87 48.50
CA ASP A 169 -5.93 -6.60 48.27
C ASP A 169 -6.46 -6.65 46.86
N LEU A 170 -7.79 -6.63 46.76
CA LEU A 170 -8.47 -6.76 45.48
C LEU A 170 -9.09 -5.46 44.97
N LYS A 171 -9.38 -4.52 45.87
CA LYS A 171 -10.00 -3.22 45.50
C LYS A 171 -9.26 -2.53 44.38
N HIS A 172 -8.02 -2.14 44.68
CA HIS A 172 -7.16 -1.49 43.71
C HIS A 172 -6.82 -2.49 42.62
N GLY A 173 -6.74 -3.78 42.97
CA GLY A 173 -6.42 -4.88 42.06
C GLY A 173 -6.86 -4.66 40.62
N ARG A 174 -5.89 -4.38 39.76
CA ARG A 174 -6.13 -4.09 38.34
C ARG A 174 -6.10 -5.37 37.48
N THR A 175 -5.48 -6.42 37.98
CA THR A 175 -5.39 -7.71 37.28
C THR A 175 -6.62 -8.60 37.53
N VAL A 176 -7.18 -8.49 38.74
CA VAL A 176 -8.31 -9.32 39.19
C VAL A 176 -9.64 -8.93 38.56
N HIS A 177 -9.73 -7.69 38.12
CA HIS A 177 -10.89 -7.18 37.42
C HIS A 177 -10.88 -7.62 35.95
N SER A 178 -9.71 -8.04 35.47
CA SER A 178 -9.54 -8.49 34.10
C SER A 178 -9.90 -9.96 33.95
N LEU A 179 -9.44 -10.76 34.91
CA LEU A 179 -9.71 -12.19 34.93
C LEU A 179 -11.07 -12.50 35.54
N ALA A 180 -11.36 -11.85 36.66
CA ALA A 180 -12.59 -12.15 37.43
C ALA A 180 -13.83 -12.02 36.56
N CYS A 181 -13.89 -10.93 35.81
CA CYS A 181 -14.99 -10.68 34.85
C CYS A 181 -15.01 -11.76 33.78
N LEU A 182 -13.86 -11.95 33.12
CA LEU A 182 -13.71 -12.85 31.96
C LEU A 182 -13.98 -14.31 32.33
N LEU A 183 -13.63 -14.67 33.55
CA LEU A 183 -13.96 -15.98 34.10
C LEU A 183 -15.43 -16.36 33.87
N THR A 184 -16.30 -15.35 33.78
CA THR A 184 -17.73 -15.54 33.51
C THR A 184 -18.06 -16.23 32.16
N GLN A 185 -17.04 -16.50 31.35
CA GLN A 185 -17.21 -17.32 30.13
C GLN A 185 -17.13 -18.79 30.48
N TYR A 186 -17.00 -19.09 31.76
CA TYR A 186 -16.89 -20.47 32.23
C TYR A 186 -17.84 -20.74 33.41
N ARG A 187 -17.88 -22.00 33.84
CA ARG A 187 -18.70 -22.45 34.98
C ARG A 187 -17.85 -22.63 36.20
N VAL A 188 -17.63 -21.55 36.93
CA VAL A 188 -16.73 -21.60 38.07
C VAL A 188 -17.37 -20.91 39.26
N SER A 189 -17.02 -21.35 40.46
CA SER A 189 -17.47 -20.69 41.68
C SER A 189 -16.36 -19.77 42.17
N LEU A 190 -16.64 -18.47 42.18
CA LEU A 190 -15.65 -17.46 42.59
C LEU A 190 -15.73 -17.25 44.08
N ARG A 191 -14.56 -17.30 44.72
CA ARG A 191 -14.44 -16.94 46.12
C ARG A 191 -13.51 -15.79 46.25
N TYR A 192 -13.70 -15.00 47.30
CA TYR A 192 -12.96 -13.77 47.48
C TYR A 192 -12.34 -13.70 48.85
N VAL A 193 -11.07 -13.29 48.91
CA VAL A 193 -10.37 -13.08 50.20
C VAL A 193 -9.65 -11.74 50.25
N ALA A 194 -10.12 -10.86 51.11
CA ALA A 194 -9.69 -9.48 51.11
C ALA A 194 -9.61 -8.91 52.53
N PRO A 195 -8.75 -7.88 52.71
CA PRO A 195 -8.85 -7.01 53.88
C PRO A 195 -10.07 -6.17 53.73
N PRO A 196 -10.93 -6.11 54.77
CA PRO A 196 -12.21 -5.38 54.61
C PRO A 196 -12.19 -3.93 54.07
N SER A 197 -11.05 -3.26 54.20
CA SER A 197 -10.88 -1.87 53.80
C SER A 197 -10.93 -1.73 52.29
N LEU A 198 -9.93 -2.32 51.63
CA LEU A 198 -9.79 -2.23 50.17
C LEU A 198 -10.17 -3.57 49.50
N ARG A 199 -11.47 -3.85 49.53
CA ARG A 199 -12.08 -5.11 49.11
C ARG A 199 -12.53 -5.14 47.63
N MET A 200 -12.98 -6.32 47.13
CA MET A 200 -13.19 -6.55 45.67
C MET A 200 -14.07 -5.42 45.30
N PRO A 201 -13.69 -4.61 44.28
CA PRO A 201 -14.51 -3.48 43.89
C PRO A 201 -15.90 -4.00 43.60
N PRO A 202 -16.86 -3.63 44.46
CA PRO A 202 -18.20 -4.17 44.25
C PRO A 202 -18.86 -3.75 42.95
N THR A 203 -18.42 -2.65 42.35
CA THR A 203 -19.07 -2.21 41.12
C THR A 203 -18.93 -3.35 40.13
N VAL A 204 -17.69 -3.75 39.92
CA VAL A 204 -17.36 -4.91 39.09
C VAL A 204 -17.89 -6.22 39.66
N ARG A 205 -18.08 -6.30 40.97
CA ARG A 205 -18.58 -7.53 41.61
C ARG A 205 -20.02 -7.86 41.25
N ALA A 206 -20.85 -6.83 41.10
CA ALA A 206 -22.25 -6.97 40.62
C ALA A 206 -22.40 -7.25 39.14
N PHE A 207 -21.53 -6.65 38.34
CA PHE A 207 -21.62 -6.75 36.88
C PHE A 207 -21.41 -8.17 36.40
N VAL A 208 -20.37 -8.83 36.96
CA VAL A 208 -20.08 -10.24 36.65
C VAL A 208 -21.12 -11.19 37.21
N ALA A 209 -21.77 -10.84 38.31
CA ALA A 209 -22.91 -11.63 38.80
C ALA A 209 -23.99 -11.60 37.72
N SER A 210 -24.24 -10.39 37.20
CA SER A 210 -25.18 -10.06 36.11
C SER A 210 -24.56 -10.08 34.71
N GLY A 212 -24.32 -17.18 36.14
CA GLY A 212 -24.41 -17.94 37.37
C GLY A 212 -23.28 -17.80 38.35
N THR A 213 -22.29 -16.97 38.00
CA THR A 213 -20.95 -17.13 38.57
C THR A 213 -20.91 -16.82 40.06
N LYS A 214 -21.04 -17.89 40.85
CA LYS A 214 -21.15 -17.81 42.31
C LYS A 214 -20.01 -16.98 42.90
N GLN A 215 -20.33 -16.26 43.96
CA GLN A 215 -19.41 -15.30 44.57
C GLN A 215 -19.63 -15.17 46.06
N GLU A 216 -18.59 -15.45 46.84
CA GLU A 216 -18.77 -15.51 48.26
C GLU A 216 -17.52 -14.99 48.98
N GLU A 217 -17.72 -14.20 50.03
CA GLU A 217 -16.62 -13.60 50.79
C GLU A 217 -16.17 -14.55 51.90
N PHE A 218 -14.88 -14.48 52.22
CA PHE A 218 -14.28 -15.36 53.23
C PHE A 218 -13.32 -14.60 54.16
N GLU A 219 -13.12 -15.17 55.34
CA GLU A 219 -12.31 -14.53 56.42
C GLU A 219 -10.81 -14.46 56.13
N SER A 220 -10.29 -15.54 55.54
CA SER A 220 -8.86 -15.70 55.28
C SER A 220 -8.68 -16.99 54.43
N ILE A 221 -7.44 -17.45 54.31
CA ILE A 221 -7.09 -18.60 53.45
C ILE A 221 -7.54 -19.90 54.10
N GLU A 222 -7.19 -20.00 55.37
CA GLU A 222 -7.38 -21.23 56.15
C GLU A 222 -8.84 -21.71 56.18
N GLU A 223 -9.78 -20.83 55.85
CA GLU A 223 -11.19 -21.21 55.82
C GLU A 223 -11.68 -21.56 54.38
N ALA A 224 -11.34 -20.72 53.40
CA ALA A 224 -11.84 -20.85 52.01
C ALA A 224 -11.08 -21.83 51.10
N LEU A 225 -9.98 -22.37 51.61
CA LEU A 225 -9.07 -23.22 50.82
C LEU A 225 -9.51 -24.68 50.50
N PRO A 226 -10.31 -25.33 51.38
CA PRO A 226 -10.66 -26.76 51.15
C PRO A 226 -11.46 -27.08 49.88
N ASP A 227 -12.16 -26.09 49.35
CA ASP A 227 -12.93 -26.25 48.14
C ASP A 227 -12.35 -25.37 47.00
N THR A 228 -11.04 -25.24 46.97
CA THR A 228 -10.32 -24.33 46.07
C THR A 228 -9.60 -25.09 44.95
N ASP A 229 -9.91 -24.74 43.70
CA ASP A 229 -9.17 -25.27 42.54
C ASP A 229 -8.07 -24.34 42.04
N VAL A 230 -8.25 -23.04 42.25
CA VAL A 230 -7.19 -22.07 41.95
C VAL A 230 -7.06 -21.03 43.08
N LEU A 231 -5.84 -20.90 43.60
CA LEU A 231 -5.58 -19.92 44.62
C LEU A 231 -4.85 -18.74 44.01
N TYR A 232 -5.61 -17.76 43.56
CA TYR A 232 -5.04 -16.60 42.91
C TYR A 232 -4.63 -15.57 43.95
N MET A 233 -3.35 -15.26 44.01
CA MET A 233 -2.77 -14.44 45.08
C MET A 233 -2.47 -13.03 44.59
N THR A 234 -2.37 -12.05 45.50
CA THR A 234 -2.11 -10.63 45.12
C THR A 234 -1.35 -9.81 46.15
N ARG A 235 -0.49 -8.93 45.64
CA ARG A 235 0.25 -7.99 46.47
C ARG A 235 -0.73 -7.03 47.14
N ILE A 236 -0.45 -6.71 48.41
CA ILE A 236 -1.28 -5.75 49.16
C ILE A 236 -0.63 -4.37 48.85
N GLN A 237 0.14 -3.72 49.76
CA GLN A 237 0.75 -2.34 49.56
C GLN A 237 1.19 -1.76 50.92
N LYS A 238 1.62 -0.48 50.99
CA LYS A 238 2.22 0.23 52.20
C LYS A 238 3.72 0.49 51.98
N GLU A 239 4.12 1.71 51.57
CA GLU A 239 5.56 1.99 51.26
C GLU A 239 6.56 1.97 52.41
N ARG A 240 7.64 1.22 52.28
CA ARG A 240 8.63 1.07 53.36
C ARG A 240 9.67 2.26 53.49
N PHE A 241 9.82 3.09 52.47
CA PHE A 241 10.55 4.37 52.63
C PHE A 241 10.13 5.17 53.89
N GLN A 253 -0.64 -13.82 57.53
CA GLN A 253 -1.56 -14.91 57.24
C GLN A 253 -2.64 -14.66 56.16
N PHE A 254 -2.82 -13.41 55.69
CA PHE A 254 -3.38 -13.16 54.33
C PHE A 254 -2.33 -13.58 53.31
N ILE A 255 -1.77 -14.75 53.57
CA ILE A 255 -0.49 -15.09 53.05
C ILE A 255 -0.45 -16.57 52.98
N LEU A 256 0.35 -17.07 52.07
CA LEU A 256 0.46 -18.47 51.88
C LEU A 256 1.85 -18.95 52.29
N THR A 257 1.96 -19.41 53.53
CA THR A 257 3.15 -20.14 53.96
C THR A 257 3.03 -21.58 53.45
N PRO A 258 4.16 -22.32 53.42
CA PRO A 258 4.02 -23.76 53.12
C PRO A 258 3.28 -24.56 54.19
N HIS A 259 3.11 -23.96 55.37
CA HIS A 259 2.37 -24.58 56.47
C HIS A 259 0.86 -24.51 56.28
N ILE A 260 0.41 -23.44 55.63
CA ILE A 260 -1.00 -23.32 55.25
C ILE A 260 -1.29 -24.33 54.16
N MET A 261 -0.41 -24.39 53.15
CA MET A 261 -0.59 -25.28 51.96
C MET A 261 -0.92 -26.75 52.21
N THR A 262 -0.82 -27.19 53.46
CA THR A 262 -1.09 -28.58 53.85
C THR A 262 -2.57 -28.92 54.01
N ARG A 263 -3.40 -27.90 54.23
CA ARG A 263 -4.89 -28.03 54.25
C ARG A 263 -5.49 -27.64 52.89
N ALA A 264 -4.64 -27.53 51.89
CA ALA A 264 -5.04 -27.18 50.54
C ALA A 264 -5.15 -28.43 49.68
N LYS A 265 -6.13 -28.41 48.77
CA LYS A 265 -6.34 -29.51 47.83
C LYS A 265 -5.03 -29.92 47.20
N LYS A 266 -4.95 -31.18 46.76
CA LYS A 266 -3.78 -31.68 46.04
C LYS A 266 -3.93 -31.49 44.54
N LYS A 267 -5.18 -31.48 44.07
CA LYS A 267 -5.50 -31.32 42.64
C LYS A 267 -5.89 -29.87 42.45
N MET A 268 -4.93 -29.01 42.74
CA MET A 268 -5.17 -27.59 42.82
C MET A 268 -3.85 -26.91 42.53
N VAL A 269 -3.95 -25.65 42.12
CA VAL A 269 -2.78 -24.89 41.77
C VAL A 269 -2.90 -23.44 42.23
N VAL A 270 -1.77 -22.90 42.67
CA VAL A 270 -1.76 -21.54 43.21
C VAL A 270 -1.02 -20.63 42.25
N MET A 271 -1.65 -19.50 41.96
CA MET A 271 -1.19 -18.58 40.92
C MET A 271 -0.91 -17.23 41.51
N HIS A 272 -0.01 -16.51 40.82
CA HIS A 272 0.28 -15.11 41.11
C HIS A 272 0.63 -14.38 39.80
N PRO A 273 0.01 -13.20 39.57
CA PRO A 273 0.38 -12.40 38.40
C PRO A 273 1.76 -11.86 38.54
N MET A 274 2.09 -11.48 39.77
CA MET A 274 3.43 -10.96 40.15
C MET A 274 3.50 -9.50 39.70
N PRO A 275 4.37 -8.68 40.30
CA PRO A 275 5.35 -9.05 41.33
C PRO A 275 4.81 -9.37 42.70
N ARG A 276 5.66 -10.00 43.52
CA ARG A 276 5.36 -10.40 44.91
C ARG A 276 6.46 -9.90 45.83
N VAL A 277 6.28 -10.14 47.12
CA VAL A 277 7.25 -9.78 48.15
C VAL A 277 7.26 -10.81 49.33
N ASN A 278 6.31 -10.66 50.25
CA ASN A 278 6.19 -11.49 51.47
C ASN A 278 4.93 -12.35 51.52
N GLU A 279 4.00 -12.09 50.60
CA GLU A 279 2.68 -12.73 50.61
C GLU A 279 2.72 -14.25 50.40
N ILE A 280 3.53 -14.70 49.43
CA ILE A 280 3.77 -16.13 49.20
C ILE A 280 5.15 -16.42 49.74
N SER A 281 5.20 -17.31 50.72
CA SER A 281 6.44 -17.58 51.44
C SER A 281 7.47 -18.24 50.51
N VAL A 282 8.64 -17.64 50.44
CA VAL A 282 9.70 -18.11 49.55
C VAL A 282 9.85 -19.64 49.56
N GLU A 283 9.63 -20.28 50.71
CA GLU A 283 9.69 -21.76 50.82
C GLU A 283 8.46 -22.47 50.20
N VAL A 284 7.56 -21.71 49.58
CA VAL A 284 6.49 -22.21 48.72
C VAL A 284 6.94 -22.29 47.24
N ASP A 285 8.19 -21.90 46.93
CA ASP A 285 8.71 -21.97 45.55
C ASP A 285 8.69 -23.43 45.02
N SER A 286 9.43 -24.28 45.73
CA SER A 286 9.63 -25.70 45.35
C SER A 286 8.45 -26.61 45.76
N ASP A 287 7.36 -26.50 45.00
CA ASP A 287 6.08 -27.16 45.31
C ASP A 287 5.23 -27.38 44.04
N PRO A 288 5.16 -28.61 43.49
CA PRO A 288 4.42 -28.89 42.25
C PRO A 288 3.00 -28.32 42.08
N ARG A 289 2.37 -27.90 43.17
CA ARG A 289 1.15 -27.06 43.06
C ARG A 289 1.41 -25.57 42.82
N ALA A 290 2.69 -25.18 42.75
CA ALA A 290 3.11 -23.79 42.59
C ALA A 290 3.28 -23.47 41.13
N ALA A 291 2.22 -22.91 40.53
CA ALA A 291 2.20 -22.59 39.10
C ALA A 291 2.31 -21.09 38.81
N TYR A 292 2.86 -20.34 39.76
CA TYR A 292 2.98 -18.87 39.59
C TYR A 292 4.19 -18.47 38.75
N PHE A 293 5.21 -19.32 38.71
CA PHE A 293 6.41 -19.06 37.88
C PHE A 293 6.21 -19.53 36.44
N ARG A 294 5.58 -20.68 36.30
CA ARG A 294 5.09 -21.18 35.00
C ARG A 294 4.01 -20.30 34.40
N GLN A 295 3.27 -19.65 35.28
CA GLN A 295 2.32 -18.61 34.87
C GLN A 295 3.04 -17.54 34.05
N ALA A 296 4.13 -17.05 34.61
CA ALA A 296 4.95 -16.03 33.93
C ALA A 296 5.48 -16.50 32.58
N GLU A 297 5.90 -17.76 32.55
CA GLU A 297 6.44 -18.39 31.34
C GLU A 297 5.39 -18.47 30.24
N ASN A 298 4.16 -18.80 30.63
CA ASN A 298 3.08 -19.06 29.67
C ASN A 298 2.48 -17.81 29.03
N GLY A 299 2.71 -16.66 29.64
CA GLY A 299 2.32 -15.38 29.05
C GLY A 299 3.05 -15.18 27.76
N MET A 300 4.37 -15.31 27.79
CA MET A 300 5.23 -15.15 26.60
C MET A 300 4.57 -15.74 25.36
N TYR A 301 3.84 -16.84 25.54
CA TYR A 301 3.16 -17.54 24.44
C TYR A 301 1.77 -17.04 24.10
N ILE A 302 1.14 -16.31 25.01
CA ILE A 302 -0.10 -15.60 24.72
C ILE A 302 0.23 -14.44 23.81
N ARG A 303 1.37 -13.82 24.08
CA ARG A 303 1.83 -12.65 23.32
C ARG A 303 2.26 -13.07 21.92
N MET A 304 2.99 -14.14 21.87
CA MET A 304 3.28 -14.78 20.59
C MET A 304 1.97 -15.26 19.96
N ALA A 305 1.09 -15.82 20.79
CA ALA A 305 -0.24 -16.24 20.33
C ALA A 305 -1.09 -15.04 19.86
N LEU A 306 -0.88 -13.90 20.49
CA LEU A 306 -1.63 -12.67 20.22
C LEU A 306 -0.93 -11.82 19.15
N LEU A 307 0.25 -11.30 19.47
CA LEU A 307 1.02 -10.50 18.54
C LEU A 307 0.91 -11.09 17.14
N ALA A 308 1.16 -12.39 17.04
CA ALA A 308 1.31 -13.05 15.74
C ALA A 308 0.02 -12.96 14.99
N THR A 309 -1.07 -13.29 15.69
CA THR A 309 -2.41 -13.17 15.13
C THR A 309 -2.78 -11.70 14.81
N VAL A 310 -2.54 -10.81 15.78
CA VAL A 310 -2.86 -9.37 15.66
C VAL A 310 -2.11 -8.74 14.47
N LEU A 311 -1.14 -9.45 13.93
CA LEU A 311 -0.37 -8.99 12.76
C LEU A 311 -0.58 -9.78 11.47
N GLY A 312 -1.51 -10.73 11.50
CA GLY A 312 -1.95 -11.43 10.29
C GLY A 312 -1.02 -12.52 9.78
N ARG A 313 0.07 -12.77 10.51
CA ARG A 313 1.04 -13.81 10.13
C ARG A 313 0.65 -15.17 10.70
N PHE A 314 -0.47 -15.18 11.42
CA PHE A 314 -1.10 -16.39 11.89
C PHE A 314 -2.51 -16.01 12.37
N SER B 9 32.90 -27.79 26.81
CA SER B 9 32.18 -28.72 27.71
C SER B 9 31.30 -28.04 28.75
N LEU B 10 30.86 -26.80 28.48
CA LEU B 10 30.15 -26.04 29.49
C LEU B 10 28.63 -26.06 29.34
N VAL B 11 28.12 -26.87 28.42
CA VAL B 11 26.70 -26.77 28.03
C VAL B 11 25.77 -26.84 29.25
N GLY B 12 25.25 -25.68 29.63
CA GLY B 12 24.36 -25.58 30.79
C GLY B 12 25.09 -25.03 32.00
N GLN B 13 26.42 -25.16 32.02
CA GLN B 13 27.21 -24.79 33.20
C GLN B 13 27.03 -23.32 33.46
N HIS B 14 27.04 -22.96 34.73
CA HIS B 14 27.01 -21.56 35.12
C HIS B 14 28.44 -21.10 34.94
N ILE B 15 28.66 -19.80 34.88
CA ILE B 15 30.03 -19.26 34.74
C ILE B 15 30.19 -18.17 35.77
N LEU B 16 30.67 -18.56 36.94
CA LEU B 16 30.63 -17.70 38.13
C LEU B 16 31.97 -17.29 38.73
N SER B 17 32.95 -18.18 38.65
CA SER B 17 34.29 -17.87 39.10
C SER B 17 35.26 -18.45 38.10
N VAL B 18 36.49 -17.95 38.15
CA VAL B 18 37.50 -18.28 37.15
C VAL B 18 38.16 -19.64 37.46
N GLN B 19 37.75 -20.22 38.60
CA GLN B 19 38.29 -21.50 39.12
C GLN B 19 37.92 -22.69 38.27
N GLN B 20 36.91 -22.53 37.43
CA GLN B 20 36.23 -23.64 36.74
C GLN B 20 36.76 -23.85 35.32
N PHE B 21 37.78 -23.06 34.96
CA PHE B 21 38.36 -23.13 33.64
C PHE B 21 39.65 -23.94 33.63
N THR B 22 39.80 -24.72 32.57
CA THR B 22 40.94 -25.58 32.37
C THR B 22 41.65 -24.98 31.19
N LYS B 23 42.81 -25.51 30.89
CA LYS B 23 43.58 -24.98 29.80
C LYS B 23 43.04 -25.53 28.50
N ASP B 24 42.67 -26.82 28.48
CA ASP B 24 42.10 -27.45 27.26
C ASP B 24 40.79 -26.77 26.88
N GLN B 25 40.04 -26.38 27.90
CA GLN B 25 38.81 -25.62 27.69
C GLN B 25 39.10 -24.24 27.11
N MET B 26 39.94 -23.45 27.78
CA MET B 26 40.26 -22.07 27.32
C MET B 26 40.81 -22.05 25.91
N SER B 27 41.79 -22.90 25.65
CA SER B 27 42.39 -23.01 24.32
C SER B 27 41.30 -23.26 23.25
N HIS B 28 40.45 -24.24 23.51
CA HIS B 28 39.20 -24.43 22.73
C HIS B 28 38.40 -23.12 22.72
N LEU B 29 38.06 -22.65 23.91
CA LEU B 29 37.35 -21.40 24.08
C LEU B 29 37.96 -20.25 23.25
N PHE B 30 39.28 -20.30 23.06
CA PHE B 30 39.99 -19.37 22.19
C PHE B 30 39.90 -19.77 20.73
N ASN B 31 40.03 -21.07 20.46
CA ASN B 31 39.93 -21.62 19.09
C ASN B 31 38.54 -21.38 18.47
N VAL B 32 37.52 -21.27 19.32
CA VAL B 32 36.15 -20.89 18.93
C VAL B 32 36.09 -19.44 18.49
N ALA B 33 36.69 -18.57 19.29
CA ALA B 33 36.65 -17.11 19.09
C ALA B 33 37.28 -16.70 17.78
N HIS B 34 38.48 -17.21 17.50
CA HIS B 34 39.13 -16.93 16.20
C HIS B 34 38.26 -17.41 15.05
N THR B 35 37.75 -18.62 15.16
CA THR B 35 36.87 -19.19 14.14
C THR B 35 35.60 -18.35 13.96
N LEU B 36 34.99 -17.92 15.07
CA LEU B 36 33.80 -17.08 15.01
C LEU B 36 34.12 -15.70 14.49
N ARG B 37 35.29 -15.20 14.86
CA ARG B 37 35.78 -13.92 14.36
C ARG B 37 35.91 -13.98 12.86
N MET B 38 36.60 -15.01 12.39
CA MET B 38 37.00 -15.11 10.98
C MET B 38 35.79 -15.34 10.07
N MET B 39 34.73 -15.91 10.61
CA MET B 39 33.46 -15.99 9.91
C MET B 39 32.88 -14.61 9.63
N VAL B 40 32.98 -13.75 10.62
CA VAL B 40 32.50 -12.36 10.54
C VAL B 40 33.40 -11.58 9.55
N GLN B 41 34.73 -11.74 9.67
CA GLN B 41 35.72 -11.08 8.77
C GLN B 41 35.54 -11.40 7.26
N LYS B 42 34.95 -12.55 6.96
CA LYS B 42 34.75 -13.08 5.58
C LYS B 42 33.30 -13.23 5.14
N GLU B 43 32.35 -12.77 5.96
CA GLU B 43 30.92 -12.67 5.53
C GLU B 43 30.30 -14.05 5.56
N ARG B 44 30.25 -14.65 6.75
CA ARG B 44 29.48 -15.89 6.92
C ARG B 44 28.31 -15.70 7.91
N SER B 45 27.17 -16.22 7.47
CA SER B 45 25.92 -16.23 8.21
C SER B 45 26.16 -16.91 9.54
N LEU B 46 25.49 -16.46 10.60
CA LEU B 46 25.63 -17.07 11.93
C LEU B 46 24.27 -17.23 12.56
N ASP B 47 23.51 -18.20 12.06
CA ASP B 47 22.21 -18.57 12.67
C ASP B 47 22.40 -19.48 13.91
N ILE B 48 23.45 -19.19 14.68
CA ILE B 48 23.94 -20.13 15.68
C ILE B 48 23.02 -20.13 16.88
N LEU B 49 22.74 -18.92 17.38
CA LEU B 49 21.81 -18.69 18.49
C LEU B 49 20.56 -17.98 17.98
N LYS B 50 20.18 -18.30 16.76
CA LYS B 50 18.95 -17.82 16.16
C LYS B 50 17.86 -18.51 16.95
N GLY B 51 16.98 -17.72 17.54
CA GLY B 51 15.85 -18.28 18.28
C GLY B 51 16.05 -18.39 19.79
N LYS B 52 17.31 -18.51 20.24
CA LYS B 52 17.62 -18.39 21.67
C LYS B 52 17.55 -16.93 22.06
N VAL B 53 17.47 -16.66 23.36
CA VAL B 53 17.42 -15.28 23.89
C VAL B 53 18.35 -15.11 25.09
N MET B 54 18.97 -13.95 25.18
CA MET B 54 19.80 -13.58 26.31
C MET B 54 19.16 -12.46 27.11
N ALA B 55 19.13 -12.68 28.41
CA ALA B 55 18.61 -11.71 29.39
C ALA B 55 19.73 -10.97 30.12
N SER B 56 19.87 -9.68 29.86
CA SER B 56 20.98 -8.92 30.41
C SER B 56 20.52 -8.35 31.73
N MET B 57 21.31 -8.52 32.78
CA MET B 57 20.93 -7.99 34.09
C MET B 57 22.17 -7.39 34.76
N PHE B 58 22.26 -6.07 34.77
CA PHE B 58 23.43 -5.36 35.25
C PHE B 58 23.02 -4.31 36.25
N TYR B 59 23.54 -4.41 37.48
CA TYR B 59 23.17 -3.52 38.61
C TYR B 59 24.29 -2.57 38.97
N GLU B 60 25.47 -2.85 38.42
CA GLU B 60 26.59 -1.92 38.41
C GLU B 60 26.44 -1.10 37.13
N VAL B 61 27.19 -0.03 37.02
CA VAL B 61 27.16 0.82 35.84
C VAL B 61 28.29 0.41 34.88
N SER B 62 27.93 -0.15 33.73
CA SER B 62 28.90 -0.61 32.71
C SER B 62 28.50 -0.26 31.30
N THR B 63 29.47 -0.32 30.38
CA THR B 63 29.20 -0.31 28.91
C THR B 63 29.90 -1.22 27.95
N ARG B 64 30.79 -1.99 28.50
CA ARG B 64 31.84 -2.64 27.75
C ARG B 64 31.61 -4.11 27.78
N THR B 65 31.42 -4.64 29.00
CA THR B 65 30.98 -6.01 29.21
C THR B 65 29.61 -6.25 28.57
N SER B 66 28.65 -5.40 28.91
CA SER B 66 27.26 -5.52 28.42
C SER B 66 27.15 -5.32 26.91
N SER B 67 27.83 -4.29 26.42
CA SER B 67 27.80 -3.98 24.97
C SER B 67 28.35 -5.17 24.20
N SER B 68 29.59 -5.53 24.51
CA SER B 68 30.23 -6.70 23.90
C SER B 68 29.28 -7.89 23.92
N PHE B 69 28.75 -8.18 25.11
CA PHE B 69 27.71 -9.20 25.28
C PHE B 69 26.52 -9.01 24.32
N ALA B 70 26.11 -7.76 24.15
CA ALA B 70 25.00 -7.41 23.27
C ALA B 70 25.37 -7.64 21.80
N ALA B 71 26.53 -7.14 21.41
CA ALA B 71 27.02 -7.36 20.08
C ALA B 71 27.13 -8.84 19.81
N ALA B 72 27.73 -9.52 20.78
CA ALA B 72 28.03 -10.96 20.69
C ALA B 72 26.78 -11.75 20.38
N MET B 73 25.77 -11.60 21.24
CA MET B 73 24.46 -12.29 21.08
C MET B 73 23.76 -11.94 19.76
N ALA B 74 23.77 -10.66 19.46
CA ALA B 74 23.18 -10.14 18.23
C ALA B 74 23.87 -10.65 16.97
N ARG B 75 25.18 -10.93 17.07
CA ARG B 75 25.98 -11.42 15.94
C ARG B 75 25.75 -12.89 15.61
N LEU B 76 25.45 -13.71 16.61
CA LEU B 76 25.23 -15.13 16.38
C LEU B 76 23.80 -15.40 15.95
N GLY B 77 22.99 -14.33 15.92
CA GLY B 77 21.59 -14.39 15.46
C GLY B 77 20.60 -14.15 16.57
N GLY B 78 21.07 -14.17 17.81
CA GLY B 78 20.20 -14.03 18.97
C GLY B 78 19.66 -12.64 19.24
N ALA B 79 18.82 -12.53 20.26
CA ALA B 79 18.24 -11.28 20.70
C ALA B 79 18.61 -11.04 22.16
N VAL B 80 18.43 -9.80 22.64
CA VAL B 80 18.81 -9.42 24.02
C VAL B 80 17.76 -8.60 24.79
N LEU B 81 17.51 -9.05 26.02
CA LEU B 81 16.55 -8.38 26.86
C LEU B 81 17.25 -7.28 27.63
N SER B 82 17.01 -6.07 27.13
CA SER B 82 17.35 -4.85 27.85
C SER B 82 16.62 -4.79 29.19
N PHE B 83 17.26 -5.17 30.29
CA PHE B 83 16.61 -5.12 31.61
C PHE B 83 17.07 -3.92 32.45
N SER B 84 16.18 -2.96 32.66
CA SER B 84 16.53 -1.71 33.34
C SER B 84 15.98 -1.74 34.71
N GLU B 85 16.80 -2.07 35.72
CA GLU B 85 16.32 -2.15 37.10
C GLU B 85 15.61 -0.85 37.50
N ALA B 86 16.23 0.28 37.12
CA ALA B 86 15.67 1.62 37.35
C ALA B 86 14.18 1.71 37.01
N THR B 87 13.79 1.10 35.89
CA THR B 87 12.40 1.09 35.41
C THR B 87 11.75 -0.27 35.59
N SER B 88 12.26 -1.04 36.55
CA SER B 88 11.75 -2.39 36.85
C SER B 88 11.01 -2.46 38.18
N SER B 89 10.27 -3.56 38.35
CA SER B 89 9.41 -3.77 39.51
C SER B 89 10.17 -3.67 40.83
N VAL B 90 11.50 -3.59 40.79
CA VAL B 90 12.33 -3.19 41.95
C VAL B 90 11.81 -1.89 42.56
N GLN B 91 11.41 -0.95 41.70
CA GLN B 91 10.75 0.29 42.16
C GLN B 91 9.37 0.04 42.79
N LYS B 92 8.83 -1.16 42.56
CA LYS B 92 7.75 -1.72 43.38
C LYS B 92 8.29 -2.76 44.37
N GLY B 93 9.53 -3.18 44.15
CA GLY B 93 10.25 -4.12 45.00
C GLY B 93 9.76 -5.55 44.91
N GLU B 94 10.35 -6.34 43.99
CA GLU B 94 10.26 -7.82 44.05
C GLU B 94 11.70 -8.27 44.32
N SER B 95 11.85 -9.53 44.73
CA SER B 95 13.18 -10.10 45.01
C SER B 95 14.06 -10.04 43.76
N LEU B 96 15.37 -9.98 43.98
CA LEU B 96 16.33 -10.10 42.89
C LEU B 96 16.18 -11.47 42.24
N ALA B 97 16.14 -12.51 43.06
CA ALA B 97 15.93 -13.87 42.54
C ALA B 97 14.62 -13.91 41.76
N ASP B 98 13.59 -13.36 42.39
CA ASP B 98 12.25 -13.27 41.80
C ASP B 98 12.38 -12.77 40.35
N SER B 99 13.15 -11.69 40.18
CA SER B 99 13.34 -11.05 38.88
C SER B 99 14.20 -11.95 38.03
N VAL B 100 15.34 -12.34 38.58
CA VAL B 100 16.35 -13.13 37.84
C VAL B 100 15.74 -14.43 37.31
N GLN B 101 14.96 -15.08 38.15
CA GLN B 101 14.19 -16.27 37.77
C GLN B 101 13.07 -15.94 36.77
N THR B 102 12.38 -14.82 37.02
CA THR B 102 11.33 -14.33 36.13
C THR B 102 11.89 -14.20 34.73
N MET B 103 13.00 -13.49 34.64
CA MET B 103 13.73 -13.33 33.37
C MET B 103 14.24 -14.67 32.85
N SER B 104 14.55 -15.58 33.77
CA SER B 104 14.91 -16.95 33.39
C SER B 104 13.75 -17.70 32.73
N CYS B 105 12.54 -17.15 32.84
CA CYS B 105 11.38 -17.69 32.14
C CYS B 105 11.33 -17.32 30.67
N TYR B 106 11.87 -16.13 30.37
CA TYR B 106 11.79 -15.49 29.02
C TYR B 106 13.06 -15.55 28.16
N ALA B 107 14.11 -16.12 28.72
CA ALA B 107 15.42 -16.18 28.09
C ALA B 107 16.03 -17.59 28.23
N ASP B 108 17.19 -17.77 27.59
CA ASP B 108 17.92 -19.04 27.65
C ASP B 108 19.31 -18.99 28.30
N VAL B 109 19.88 -17.81 28.46
CA VAL B 109 21.07 -17.62 29.30
C VAL B 109 20.80 -16.43 30.20
N VAL B 110 21.82 -16.03 30.94
CA VAL B 110 21.76 -14.82 31.74
C VAL B 110 23.17 -14.24 31.94
N VAL B 111 23.21 -12.92 31.97
CA VAL B 111 24.43 -12.20 32.18
C VAL B 111 24.13 -11.21 33.28
N LEU B 112 24.60 -11.56 34.47
CA LEU B 112 24.29 -10.79 35.65
C LEU B 112 25.54 -10.14 36.14
N ARG B 113 25.39 -8.91 36.63
CA ARG B 113 26.48 -8.18 37.23
C ARG B 113 25.96 -7.44 38.44
N HIS B 114 26.50 -7.80 39.62
CA HIS B 114 26.03 -7.22 40.89
C HIS B 114 27.23 -6.85 41.74
N PRO B 115 27.21 -5.66 42.39
CA PRO B 115 28.31 -5.33 43.31
C PRO B 115 28.29 -6.13 44.64
N GLN B 116 27.11 -6.37 45.17
CA GLN B 116 26.92 -6.95 46.51
C GLN B 116 27.71 -8.25 46.69
N PRO B 117 28.23 -8.50 47.91
CA PRO B 117 28.89 -9.77 48.13
C PRO B 117 27.99 -10.99 47.92
N GLY B 118 28.13 -11.61 46.76
CA GLY B 118 27.46 -12.88 46.47
C GLY B 118 25.98 -12.77 46.20
N ALA B 119 25.54 -11.61 45.70
CA ALA B 119 24.19 -11.49 45.14
C ALA B 119 24.08 -12.36 43.89
N VAL B 120 25.21 -12.54 43.22
CA VAL B 120 25.30 -13.30 41.97
C VAL B 120 25.25 -14.80 42.22
N GLU B 121 26.18 -15.31 43.04
CA GLU B 121 26.19 -16.74 43.47
C GLU B 121 24.79 -17.20 43.79
N LEU B 122 24.08 -16.37 44.56
CA LEU B 122 22.71 -16.66 45.00
C LEU B 122 21.82 -16.81 43.78
N ALA B 123 21.66 -15.72 43.05
CA ALA B 123 20.76 -15.69 41.90
C ALA B 123 21.06 -16.83 40.93
N ALA B 124 22.35 -17.10 40.76
CA ALA B 124 22.83 -18.21 39.94
C ALA B 124 22.34 -19.52 40.53
N LYS B 125 22.58 -19.69 41.84
CA LYS B 125 22.40 -20.97 42.57
C LYS B 125 21.19 -21.72 42.05
N HIS B 126 20.03 -21.09 42.21
CA HIS B 126 18.78 -21.61 41.73
C HIS B 126 18.46 -20.78 40.53
N CYS B 127 18.48 -21.43 39.37
CA CYS B 127 18.11 -20.78 38.12
C CYS B 127 17.86 -21.87 37.09
N ARG B 128 16.68 -21.86 36.47
CA ARG B 128 16.34 -22.88 35.46
C ARG B 128 17.28 -22.82 34.31
N ARG B 129 17.96 -21.68 34.22
CA ARG B 129 18.78 -21.31 33.07
C ARG B 129 20.13 -20.86 33.58
N PRO B 130 21.15 -20.91 32.72
CA PRO B 130 22.52 -20.66 33.15
C PRO B 130 22.83 -19.20 33.32
N VAL B 131 23.79 -18.92 34.19
CA VAL B 131 24.18 -17.56 34.50
C VAL B 131 25.68 -17.36 34.28
N ILE B 132 26.03 -16.31 33.53
CA ILE B 132 27.42 -15.97 33.21
C ILE B 132 27.79 -14.72 33.97
N ASN B 133 28.69 -14.87 34.92
CA ASN B 133 29.13 -13.73 35.73
C ASN B 133 29.62 -12.61 34.83
N ALA B 134 29.52 -11.39 35.33
CA ALA B 134 30.21 -10.24 34.74
C ALA B 134 30.81 -9.31 35.79
N GLY B 135 30.56 -9.64 37.05
CA GLY B 135 31.05 -8.88 38.17
C GLY B 135 30.30 -9.30 39.42
N ASP B 136 31.03 -9.31 40.53
CA ASP B 136 30.47 -9.57 41.86
C ASP B 136 31.17 -8.65 42.85
N GLY B 137 30.80 -8.73 44.13
CA GLY B 137 31.51 -8.00 45.19
C GLY B 137 32.78 -8.64 45.66
N VAL B 138 32.89 -9.94 45.42
CA VAL B 138 34.05 -10.73 45.85
C VAL B 138 35.22 -10.45 44.86
N GLY B 139 34.91 -9.88 43.67
CA GLY B 139 35.90 -9.43 42.70
C GLY B 139 36.14 -10.34 41.50
N GLU B 140 35.39 -11.45 41.36
CA GLU B 140 35.60 -12.33 40.19
C GLU B 140 35.08 -11.68 38.91
N HIS B 141 35.70 -12.03 37.80
CA HIS B 141 35.29 -11.50 36.48
C HIS B 141 35.83 -12.40 35.36
N PRO B 142 35.29 -13.61 35.26
CA PRO B 142 35.92 -14.64 34.42
C PRO B 142 36.03 -14.24 32.96
N THR B 143 35.04 -13.55 32.45
CA THR B 143 34.99 -13.13 31.04
C THR B 143 36.10 -12.13 30.74
N GLN B 144 36.32 -11.21 31.67
CA GLN B 144 37.46 -10.26 31.58
C GLN B 144 38.79 -11.02 31.55
N ALA B 145 39.01 -11.83 32.57
CA ALA B 145 40.24 -12.61 32.69
C ALA B 145 40.37 -13.41 31.43
N LEU B 146 39.27 -14.04 31.05
CA LEU B 146 39.24 -14.90 29.86
C LEU B 146 39.74 -14.19 28.61
N LEU B 147 39.22 -12.98 28.41
CA LEU B 147 39.56 -12.17 27.24
C LEU B 147 40.95 -11.54 27.32
N ASP B 148 41.36 -11.19 28.54
CA ASP B 148 42.66 -10.60 28.75
C ASP B 148 43.71 -11.56 28.25
N ILE B 149 43.47 -12.87 28.36
CA ILE B 149 44.38 -13.87 27.78
C ILE B 149 44.52 -13.80 26.23
N PHE B 150 43.41 -13.89 25.52
CA PHE B 150 43.48 -13.93 24.06
C PHE B 150 44.31 -12.77 23.58
N THR B 151 44.12 -11.61 24.20
CA THR B 151 44.90 -10.43 23.90
C THR B 151 46.37 -10.75 24.12
N ILE B 152 46.66 -11.33 25.29
CA ILE B 152 48.03 -11.66 25.69
C ILE B 152 48.65 -12.69 24.76
N ARG B 153 47.82 -13.65 24.35
CA ARG B 153 48.26 -14.74 23.47
C ARG B 153 48.38 -14.23 22.02
N GLU B 154 47.34 -13.53 21.57
CA GLU B 154 47.26 -12.99 20.22
C GLU B 154 48.35 -11.99 19.97
N GLU B 155 48.51 -11.12 20.97
CA GLU B 155 49.38 -9.95 20.83
C GLU B 155 50.85 -10.29 20.78
N LEU B 156 51.25 -11.33 21.52
CA LEU B 156 52.66 -11.66 21.75
C LEU B 156 53.09 -13.05 21.27
N GLY B 157 52.16 -13.80 20.68
CA GLY B 157 52.47 -15.08 20.05
C GLY B 157 52.16 -16.26 20.94
N THR B 158 52.61 -16.20 22.19
CA THR B 158 52.30 -17.21 23.21
C THR B 158 52.02 -16.53 24.55
N VAL B 159 51.58 -17.31 25.53
CA VAL B 159 51.30 -16.79 26.89
C VAL B 159 52.43 -17.12 27.85
N ASN B 160 52.94 -18.34 27.73
CA ASN B 160 54.02 -18.84 28.55
C ASN B 160 55.32 -18.10 28.26
N GLY B 161 55.96 -17.64 29.33
CA GLY B 161 57.25 -16.95 29.26
C GLY B 161 57.10 -15.46 29.54
N MET B 162 55.90 -14.92 29.28
CA MET B 162 55.67 -13.47 29.40
C MET B 162 55.78 -12.99 30.84
N THR B 163 56.26 -11.76 31.00
CA THR B 163 56.37 -11.11 32.29
C THR B 163 55.30 -10.06 32.27
N ILE B 164 54.55 -9.95 33.35
CA ILE B 164 53.31 -9.16 33.35
C ILE B 164 53.34 -8.04 34.41
N THR B 165 53.51 -6.81 33.94
CA THR B 165 53.48 -5.64 34.81
C THR B 165 52.06 -5.14 34.99
N MET B 166 51.50 -5.44 36.14
CA MET B 166 50.18 -4.93 36.47
C MET B 166 50.39 -3.69 37.27
N VAL B 167 49.85 -2.59 36.72
CA VAL B 167 50.05 -1.25 37.28
C VAL B 167 48.74 -0.64 37.73
N GLY B 168 48.80 0.09 38.84
CA GLY B 168 47.73 0.99 39.31
C GLY B 168 47.25 0.59 40.68
N ASP B 169 46.06 1.06 41.06
CA ASP B 169 45.47 0.64 42.33
C ASP B 169 44.96 -0.78 42.10
N LEU B 170 45.58 -1.72 42.81
CA LEU B 170 45.28 -3.15 42.69
C LEU B 170 44.49 -3.74 43.85
N LYS B 171 44.56 -3.11 45.02
CA LYS B 171 43.84 -3.55 46.24
C LYS B 171 42.37 -3.82 45.96
N HIS B 172 41.65 -2.74 45.65
CA HIS B 172 40.24 -2.85 45.32
C HIS B 172 40.08 -3.61 43.99
N GLY B 173 41.05 -3.47 43.09
CA GLY B 173 41.06 -4.09 41.77
C GLY B 173 40.34 -5.43 41.68
N ARG B 174 39.17 -5.41 41.05
CA ARG B 174 38.29 -6.60 40.91
C ARG B 174 38.58 -7.40 39.62
N THR B 175 39.21 -6.77 38.65
CA THR B 175 39.58 -7.41 37.40
C THR B 175 40.93 -8.15 37.52
N VAL B 176 41.84 -7.59 38.32
CA VAL B 176 43.23 -8.09 38.49
C VAL B 176 43.29 -9.36 39.30
N HIS B 177 42.29 -9.57 40.13
CA HIS B 177 42.20 -10.80 40.94
C HIS B 177 41.60 -11.93 40.09
N SER B 178 40.98 -11.60 38.97
CA SER B 178 40.41 -12.57 38.04
C SER B 178 41.47 -13.13 37.08
N LEU B 179 42.30 -12.22 36.56
CA LEU B 179 43.39 -12.58 35.64
C LEU B 179 44.62 -13.05 36.39
N ALA B 180 44.99 -12.29 37.42
CA ALA B 180 46.25 -12.56 38.16
C ALA B 180 46.32 -14.00 38.67
N CYS B 181 45.22 -14.44 39.26
CA CYS B 181 45.07 -15.82 39.72
C CYS B 181 45.16 -16.80 38.55
N LEU B 182 44.32 -16.58 37.54
CA LEU B 182 44.18 -17.49 36.37
C LEU B 182 45.48 -17.59 35.57
N LEU B 183 46.23 -16.49 35.54
CA LEU B 183 47.56 -16.47 34.92
C LEU B 183 48.43 -17.64 35.36
N THR B 184 48.17 -18.14 36.57
CA THR B 184 48.93 -19.29 37.12
C THR B 184 48.75 -20.60 36.32
N GLN B 185 47.91 -20.59 35.29
CA GLN B 185 47.82 -21.72 34.35
C GLN B 185 48.95 -21.63 33.30
N TYR B 186 49.81 -20.62 33.44
CA TYR B 186 50.90 -20.40 32.49
C TYR B 186 52.23 -20.18 33.24
N ARG B 187 53.31 -20.07 32.45
CA ARG B 187 54.67 -19.82 32.96
C ARG B 187 55.04 -18.36 32.77
N VAL B 188 54.66 -17.52 33.72
CA VAL B 188 54.88 -16.10 33.59
C VAL B 188 55.46 -15.55 34.87
N SER B 189 56.20 -14.46 34.75
CA SER B 189 56.69 -13.74 35.93
C SER B 189 55.80 -12.54 36.17
N LEU B 190 55.12 -12.54 37.31
CA LEU B 190 54.22 -11.44 37.65
C LEU B 190 54.97 -10.34 38.35
N ARG B 191 54.80 -9.11 37.87
CA ARG B 191 55.31 -7.92 38.56
C ARG B 191 54.13 -7.04 38.96
N TYR B 192 54.31 -6.31 40.05
CA TYR B 192 53.22 -5.53 40.62
C TYR B 192 53.65 -4.08 40.80
N VAL B 193 52.77 -3.15 40.40
CA VAL B 193 53.02 -1.70 40.62
C VAL B 193 51.80 -1.01 41.23
N ALA B 194 51.97 -0.55 42.47
CA ALA B 194 50.86 -0.07 43.28
C ALA B 194 51.28 1.09 44.18
N PRO B 195 50.31 1.93 44.62
CA PRO B 195 50.53 2.84 45.74
C PRO B 195 50.58 2.06 47.05
N PRO B 196 51.49 2.42 47.99
CA PRO B 196 51.57 1.68 49.28
C PRO B 196 50.27 1.53 50.08
N SER B 197 49.32 2.45 49.89
CA SER B 197 48.08 2.51 50.64
C SER B 197 47.14 1.37 50.27
N LEU B 198 46.69 1.38 49.02
CA LEU B 198 45.84 0.33 48.46
C LEU B 198 46.70 -0.43 47.43
N ARG B 199 47.06 -1.68 47.79
CA ARG B 199 48.09 -2.52 47.12
C ARG B 199 47.54 -3.94 46.89
N MET B 200 48.25 -4.79 46.13
CA MET B 200 47.69 -6.08 45.59
C MET B 200 47.25 -6.81 46.84
N PRO B 201 45.97 -7.18 46.93
CA PRO B 201 45.46 -7.75 48.17
C PRO B 201 46.26 -8.94 48.66
N PRO B 202 46.94 -8.76 49.80
CA PRO B 202 47.66 -9.89 50.39
C PRO B 202 46.73 -11.01 50.99
N THR B 203 45.60 -11.31 50.33
CA THR B 203 44.78 -12.50 50.68
C THR B 203 44.73 -13.51 49.52
N VAL B 204 44.31 -13.05 48.36
CA VAL B 204 44.33 -13.85 47.12
C VAL B 204 45.79 -14.21 46.71
N ARG B 205 46.74 -13.38 47.13
CA ARG B 205 48.18 -13.56 46.80
C ARG B 205 48.81 -14.88 47.33
N ALA B 206 48.16 -15.53 48.29
CA ALA B 206 48.62 -16.81 48.83
C ALA B 206 48.64 -17.91 47.77
N PHE B 207 47.67 -17.86 46.86
CA PHE B 207 47.53 -18.88 45.80
C PHE B 207 48.60 -18.82 44.71
N VAL B 208 48.93 -17.59 44.29
CA VAL B 208 49.87 -17.39 43.17
C VAL B 208 51.28 -17.85 43.52
N ALA B 209 51.78 -17.41 44.68
CA ALA B 209 53.15 -17.73 45.12
C ALA B 209 53.38 -19.20 45.41
N SER B 210 52.32 -19.93 45.74
CA SER B 210 52.42 -21.36 46.04
C SER B 210 52.94 -22.14 44.84
N ARG B 211 52.31 -21.87 43.69
CA ARG B 211 52.63 -22.50 42.41
C ARG B 211 53.88 -21.90 41.74
N GLY B 212 54.61 -21.02 42.45
CA GLY B 212 55.90 -20.52 41.96
C GLY B 212 55.83 -19.40 40.91
N THR B 213 54.61 -18.98 40.53
CA THR B 213 54.42 -17.85 39.59
C THR B 213 55.05 -16.61 40.20
N LYS B 214 56.26 -16.28 39.77
CA LYS B 214 57.08 -15.24 40.40
C LYS B 214 56.26 -13.98 40.64
N GLN B 215 56.56 -13.29 41.74
CA GLN B 215 55.84 -12.08 42.12
C GLN B 215 56.76 -11.13 42.82
N GLU B 216 56.88 -9.91 42.29
CA GLU B 216 57.76 -8.94 42.92
C GLU B 216 57.17 -7.54 42.83
N GLU B 217 57.36 -6.79 43.90
CA GLU B 217 56.86 -5.42 43.96
C GLU B 217 57.87 -4.43 43.36
N PHE B 218 57.36 -3.35 42.79
CA PHE B 218 58.19 -2.35 42.11
C PHE B 218 57.77 -0.92 42.46
N GLU B 219 58.72 -0.01 42.32
CA GLU B 219 58.54 1.41 42.70
C GLU B 219 57.55 2.18 41.80
N SER B 220 57.61 1.87 40.52
CA SER B 220 56.82 2.54 39.51
C SER B 220 56.96 1.77 38.20
N ILE B 221 56.45 2.34 37.12
CA ILE B 221 56.69 1.81 35.78
C ILE B 221 58.20 1.94 35.51
N GLU B 222 58.80 2.93 36.20
CA GLU B 222 60.11 3.53 35.90
C GLU B 222 61.30 2.56 35.80
N GLU B 223 61.29 1.59 36.70
CA GLU B 223 62.22 0.47 36.62
C GLU B 223 61.60 -0.87 36.27
N ALA B 224 60.29 -1.10 36.48
CA ALA B 224 59.71 -2.44 36.21
C ALA B 224 59.51 -2.78 34.74
N LEU B 225 59.63 -1.76 33.90
CA LEU B 225 59.26 -1.88 32.48
C LEU B 225 60.23 -2.61 31.51
N PRO B 226 61.57 -2.57 31.75
CA PRO B 226 62.52 -3.19 30.80
C PRO B 226 62.42 -4.72 30.59
N ASP B 227 61.83 -5.43 31.55
CA ASP B 227 61.61 -6.90 31.46
C ASP B 227 60.11 -7.21 31.37
N THR B 228 59.34 -6.32 30.71
CA THR B 228 57.87 -6.35 30.70
C THR B 228 57.35 -6.83 29.33
N ASP B 229 56.57 -7.91 29.34
CA ASP B 229 55.89 -8.35 28.13
C ASP B 229 54.43 -7.89 28.04
N VAL B 230 53.80 -7.67 29.20
CA VAL B 230 52.46 -7.07 29.23
C VAL B 230 52.36 -6.00 30.33
N LEU B 231 51.96 -4.80 29.92
CA LEU B 231 51.77 -3.73 30.87
C LEU B 231 50.28 -3.55 31.12
N TYR B 232 49.79 -4.24 32.12
CA TYR B 232 48.39 -4.20 32.45
C TYR B 232 48.11 -3.01 33.36
N MET B 233 47.27 -2.10 32.90
CA MET B 233 47.05 -0.80 33.56
C MET B 233 45.71 -0.81 34.28
N THR B 234 45.56 0.07 35.28
CA THR B 234 44.29 0.16 36.07
C THR B 234 43.94 1.56 36.60
N ARG B 235 42.65 1.85 36.60
CA ARG B 235 42.10 3.08 37.15
C ARG B 235 42.30 3.10 38.66
N PHE B 254 54.12 6.43 38.55
CA PHE B 254 52.92 5.68 38.24
C PHE B 254 52.34 5.86 36.81
N ILE B 255 53.01 6.65 35.95
CA ILE B 255 52.41 7.17 34.71
C ILE B 255 52.47 6.17 33.55
N LEU B 256 51.81 6.51 32.43
CA LEU B 256 51.95 5.78 31.18
C LEU B 256 51.96 6.80 29.98
N THR B 257 52.73 7.88 30.14
CA THR B 257 52.79 8.91 29.10
C THR B 257 53.50 8.26 27.91
N PRO B 258 53.43 8.87 26.70
CA PRO B 258 54.23 8.35 25.60
C PRO B 258 55.73 8.55 25.79
N HIS B 259 56.12 9.39 26.76
CA HIS B 259 57.55 9.66 27.07
C HIS B 259 58.14 8.61 28.02
N ILE B 260 57.29 7.94 28.79
CA ILE B 260 57.69 6.72 29.52
C ILE B 260 57.87 5.57 28.53
N MET B 261 56.87 5.37 27.66
CA MET B 261 56.85 4.24 26.67
C MET B 261 58.13 3.98 25.84
N THR B 262 59.09 4.90 25.87
CA THR B 262 60.32 4.78 25.09
C THR B 262 61.37 3.91 25.71
N ARG B 263 61.27 3.68 27.02
CA ARG B 263 62.14 2.73 27.75
C ARG B 263 61.45 1.37 27.91
N ALA B 264 60.35 1.20 27.19
CA ALA B 264 59.56 -0.01 27.21
C ALA B 264 59.95 -0.89 26.04
N LYS B 265 59.92 -2.20 26.27
CA LYS B 265 60.20 -3.20 25.23
C LYS B 265 59.43 -2.85 23.96
N LYS B 266 59.96 -3.28 22.83
CA LYS B 266 59.29 -3.07 21.55
C LYS B 266 58.42 -4.28 21.16
N LYS B 267 58.77 -5.45 21.71
CA LYS B 267 58.01 -6.69 21.53
C LYS B 267 57.15 -6.91 22.77
N MET B 268 56.28 -5.95 23.01
CA MET B 268 55.53 -5.86 24.24
C MET B 268 54.25 -5.09 23.93
N VAL B 269 53.25 -5.31 24.79
CA VAL B 269 51.96 -4.72 24.58
C VAL B 269 51.34 -4.26 25.89
N VAL B 270 50.65 -3.13 25.82
CA VAL B 270 50.06 -2.54 27.01
C VAL B 270 48.54 -2.66 26.93
N MET B 271 47.98 -3.15 28.02
CA MET B 271 46.57 -3.48 28.12
C MET B 271 45.87 -2.69 29.19
N HIS B 272 44.56 -2.55 29.00
CA HIS B 272 43.67 -1.92 29.96
C HIS B 272 42.30 -2.57 29.86
N PRO B 273 41.72 -3.00 31.00
CA PRO B 273 40.34 -3.49 30.99
C PRO B 273 39.37 -2.38 30.66
N MET B 274 39.67 -1.19 31.18
CA MET B 274 38.86 0.02 30.97
C MET B 274 37.63 -0.05 31.89
N PRO B 275 37.02 1.10 32.23
CA PRO B 275 37.33 2.45 31.75
C PRO B 275 38.61 3.08 32.26
N ARG B 276 39.01 4.16 31.60
CA ARG B 276 40.20 4.96 31.97
C ARG B 276 39.84 6.41 32.10
N VAL B 277 40.83 7.22 32.50
CA VAL B 277 40.68 8.69 32.61
C VAL B 277 41.97 9.45 32.25
N ASN B 278 42.89 9.53 33.19
CA ASN B 278 44.18 10.24 33.04
C ASN B 278 45.40 9.33 33.07
N GLU B 279 45.21 8.07 33.45
CA GLU B 279 46.30 7.12 33.72
C GLU B 279 47.13 6.79 32.48
N ILE B 280 46.46 6.52 31.36
CA ILE B 280 47.15 6.29 30.09
C ILE B 280 46.93 7.55 29.27
N SER B 281 48.04 8.19 28.91
CA SER B 281 47.98 9.48 28.23
C SER B 281 47.36 9.34 26.83
N VAL B 282 46.32 10.11 26.59
CA VAL B 282 45.57 10.05 25.31
C VAL B 282 46.50 9.94 24.08
N GLU B 283 47.67 10.57 24.14
CA GLU B 283 48.66 10.46 23.03
C GLU B 283 49.39 9.10 22.96
N VAL B 284 49.07 8.21 23.89
CA VAL B 284 49.47 6.79 23.86
C VAL B 284 48.47 5.98 23.02
N ASP B 285 47.42 6.62 22.49
CA ASP B 285 46.47 5.89 21.62
C ASP B 285 47.17 5.40 20.35
N SER B 286 47.79 6.34 19.61
CA SER B 286 48.48 6.08 18.31
C SER B 286 49.85 5.46 18.52
N ASP B 287 49.84 4.18 18.91
CA ASP B 287 51.06 3.46 19.24
C ASP B 287 50.84 1.94 19.05
N PRO B 288 51.35 1.34 17.96
CA PRO B 288 51.15 -0.10 17.71
C PRO B 288 51.35 -1.11 18.86
N ARG B 289 52.05 -0.72 19.92
CA ARG B 289 52.09 -1.49 21.18
C ARG B 289 50.84 -1.31 22.05
N ALA B 290 49.92 -0.45 21.62
CA ALA B 290 48.73 -0.11 22.37
C ALA B 290 47.61 -1.07 21.98
N ALA B 291 47.45 -2.12 22.79
CA ALA B 291 46.42 -3.16 22.57
C ALA B 291 45.24 -3.09 23.55
N TYR B 292 45.00 -1.92 24.14
CA TYR B 292 43.88 -1.75 25.09
C TYR B 292 42.53 -1.53 24.42
N PHE B 293 42.53 -1.02 23.18
CA PHE B 293 41.29 -0.86 22.38
C PHE B 293 40.88 -2.15 21.66
N ARG B 294 41.86 -2.81 21.08
CA ARG B 294 41.68 -4.17 20.55
C ARG B 294 41.34 -5.20 21.61
N GLN B 295 41.80 -4.94 22.83
CA GLN B 295 41.40 -5.72 24.01
C GLN B 295 39.87 -5.70 24.12
N ALA B 296 39.31 -4.51 24.08
CA ALA B 296 37.85 -4.34 24.11
C ALA B 296 37.15 -5.10 22.97
N GLU B 297 37.73 -5.03 21.78
CA GLU B 297 37.19 -5.69 20.56
C GLU B 297 37.17 -7.20 20.69
N ASN B 298 38.23 -7.74 21.31
CA ASN B 298 38.42 -9.20 21.39
C ASN B 298 37.54 -9.88 22.44
N GLY B 299 37.01 -9.11 23.37
CA GLY B 299 36.06 -9.64 24.34
C GLY B 299 34.83 -10.11 23.61
N MET B 300 34.29 -9.26 22.77
CA MET B 300 33.09 -9.59 21.98
C MET B 300 33.10 -11.02 21.48
N TYR B 301 34.30 -11.51 21.13
CA TYR B 301 34.49 -12.88 20.62
C TYR B 301 34.66 -13.95 21.69
N ILE B 302 35.01 -13.58 22.92
CA ILE B 302 35.02 -14.56 24.04
C ILE B 302 33.58 -14.84 24.36
N ARG B 303 32.74 -13.80 24.25
CA ARG B 303 31.30 -13.90 24.59
C ARG B 303 30.58 -14.71 23.55
N MET B 304 30.90 -14.43 22.31
CA MET B 304 30.47 -15.30 21.22
C MET B 304 31.07 -16.68 21.39
N ALA B 305 32.34 -16.72 21.78
CA ALA B 305 33.03 -17.99 22.06
C ALA B 305 32.41 -18.72 23.26
N LEU B 306 31.91 -17.95 24.20
CA LEU B 306 31.33 -18.46 25.45
C LEU B 306 29.82 -18.69 25.30
N LEU B 307 29.07 -17.62 25.13
CA LEU B 307 27.62 -17.71 24.93
C LEU B 307 27.25 -18.87 24.04
N ALA B 308 27.91 -18.95 22.88
CA ALA B 308 27.59 -19.95 21.86
C ALA B 308 27.79 -21.34 22.43
N THR B 309 28.95 -21.57 23.04
CA THR B 309 29.24 -22.85 23.71
C THR B 309 28.28 -23.14 24.87
N VAL B 310 28.12 -22.14 25.74
CA VAL B 310 27.27 -22.26 26.95
C VAL B 310 25.83 -22.60 26.55
N LEU B 311 25.50 -22.45 25.27
CA LEU B 311 24.15 -22.77 24.76
C LEU B 311 24.06 -23.98 23.85
N GLY B 312 25.18 -24.68 23.68
CA GLY B 312 25.20 -25.96 22.98
C GLY B 312 25.17 -25.88 21.47
N ARG B 313 25.20 -24.67 20.93
CA ARG B 313 25.16 -24.46 19.48
C ARG B 313 26.56 -24.46 18.89
N PHE B 314 27.53 -24.63 19.78
CA PHE B 314 28.91 -24.87 19.42
C PHE B 314 29.62 -25.34 20.68
N SER C 9 27.96 6.76 -2.93
CA SER C 9 29.46 6.77 -2.83
C SER C 9 29.99 7.12 -1.45
N LEU C 10 29.22 6.86 -0.40
CA LEU C 10 29.61 7.31 0.92
C LEU C 10 30.29 6.22 1.73
N VAL C 11 30.59 5.08 1.10
CA VAL C 11 31.01 3.87 1.85
C VAL C 11 32.19 4.17 2.76
N GLY C 12 31.88 4.29 4.05
CA GLY C 12 32.88 4.62 5.06
C GLY C 12 32.84 6.07 5.48
N GLN C 13 32.27 6.93 4.64
CA GLN C 13 32.27 8.39 4.87
C GLN C 13 31.51 8.67 6.13
N HIS C 14 31.98 9.68 6.86
CA HIS C 14 31.28 10.15 8.04
C HIS C 14 30.15 11.00 7.49
N ILE C 15 29.13 11.27 8.29
CA ILE C 15 28.02 12.10 7.86
C ILE C 15 27.79 13.14 8.93
N LEU C 16 28.45 14.28 8.80
CA LEU C 16 28.55 15.25 9.91
C LEU C 16 27.93 16.60 9.65
N SER C 17 27.98 17.04 8.40
CA SER C 17 27.36 18.30 8.02
C SER C 17 26.70 18.10 6.68
N VAL C 18 25.79 19.01 6.36
CA VAL C 18 24.97 18.87 5.15
C VAL C 18 25.73 19.31 3.89
N GLN C 19 26.95 19.82 4.11
CA GLN C 19 27.78 20.43 3.07
C GLN C 19 28.27 19.38 2.07
N GLN C 20 28.20 18.12 2.46
CA GLN C 20 28.91 17.02 1.80
C GLN C 20 28.02 16.28 0.81
N PHE C 21 26.80 16.77 0.66
CA PHE C 21 25.82 16.15 -0.21
C PHE C 21 25.75 16.90 -1.53
N THR C 22 25.58 16.11 -2.58
CA THR C 22 25.42 16.61 -3.94
C THR C 22 24.00 16.28 -4.32
N LYS C 23 23.59 16.73 -5.49
CA LYS C 23 22.22 16.47 -5.96
C LYS C 23 22.13 15.10 -6.57
N ASP C 24 23.16 14.67 -7.30
CA ASP C 24 23.21 13.30 -7.88
C ASP C 24 23.22 12.22 -6.77
N GLN C 25 23.90 12.55 -5.68
CA GLN C 25 23.91 11.67 -4.50
C GLN C 25 22.53 11.60 -3.89
N MET C 26 21.94 12.76 -3.55
CA MET C 26 20.64 12.79 -2.86
C MET C 26 19.56 12.10 -3.68
N SER C 27 19.49 12.40 -4.97
CA SER C 27 18.49 11.74 -5.85
C SER C 27 18.65 10.23 -5.77
N HIS C 28 19.89 9.75 -5.91
CA HIS C 28 20.21 8.33 -5.61
C HIS C 28 19.73 7.98 -4.21
N LEU C 29 20.24 8.73 -3.25
CA LEU C 29 19.86 8.57 -1.85
C LEU C 29 18.34 8.52 -1.65
N PHE C 30 17.62 9.22 -2.51
CA PHE C 30 16.16 9.15 -2.56
C PHE C 30 15.65 7.93 -3.33
N ASN C 31 16.29 7.63 -4.46
CA ASN C 31 15.93 6.47 -5.30
C ASN C 31 16.14 5.14 -4.55
N VAL C 32 17.05 5.15 -3.58
CA VAL C 32 17.26 4.02 -2.66
C VAL C 32 16.08 3.85 -1.71
N ALA C 33 15.65 4.97 -1.12
CA ALA C 33 14.60 4.99 -0.09
C ALA C 33 13.28 4.47 -0.63
N HIS C 34 12.87 4.95 -1.80
CA HIS C 34 11.65 4.46 -2.42
C HIS C 34 11.75 2.95 -2.67
N THR C 35 12.87 2.53 -3.23
CA THR C 35 13.10 1.13 -3.51
C THR C 35 13.09 0.29 -2.24
N LEU C 36 13.72 0.78 -1.18
CA LEU C 36 13.72 0.10 0.11
C LEU C 36 12.36 0.12 0.76
N ARG C 37 11.65 1.22 0.57
CA ARG C 37 10.26 1.37 1.05
C ARG C 37 9.37 0.34 0.41
N MET C 38 9.46 0.27 -0.90
CA MET C 38 8.56 -0.57 -1.69
C MET C 38 8.81 -2.06 -1.47
N MET C 39 10.02 -2.41 -1.10
CA MET C 39 10.33 -3.78 -0.68
C MET C 39 9.54 -4.18 0.56
N VAL C 40 9.48 -3.24 1.51
CA VAL C 40 8.76 -3.41 2.76
C VAL C 40 7.25 -3.44 2.47
N GLN C 41 6.76 -2.51 1.65
CA GLN C 41 5.33 -2.45 1.27
C GLN C 41 4.79 -3.78 0.73
N LYS C 42 5.66 -4.53 0.06
CA LYS C 42 5.29 -5.85 -0.49
C LYS C 42 5.61 -6.97 0.52
N GLU C 43 6.60 -6.72 1.37
CA GLU C 43 7.14 -7.78 2.26
C GLU C 43 8.27 -8.59 1.55
N ARG C 44 9.36 -7.92 1.17
CA ARG C 44 10.55 -8.57 0.65
C ARG C 44 11.58 -8.60 1.76
N SER C 45 12.28 -9.73 1.82
CA SER C 45 13.33 -9.99 2.82
C SER C 45 14.40 -8.90 2.63
N LEU C 46 15.01 -8.49 3.73
CA LEU C 46 16.09 -7.50 3.68
C LEU C 46 17.24 -7.92 4.59
N ASP C 47 18.00 -8.92 4.14
CA ASP C 47 19.24 -9.38 4.82
C ASP C 47 20.41 -8.44 4.50
N ILE C 48 20.14 -7.15 4.38
CA ILE C 48 21.06 -6.21 3.76
C ILE C 48 22.18 -5.92 4.73
N LEU C 49 21.80 -5.54 5.94
CA LEU C 49 22.74 -5.27 7.04
C LEU C 49 22.63 -6.37 8.11
N LYS C 50 22.36 -7.58 7.63
CA LYS C 50 22.32 -8.72 8.49
C LYS C 50 23.76 -8.87 8.89
N GLY C 51 24.01 -8.88 10.20
CA GLY C 51 25.35 -9.19 10.72
C GLY C 51 26.15 -7.97 11.05
N LYS C 52 25.86 -6.84 10.41
CA LYS C 52 26.42 -5.57 10.83
C LYS C 52 25.67 -5.11 12.07
N VAL C 53 26.25 -4.14 12.78
CA VAL C 53 25.66 -3.62 14.02
C VAL C 53 25.76 -2.11 14.06
N MET C 54 24.72 -1.49 14.60
CA MET C 54 24.69 -0.04 14.80
C MET C 54 24.72 0.28 16.29
N ALA C 55 25.59 1.22 16.61
CA ALA C 55 25.76 1.73 17.97
C ALA C 55 25.08 3.09 18.13
N SER C 56 24.01 3.14 18.91
CA SER C 56 23.25 4.39 19.06
C SER C 56 23.84 5.14 20.22
N MET C 57 24.15 6.41 20.03
CA MET C 57 24.70 7.23 21.13
C MET C 57 24.07 8.60 21.10
N PHE C 58 23.14 8.83 22.02
CA PHE C 58 22.34 10.05 22.04
C PHE C 58 22.40 10.66 23.42
N TYR C 59 22.88 11.91 23.49
CA TYR C 59 23.09 12.63 24.76
C TYR C 59 22.09 13.77 24.93
N GLU C 60 21.38 14.09 23.85
CA GLU C 60 20.16 14.92 23.94
C GLU C 60 19.02 13.96 24.21
N VAL C 61 17.87 14.53 24.50
CA VAL C 61 16.66 13.78 24.66
C VAL C 61 15.85 13.76 23.35
N SER C 62 15.74 12.58 22.74
CA SER C 62 15.01 12.40 21.47
C SER C 62 14.17 11.16 21.45
N THR C 63 13.19 11.14 20.55
CA THR C 63 12.45 9.88 20.25
C THR C 63 11.81 9.91 18.84
N ARG C 64 12.58 10.35 17.87
CA ARG C 64 12.15 10.33 16.47
C ARG C 64 13.30 9.98 15.54
N THR C 65 14.40 10.71 15.70
CA THR C 65 15.65 10.42 15.00
C THR C 65 16.16 9.01 15.36
N SER C 66 16.26 8.76 16.66
CA SER C 66 16.74 7.48 17.20
C SER C 66 15.83 6.31 16.85
N SER C 67 14.52 6.53 17.03
CA SER C 67 13.54 5.49 16.76
C SER C 67 13.64 5.09 15.28
N SER C 68 13.43 6.07 14.41
CA SER C 68 13.55 5.87 12.97
C SER C 68 14.82 5.11 12.68
N PHE C 69 15.93 5.61 13.21
CA PHE C 69 17.24 4.93 13.10
C PHE C 69 17.20 3.48 13.59
N ALA C 70 16.47 3.25 14.67
CA ALA C 70 16.30 1.91 15.24
C ALA C 70 15.46 1.02 14.31
N ALA C 71 14.34 1.57 13.86
CA ALA C 71 13.48 0.85 12.94
C ALA C 71 14.28 0.53 11.70
N ALA C 72 14.97 1.53 11.21
CA ALA C 72 15.70 1.48 9.95
C ALA C 72 16.71 0.33 9.97
N MET C 73 17.58 0.34 10.96
CA MET C 73 18.59 -0.73 11.16
C MET C 73 17.96 -2.13 11.34
N ALA C 74 16.93 -2.18 12.17
CA ALA C 74 16.20 -3.40 12.46
C ALA C 74 15.51 -3.97 11.22
N ARG C 75 15.11 -3.09 10.31
CA ARG C 75 14.40 -3.48 9.08
C ARG C 75 15.30 -4.08 8.01
N LEU C 76 16.54 -3.63 7.94
CA LEU C 76 17.49 -4.15 6.95
C LEU C 76 18.14 -5.45 7.42
N GLY C 77 17.83 -5.86 8.65
CA GLY C 77 18.31 -7.10 9.23
C GLY C 77 19.29 -6.88 10.36
N GLY C 78 19.73 -5.64 10.54
CA GLY C 78 20.71 -5.33 11.57
C GLY C 78 20.18 -5.29 12.99
N ALA C 79 21.10 -5.05 13.91
CA ALA C 79 20.79 -4.93 15.34
C ALA C 79 21.25 -3.56 15.85
N VAL C 80 20.78 -3.16 17.03
CA VAL C 80 21.12 -1.82 17.59
C VAL C 80 21.52 -1.81 19.07
N LEU C 81 22.63 -1.13 19.32
CA LEU C 81 23.13 -1.04 20.67
C LEU C 81 22.46 0.14 21.34
N SER C 82 21.48 -0.21 22.16
CA SER C 82 20.91 0.69 23.14
C SER C 82 22.00 1.18 24.12
N PHE C 83 22.56 2.37 23.88
CA PHE C 83 23.63 2.93 24.78
C PHE C 83 23.10 4.02 25.71
N SER C 84 23.01 3.67 26.99
CA SER C 84 22.40 4.60 27.97
C SER C 84 23.48 5.21 28.81
N GLU C 85 23.85 6.45 28.48
CA GLU C 85 24.91 7.16 29.20
C GLU C 85 24.63 7.15 30.71
N ALA C 86 23.37 7.36 31.06
CA ALA C 86 22.87 7.30 32.44
C ALA C 86 23.40 6.07 33.19
N THR C 87 23.40 4.92 32.49
CA THR C 87 23.85 3.62 33.01
C THR C 87 25.25 3.25 32.57
N SER C 88 26.01 4.22 32.10
CA SER C 88 27.32 3.96 31.46
C SER C 88 28.45 4.46 32.31
N SER C 89 29.65 3.99 31.98
CA SER C 89 30.85 4.28 32.76
C SER C 89 31.11 5.78 32.93
N VAL C 90 30.35 6.63 32.22
CA VAL C 90 30.28 8.07 32.49
C VAL C 90 30.01 8.32 33.97
N GLN C 91 29.15 7.50 34.56
CA GLN C 91 28.90 7.52 36.02
C GLN C 91 30.12 7.06 36.84
N LYS C 92 31.08 6.42 36.17
CA LYS C 92 32.45 6.27 36.68
C LYS C 92 33.42 7.27 36.04
N GLY C 93 32.92 7.97 35.02
CA GLY C 93 33.60 9.11 34.43
C GLY C 93 34.75 8.74 33.53
N GLU C 94 34.46 8.47 32.26
CA GLU C 94 35.45 8.21 31.20
C GLU C 94 35.16 9.13 30.02
N SER C 95 36.14 9.22 29.11
CA SER C 95 36.03 10.14 27.96
C SER C 95 34.88 9.76 27.03
N LEU C 96 34.31 10.78 26.38
CA LEU C 96 33.30 10.55 25.37
C LEU C 96 33.91 9.79 24.21
N ALA C 97 35.08 10.23 23.75
CA ALA C 97 35.81 9.51 22.71
C ALA C 97 36.07 8.09 23.15
N ASP C 98 36.58 7.96 24.38
CA ASP C 98 36.83 6.66 25.02
C ASP C 98 35.65 5.72 24.78
N SER C 99 34.46 6.23 25.08
CA SER C 99 33.22 5.45 24.94
C SER C 99 32.91 5.25 23.48
N VAL C 100 32.89 6.36 22.75
CA VAL C 100 32.49 6.35 21.33
C VAL C 100 33.37 5.36 20.54
N GLN C 101 34.67 5.40 20.82
CA GLN C 101 35.63 4.47 20.22
C GLN C 101 35.40 3.06 20.73
N THR C 102 35.15 2.95 22.03
CA THR C 102 34.87 1.65 22.66
C THR C 102 33.72 0.97 21.92
N MET C 103 32.65 1.73 21.75
CA MET C 103 31.47 1.29 21.01
C MET C 103 31.80 1.06 19.55
N SER C 104 32.74 1.84 19.04
CA SER C 104 33.30 1.60 17.69
C SER C 104 34.04 0.25 17.56
N CYS C 105 34.34 -0.39 18.68
CA CYS C 105 34.89 -1.76 18.70
C CYS C 105 33.81 -2.84 18.46
N TYR C 106 32.59 -2.56 18.92
CA TYR C 106 31.46 -3.53 18.94
C TYR C 106 30.40 -3.35 17.84
N ALA C 107 30.58 -2.33 17.03
CA ALA C 107 29.61 -1.94 16.03
C ALA C 107 30.30 -1.65 14.69
N ASP C 108 29.50 -1.40 13.67
CA ASP C 108 30.02 -1.06 12.32
C ASP C 108 29.65 0.36 11.84
N VAL C 109 28.66 1.01 12.46
CA VAL C 109 28.40 2.45 12.21
C VAL C 109 28.23 3.12 13.56
N VAL C 110 27.85 4.39 13.53
CA VAL C 110 27.52 5.11 14.76
C VAL C 110 26.54 6.25 14.45
N VAL C 111 25.66 6.48 15.39
CA VAL C 111 24.68 7.53 15.30
C VAL C 111 24.78 8.29 16.60
N LEU C 112 25.44 9.43 16.53
CA LEU C 112 25.75 10.20 17.70
C LEU C 112 24.97 11.47 17.64
N ARG C 113 24.50 11.89 18.80
CA ARG C 113 23.82 13.14 18.94
C ARG C 113 24.25 13.81 20.23
N HIS C 114 24.88 14.97 20.10
CA HIS C 114 25.42 15.70 21.25
C HIS C 114 25.04 17.17 21.14
N PRO C 115 24.62 17.80 22.27
CA PRO C 115 24.35 19.25 22.21
C PRO C 115 25.61 20.12 22.12
N GLN C 116 26.65 19.72 22.83
CA GLN C 116 27.87 20.54 23.00
C GLN C 116 28.45 21.00 21.65
N PRO C 117 29.03 22.23 21.62
CA PRO C 117 29.66 22.66 20.37
C PRO C 117 30.81 21.76 19.94
N GLY C 118 30.52 20.89 18.99
CA GLY C 118 31.55 20.07 18.35
C GLY C 118 32.07 18.93 19.20
N ALA C 119 31.24 18.42 20.11
CA ALA C 119 31.52 17.13 20.75
C ALA C 119 31.46 16.02 19.71
N VAL C 120 30.64 16.23 18.69
CA VAL C 120 30.40 15.25 17.62
C VAL C 120 31.57 15.22 16.64
N GLU C 121 31.89 16.37 16.03
CA GLU C 121 33.08 16.51 15.14
C GLU C 121 34.28 15.79 15.72
N LEU C 122 34.50 16.00 17.02
CA LEU C 122 35.62 15.39 17.76
C LEU C 122 35.50 13.88 17.72
N ALA C 123 34.44 13.36 18.33
CA ALA C 123 34.22 11.92 18.44
C ALA C 123 34.29 11.25 17.08
N ALA C 124 33.73 11.93 16.08
CA ALA C 124 33.80 11.48 14.69
C ALA C 124 35.23 11.42 14.23
N LYS C 125 35.92 12.53 14.45
CA LYS C 125 37.25 12.80 13.89
C LYS C 125 38.10 11.54 13.83
N HIS C 126 38.37 10.98 15.00
CA HIS C 126 39.08 9.74 15.15
C HIS C 126 38.03 8.73 15.52
N CYS C 127 37.80 7.81 14.62
CA CYS C 127 36.87 6.74 14.83
C CYS C 127 37.19 5.67 13.80
N ARG C 128 37.45 4.44 14.26
CA ARG C 128 37.76 3.35 13.32
C ARG C 128 36.57 3.06 12.44
N ARG C 129 35.41 3.59 12.84
CA ARG C 129 34.12 3.32 12.21
C ARG C 129 33.43 4.64 11.92
N PRO C 130 32.50 4.65 10.95
CA PRO C 130 31.84 5.87 10.55
C PRO C 130 30.80 6.41 11.53
N VAL C 131 30.62 7.72 11.50
CA VAL C 131 29.68 8.38 12.39
C VAL C 131 28.67 9.19 11.57
N ILE C 132 27.40 8.99 11.86
CA ILE C 132 26.31 9.71 11.20
C ILE C 132 25.71 10.70 12.20
N ASN C 133 25.88 11.99 11.92
CA ASN C 133 25.35 13.01 12.80
C ASN C 133 23.84 12.81 13.01
N ALA C 134 23.37 13.29 14.14
CA ALA C 134 21.94 13.47 14.36
C ALA C 134 21.59 14.78 15.06
N GLY C 135 22.64 15.50 15.43
CA GLY C 135 22.51 16.75 16.14
C GLY C 135 23.83 17.14 16.73
N ASP C 136 24.08 18.43 16.72
CA ASP C 136 25.27 19.00 17.34
C ASP C 136 24.85 20.32 18.00
N GLY C 137 25.78 21.03 18.63
CA GLY C 137 25.52 22.38 19.14
C GLY C 137 25.57 23.46 18.09
N VAL C 138 26.25 23.17 16.98
CA VAL C 138 26.40 24.13 15.89
C VAL C 138 25.11 24.21 15.07
N GLY C 139 24.25 23.19 15.21
CA GLY C 139 22.94 23.17 14.58
C GLY C 139 22.78 22.35 13.34
N GLU C 140 23.81 21.59 12.93
CA GLU C 140 23.65 20.75 11.73
C GLU C 140 22.74 19.55 12.04
N HIS C 141 22.05 19.06 11.03
CA HIS C 141 21.18 17.90 11.18
C HIS C 141 20.91 17.29 9.79
N PRO C 142 21.92 16.70 9.18
CA PRO C 142 21.82 16.32 7.76
C PRO C 142 20.70 15.36 7.42
N THR C 143 20.45 14.42 8.33
CA THR C 143 19.40 13.41 8.16
C THR C 143 18.00 14.04 8.15
N GLN C 144 17.77 15.02 9.04
CA GLN C 144 16.55 15.84 9.02
C GLN C 144 16.39 16.59 7.71
N ALA C 145 17.41 17.37 7.36
CA ALA C 145 17.39 18.16 6.12
C ALA C 145 17.14 17.19 4.97
N LEU C 146 17.89 16.08 5.00
CA LEU C 146 17.83 15.05 3.95
C LEU C 146 16.39 14.58 3.72
N LEU C 147 15.74 14.25 4.84
CA LEU C 147 14.37 13.71 4.81
C LEU C 147 13.32 14.77 4.50
N ASP C 148 13.57 15.99 4.96
CA ASP C 148 12.63 17.08 4.71
C ASP C 148 12.46 17.25 3.21
N ILE C 149 13.51 16.99 2.45
CA ILE C 149 13.40 17.04 0.98
C ILE C 149 12.44 15.99 0.41
N PHE C 150 12.65 14.70 0.69
CA PHE C 150 11.83 13.65 0.07
C PHE C 150 10.37 14.00 0.27
N THR C 151 10.04 14.50 1.45
CA THR C 151 8.70 14.98 1.75
C THR C 151 8.32 16.06 0.76
N ILE C 152 9.21 17.04 0.60
CA ILE C 152 8.96 18.20 -0.28
C ILE C 152 8.84 17.77 -1.74
N ARG C 153 9.67 16.81 -2.12
CA ARG C 153 9.71 16.29 -3.50
C ARG C 153 8.49 15.35 -3.72
N GLU C 154 8.30 14.42 -2.80
CA GLU C 154 7.19 13.47 -2.89
C GLU C 154 5.85 14.13 -2.83
N GLU C 155 5.74 15.08 -1.92
CA GLU C 155 4.46 15.70 -1.60
C GLU C 155 3.94 16.62 -2.71
N LEU C 156 4.86 17.29 -3.41
CA LEU C 156 4.51 18.34 -4.39
C LEU C 156 4.96 18.08 -5.83
N GLY C 157 5.59 16.93 -6.07
CA GLY C 157 5.94 16.49 -7.43
C GLY C 157 7.38 16.79 -7.77
N THR C 158 7.81 18.01 -7.50
CA THR C 158 9.20 18.42 -7.70
C THR C 158 9.62 19.33 -6.55
N VAL C 159 10.91 19.67 -6.52
CA VAL C 159 11.47 20.55 -5.45
C VAL C 159 11.66 21.96 -5.97
N ASN C 160 12.17 22.02 -7.19
CA ASN C 160 12.40 23.29 -7.90
C ASN C 160 11.10 24.04 -8.21
N GLY C 161 11.08 25.32 -7.83
CA GLY C 161 9.95 26.21 -8.08
C GLY C 161 9.21 26.53 -6.80
N MET C 162 9.30 25.64 -5.82
CA MET C 162 8.50 25.77 -4.58
C MET C 162 8.92 26.97 -3.76
N THR C 163 7.95 27.56 -3.08
CA THR C 163 8.18 28.68 -2.17
C THR C 163 7.98 28.12 -0.80
N ILE C 164 8.88 28.44 0.10
CA ILE C 164 8.97 27.73 1.38
C ILE C 164 8.80 28.67 2.56
N THR C 165 7.64 28.60 3.19
CA THR C 165 7.35 29.38 4.39
C THR C 165 7.82 28.62 5.63
N MET C 166 8.94 29.07 6.18
CA MET C 166 9.44 28.51 7.43
C MET C 166 8.96 29.40 8.54
N VAL C 167 8.20 28.81 9.47
CA VAL C 167 7.50 29.54 10.52
C VAL C 167 7.97 29.10 11.86
N GLY C 168 8.06 30.06 12.77
CA GLY C 168 8.24 29.82 14.21
C GLY C 168 9.51 30.48 14.72
N ASP C 169 9.97 30.04 15.87
CA ASP C 169 11.23 30.54 16.40
C ASP C 169 12.30 29.87 15.58
N LEU C 170 13.04 30.69 14.84
CA LEU C 170 14.09 30.26 13.92
C LEU C 170 15.50 30.50 14.45
N LYS C 171 15.68 31.47 15.36
CA LYS C 171 17.00 31.84 15.92
C LYS C 171 17.75 30.61 16.39
N HIS C 172 17.19 29.99 17.42
CA HIS C 172 17.73 28.77 17.98
C HIS C 172 17.69 27.67 16.92
N GLY C 173 16.61 27.65 16.15
CA GLY C 173 16.30 26.61 15.18
C GLY C 173 17.49 25.93 14.55
N ARG C 174 17.78 24.72 15.01
CA ARG C 174 18.94 23.95 14.54
C ARG C 174 18.59 22.98 13.37
N THR C 175 17.29 22.77 13.11
CA THR C 175 16.82 21.92 11.98
C THR C 175 16.66 22.58 10.58
N VAL C 176 16.05 23.76 10.52
CA VAL C 176 15.93 24.54 9.25
C VAL C 176 17.21 25.31 8.97
N HIS C 177 18.20 25.28 9.84
CA HIS C 177 19.56 25.70 9.50
C HIS C 177 20.28 24.60 8.63
N SER C 178 19.76 23.39 8.75
CA SER C 178 20.23 22.21 8.01
C SER C 178 19.54 22.13 6.65
N LEU C 179 18.24 22.42 6.65
CA LEU C 179 17.44 22.42 5.41
C LEU C 179 17.56 23.72 4.62
N ALA C 180 17.45 24.84 5.33
CA ALA C 180 17.41 26.16 4.70
C ALA C 180 18.61 26.38 3.81
N CYS C 181 19.79 26.02 4.33
CA CYS C 181 21.06 26.07 3.56
C CYS C 181 21.05 25.13 2.36
N LEU C 182 20.73 23.86 2.63
CA LEU C 182 20.72 22.78 1.62
C LEU C 182 19.70 23.03 0.51
N LEU C 183 18.58 23.65 0.87
CA LEU C 183 17.56 24.06 -0.11
C LEU C 183 18.17 24.81 -1.31
N THR C 184 19.32 25.45 -1.07
CA THR C 184 20.12 26.18 -2.09
C THR C 184 20.87 25.21 -3.08
N GLN C 185 20.39 23.97 -3.16
CA GLN C 185 20.61 23.10 -4.31
C GLN C 185 19.42 23.11 -5.30
N TYR C 186 18.40 23.91 -5.00
CA TYR C 186 17.17 23.95 -5.81
C TYR C 186 16.80 25.39 -6.13
N ARG C 187 15.76 25.55 -6.96
CA ARG C 187 15.20 26.85 -7.35
C ARG C 187 13.94 27.16 -6.57
N VAL C 188 14.11 27.71 -5.38
CA VAL C 188 12.97 27.94 -4.49
C VAL C 188 13.05 29.31 -3.88
N SER C 189 11.89 29.85 -3.58
CA SER C 189 11.84 31.14 -2.96
C SER C 189 11.56 30.97 -1.48
N LEU C 190 12.53 31.37 -0.66
CA LEU C 190 12.45 31.17 0.79
C LEU C 190 11.74 32.33 1.43
N ARG C 191 10.76 32.03 2.25
CA ARG C 191 10.14 33.03 3.09
C ARG C 191 10.37 32.67 4.54
N TYR C 192 10.39 33.69 5.37
CA TYR C 192 10.69 33.52 6.78
C TYR C 192 9.61 34.12 7.66
N VAL C 193 9.19 33.38 8.70
CA VAL C 193 8.23 33.90 9.70
C VAL C 193 8.73 33.66 11.12
N ALA C 194 9.10 34.76 11.77
CA ALA C 194 9.82 34.75 13.05
C ALA C 194 9.47 36.01 13.88
N PRO C 195 9.71 35.98 15.22
CA PRO C 195 9.74 37.12 16.17
C PRO C 195 11.16 37.60 16.39
N PRO C 196 11.46 38.89 16.14
CA PRO C 196 12.89 39.27 16.12
C PRO C 196 13.68 38.99 17.41
N ALA C 206 23.10 34.99 4.69
CA ALA C 206 24.27 35.43 3.89
C ALA C 206 24.79 34.42 2.85
N PHE C 207 24.83 33.14 3.22
CA PHE C 207 25.11 32.05 2.28
C PHE C 207 23.98 31.82 1.30
N VAL C 208 22.73 31.90 1.80
CA VAL C 208 21.56 31.60 0.98
C VAL C 208 21.28 32.66 -0.06
N ALA C 209 21.14 33.91 0.38
CA ALA C 209 20.86 35.03 -0.51
C ALA C 209 21.98 35.27 -1.53
N SER C 210 23.18 34.79 -1.21
CA SER C 210 24.32 34.89 -2.12
C SER C 210 24.04 34.17 -3.44
N ARG C 211 23.58 32.93 -3.32
CA ARG C 211 23.28 32.06 -4.47
C ARG C 211 21.92 32.39 -5.11
N GLY C 212 21.31 33.49 -4.69
CA GLY C 212 20.08 34.02 -5.33
C GLY C 212 18.77 33.43 -4.85
N THR C 213 18.83 32.41 -3.98
CA THR C 213 17.63 31.83 -3.39
C THR C 213 16.89 32.88 -2.57
N LYS C 214 15.84 33.45 -3.17
CA LYS C 214 15.14 34.61 -2.60
C LYS C 214 14.84 34.40 -1.13
N GLN C 215 14.88 35.50 -0.37
CA GLN C 215 14.62 35.45 1.06
C GLN C 215 13.91 36.72 1.52
N GLU C 216 12.72 36.58 2.07
CA GLU C 216 11.95 37.73 2.52
C GLU C 216 11.27 37.48 3.85
N GLU C 217 11.27 38.48 4.70
CA GLU C 217 10.67 38.39 6.02
C GLU C 217 9.19 38.75 5.94
N PHE C 218 8.40 38.14 6.82
CA PHE C 218 6.93 38.33 6.84
C PHE C 218 6.40 38.50 8.26
N GLU C 219 5.23 39.13 8.36
CA GLU C 219 4.61 39.49 9.64
C GLU C 219 4.07 38.29 10.42
N SER C 220 3.51 37.33 9.67
CA SER C 220 2.86 36.15 10.24
C SER C 220 2.55 35.19 9.09
N ILE C 221 1.80 34.12 9.38
CA ILE C 221 1.39 33.13 8.34
C ILE C 221 0.29 33.73 7.47
N GLU C 222 -0.65 34.39 8.14
CA GLU C 222 -1.86 34.95 7.49
C GLU C 222 -1.52 35.91 6.32
N GLU C 223 -0.28 36.40 6.24
CA GLU C 223 0.17 37.20 5.10
C GLU C 223 1.02 36.40 4.10
N ALA C 224 1.95 35.61 4.61
CA ALA C 224 2.94 34.90 3.78
C ALA C 224 2.43 33.63 3.13
N LEU C 225 1.23 33.20 3.49
CA LEU C 225 0.68 31.90 3.07
C LEU C 225 0.15 31.73 1.60
N PRO C 226 -0.40 32.79 0.97
CA PRO C 226 -1.00 32.63 -0.39
C PRO C 226 -0.04 32.21 -1.51
N ASP C 227 1.25 32.44 -1.32
CA ASP C 227 2.31 32.05 -2.28
C ASP C 227 3.20 30.95 -1.74
N THR C 228 2.61 30.09 -0.91
CA THR C 228 3.34 29.12 -0.12
C THR C 228 3.18 27.70 -0.70
N ASP C 229 4.28 27.06 -1.04
CA ASP C 229 4.25 25.64 -1.42
C ASP C 229 4.59 24.68 -0.27
N VAL C 230 5.40 25.14 0.68
CA VAL C 230 5.68 24.36 1.88
C VAL C 230 5.65 25.25 3.13
N LEU C 231 4.83 24.85 4.09
CA LEU C 231 4.71 25.59 5.33
C LEU C 231 5.45 24.84 6.40
N TYR C 232 6.72 25.16 6.54
CA TYR C 232 7.56 24.48 7.50
C TYR C 232 7.42 25.13 8.86
N MET C 233 6.96 24.36 9.83
CA MET C 233 6.57 24.88 11.16
C MET C 233 7.63 24.53 12.20
N THR C 234 7.67 25.28 13.30
CA THR C 234 8.67 25.04 14.39
C THR C 234 8.20 25.41 15.79
N ARG C 235 8.66 24.61 16.75
CA ARG C 235 8.39 24.85 18.15
C ARG C 235 9.05 26.14 18.54
N ILE C 236 8.31 26.95 19.31
CA ILE C 236 8.78 28.27 19.72
C ILE C 236 9.58 28.01 21.01
N GLN C 237 9.02 28.34 22.17
CA GLN C 237 9.52 27.96 23.50
C GLN C 237 8.67 28.92 24.33
N LYS C 238 8.56 28.70 25.63
CA LYS C 238 8.15 29.71 26.59
C LYS C 238 9.33 30.61 26.94
N GLU C 239 10.55 30.13 26.70
CA GLU C 239 11.78 30.95 26.76
C GLU C 239 11.75 32.13 25.80
N ARG C 240 10.89 32.08 24.79
CA ARG C 240 10.69 33.19 23.81
C ARG C 240 10.60 34.60 24.45
N CYS C 250 2.69 37.24 19.78
CA CYS C 250 3.56 36.35 18.98
C CYS C 250 3.11 34.91 18.96
N PHE C 251 2.79 34.37 20.14
CA PHE C 251 2.54 32.94 20.27
C PHE C 251 1.36 32.52 19.43
N GLY C 252 0.27 33.29 19.47
CA GLY C 252 -0.98 32.94 18.74
C GLY C 252 -0.87 33.11 17.23
N GLN C 253 0.08 33.94 16.83
CA GLN C 253 0.29 34.31 15.43
C GLN C 253 0.97 33.16 14.65
N PHE C 254 2.14 32.76 15.14
CA PHE C 254 2.93 31.65 14.57
C PHE C 254 2.34 30.28 14.97
N ILE C 255 1.03 30.17 14.75
CA ILE C 255 0.23 28.98 15.05
C ILE C 255 -0.63 28.74 13.82
N LEU C 256 -0.77 27.48 13.46
CA LEU C 256 -1.60 27.10 12.36
C LEU C 256 -2.83 26.37 12.88
N THR C 257 -3.92 27.12 13.06
CA THR C 257 -5.24 26.51 13.31
C THR C 257 -5.79 26.00 11.97
N PRO C 258 -6.81 25.10 11.99
CA PRO C 258 -7.49 24.80 10.72
C PRO C 258 -8.27 25.95 10.14
N HIS C 259 -8.49 27.03 10.92
CA HIS C 259 -9.22 28.25 10.46
C HIS C 259 -8.32 29.21 9.69
N ILE C 260 -7.02 29.15 9.96
CA ILE C 260 -6.01 29.79 9.10
C ILE C 260 -5.91 29.01 7.77
N MET C 261 -5.77 27.69 7.85
CA MET C 261 -5.52 26.81 6.68
C MET C 261 -6.44 27.00 5.47
N THR C 262 -7.50 27.78 5.63
CA THR C 262 -8.47 28.02 4.56
C THR C 262 -8.04 29.06 3.53
N ARG C 263 -7.10 29.93 3.90
CA ARG C 263 -6.50 30.92 2.94
C ARG C 263 -5.16 30.41 2.43
N ALA C 264 -4.91 29.12 2.65
CA ALA C 264 -3.69 28.46 2.23
C ALA C 264 -3.93 27.73 0.94
N LYS C 265 -2.92 27.72 0.09
CA LYS C 265 -2.97 26.99 -1.19
C LYS C 265 -3.52 25.58 -0.99
N LYS C 266 -4.13 25.03 -2.03
CA LYS C 266 -4.62 23.64 -2.00
C LYS C 266 -3.58 22.66 -2.51
N LYS C 267 -2.65 23.14 -3.36
CA LYS C 267 -1.55 22.35 -3.89
C LYS C 267 -0.30 22.69 -3.09
N MET C 268 -0.39 22.41 -1.80
CA MET C 268 0.61 22.85 -0.84
C MET C 268 0.57 21.89 0.34
N VAL C 269 1.66 21.83 1.06
CA VAL C 269 1.79 20.89 2.16
C VAL C 269 2.54 21.50 3.33
N VAL C 270 2.09 21.14 4.52
CA VAL C 270 2.62 21.75 5.72
C VAL C 270 3.40 20.69 6.48
N MET C 271 4.61 21.08 6.87
CA MET C 271 5.58 20.16 7.45
C MET C 271 5.96 20.61 8.84
N HIS C 272 6.38 19.62 9.63
CA HIS C 272 6.97 19.84 10.94
C HIS C 272 8.04 18.77 11.21
N PRO C 273 9.25 19.18 11.64
CA PRO C 273 10.26 18.21 12.07
C PRO C 273 9.84 17.48 13.30
N MET C 274 9.17 18.21 14.20
CA MET C 274 8.65 17.67 15.48
C MET C 274 9.81 17.50 16.46
N PRO C 275 9.54 17.47 17.77
CA PRO C 275 8.20 17.51 18.39
C PRO C 275 7.45 18.84 18.31
N ARG C 276 6.14 18.75 18.60
CA ARG C 276 5.24 19.92 18.64
C ARG C 276 4.49 19.91 19.95
N VAL C 277 3.67 20.94 20.13
CA VAL C 277 2.80 21.11 21.32
C VAL C 277 1.44 21.80 21.01
N ASN C 278 1.46 23.12 20.93
CA ASN C 278 0.29 23.97 20.67
C ASN C 278 0.31 24.70 19.31
N GLU C 279 1.47 24.68 18.64
CA GLU C 279 1.70 25.49 17.43
C GLU C 279 0.83 25.08 16.24
N ILE C 280 0.72 23.78 16.00
CA ILE C 280 -0.18 23.24 14.97
C ILE C 280 -1.38 22.63 15.68
N SER C 281 -2.56 23.16 15.39
CA SER C 281 -3.77 22.81 16.12
C SER C 281 -4.17 21.36 15.85
N VAL C 282 -4.34 20.59 16.93
CA VAL C 282 -4.60 19.16 16.85
C VAL C 282 -5.62 18.84 15.76
N GLU C 283 -6.59 19.74 15.53
CA GLU C 283 -7.62 19.54 14.46
C GLU C 283 -7.11 19.84 13.06
N VAL C 284 -5.82 20.14 12.95
CA VAL C 284 -5.09 20.17 11.68
C VAL C 284 -4.49 18.77 11.40
N ASP C 285 -4.67 17.76 12.29
CA ASP C 285 -4.17 16.39 12.03
C ASP C 285 -4.81 15.80 10.76
N SER C 286 -6.15 15.70 10.81
CA SER C 286 -6.96 15.14 9.71
C SER C 286 -7.21 16.15 8.55
N ASP C 287 -6.17 16.35 7.72
CA ASP C 287 -6.15 17.33 6.62
C ASP C 287 -5.15 16.92 5.51
N PRO C 288 -5.60 16.40 4.35
CA PRO C 288 -4.71 15.91 3.28
C PRO C 288 -3.50 16.77 2.85
N ARG C 289 -3.52 18.05 3.21
CA ARG C 289 -2.31 18.90 3.13
C ARG C 289 -1.34 18.76 4.32
N ALA C 290 -1.68 17.94 5.29
CA ALA C 290 -0.89 17.73 6.49
C ALA C 290 0.08 16.58 6.28
N ALA C 291 1.31 16.95 5.95
CA ALA C 291 2.40 15.98 5.71
C ALA C 291 3.47 15.93 6.78
N TYR C 292 3.12 16.37 7.99
CA TYR C 292 4.09 16.37 9.11
C TYR C 292 4.24 15.01 9.79
N PHE C 293 3.21 14.18 9.72
CA PHE C 293 3.27 12.79 10.28
C PHE C 293 3.90 11.79 9.31
N ARG C 294 3.55 11.92 8.05
CA ARG C 294 4.26 11.23 6.95
C ARG C 294 5.71 11.66 6.78
N GLN C 295 5.99 12.90 7.15
CA GLN C 295 7.37 13.40 7.24
C GLN C 295 8.19 12.49 8.19
N ALA C 296 7.65 12.26 9.37
CA ALA C 296 8.28 11.37 10.33
C ALA C 296 8.49 9.97 9.77
N GLU C 297 7.48 9.45 9.06
CA GLU C 297 7.52 8.10 8.45
C GLU C 297 8.63 7.99 7.40
N ASN C 298 8.81 9.06 6.61
CA ASN C 298 9.72 9.10 5.45
C ASN C 298 11.20 9.19 5.86
N GLY C 299 11.46 9.64 7.08
CA GLY C 299 12.82 9.62 7.60
C GLY C 299 13.35 8.21 7.69
N MET C 300 12.58 7.34 8.32
CA MET C 300 12.96 5.94 8.51
C MET C 300 13.63 5.36 7.26
N TYR C 301 13.17 5.82 6.10
CA TYR C 301 13.71 5.37 4.81
C TYR C 301 14.92 6.13 4.28
N ILE C 302 15.18 7.34 4.79
CA ILE C 302 16.46 8.04 4.50
C ILE C 302 17.55 7.31 5.25
N ARG C 303 17.23 6.82 6.46
CA ARG C 303 18.19 6.12 7.31
C ARG C 303 18.52 4.77 6.72
N MET C 304 17.48 4.09 6.29
CA MET C 304 17.66 2.86 5.54
C MET C 304 18.37 3.17 4.24
N ALA C 305 17.98 4.29 3.63
CA ALA C 305 18.63 4.78 2.40
C ALA C 305 20.10 5.18 2.64
N LEU C 306 20.37 5.68 3.84
CA LEU C 306 21.68 6.14 4.27
C LEU C 306 22.50 5.00 4.91
N LEU C 307 22.06 4.52 6.07
CA LEU C 307 22.74 3.43 6.76
C LEU C 307 23.23 2.37 5.78
N ALA C 308 22.32 1.92 4.94
CA ALA C 308 22.57 0.81 4.03
C ALA C 308 23.71 1.15 3.10
N THR C 309 23.63 2.33 2.49
CA THR C 309 24.71 2.86 1.63
C THR C 309 26.01 3.09 2.38
N VAL C 310 25.90 3.78 3.52
CA VAL C 310 27.06 4.09 4.40
C VAL C 310 27.79 2.81 4.84
N LEU C 311 27.15 1.67 4.67
CA LEU C 311 27.75 0.36 5.02
C LEU C 311 28.09 -0.55 3.84
N GLY C 312 27.90 -0.04 2.63
CA GLY C 312 28.37 -0.74 1.43
C GLY C 312 27.49 -1.86 0.94
N ARG C 313 26.36 -2.08 1.61
CA ARG C 313 25.44 -3.17 1.26
C ARG C 313 24.43 -2.69 0.24
N PHE C 314 24.57 -1.42 -0.13
CA PHE C 314 23.83 -0.83 -1.23
C PHE C 314 24.41 0.54 -1.58
N LEU D 10 -38.22 21.57 -22.91
CA LEU D 10 -38.22 20.15 -23.40
C LEU D 10 -38.17 19.05 -22.32
N VAL D 11 -38.20 19.44 -21.04
CA VAL D 11 -37.88 18.51 -19.94
C VAL D 11 -38.73 17.24 -20.01
N GLY D 12 -38.11 16.16 -20.46
CA GLY D 12 -38.80 14.90 -20.64
C GLY D 12 -39.17 14.64 -22.09
N GLN D 13 -39.25 15.68 -22.90
CA GLN D 13 -39.71 15.57 -24.29
C GLN D 13 -38.75 14.67 -25.04
N HIS D 14 -39.29 13.90 -25.96
CA HIS D 14 -38.47 13.10 -26.86
C HIS D 14 -37.97 14.07 -27.91
N ILE D 15 -36.93 13.69 -28.64
CA ILE D 15 -36.41 14.55 -29.71
C ILE D 15 -36.23 13.68 -30.95
N LEU D 16 -37.27 13.65 -31.77
CA LEU D 16 -37.36 12.65 -32.85
C LEU D 16 -37.39 13.21 -34.27
N SER D 17 -37.99 14.36 -34.46
CA SER D 17 -38.03 14.99 -35.74
C SER D 17 -37.82 16.47 -35.54
N VAL D 18 -37.45 17.15 -36.61
CA VAL D 18 -37.04 18.54 -36.53
C VAL D 18 -38.27 19.46 -36.51
N GLN D 19 -39.45 18.85 -36.66
CA GLN D 19 -40.74 19.55 -36.72
C GLN D 19 -41.15 20.20 -35.39
N GLN D 20 -40.51 19.78 -34.30
CA GLN D 20 -40.92 20.11 -32.93
C GLN D 20 -40.18 21.31 -32.34
N PHE D 21 -39.31 21.92 -33.15
CA PHE D 21 -38.51 23.03 -32.72
C PHE D 21 -39.11 24.35 -33.21
N THR D 22 -39.00 25.33 -32.34
CA THR D 22 -39.51 26.66 -32.50
C THR D 22 -38.26 27.52 -32.65
N LYS D 23 -38.42 28.78 -33.03
CA LYS D 23 -37.28 29.69 -33.13
C LYS D 23 -36.88 30.20 -31.74
N ASP D 24 -37.87 30.50 -30.89
CA ASP D 24 -37.59 30.93 -29.49
C ASP D 24 -36.89 29.82 -28.71
N GLN D 25 -37.26 28.56 -29.00
CA GLN D 25 -36.61 27.40 -28.39
C GLN D 25 -35.17 27.28 -28.87
N MET D 26 -34.97 27.25 -30.19
CA MET D 26 -33.61 27.11 -30.76
C MET D 26 -32.68 28.22 -30.29
N SER D 27 -33.13 29.47 -30.39
CA SER D 27 -32.33 30.61 -29.98
C SER D 27 -31.88 30.40 -28.50
N HIS D 28 -32.83 30.04 -27.62
CA HIS D 28 -32.51 29.56 -26.24
C HIS D 28 -31.52 28.41 -26.32
N LEU D 29 -31.93 27.38 -27.04
CA LEU D 29 -31.07 26.21 -27.27
C LEU D 29 -29.65 26.58 -27.74
N PHE D 30 -29.55 27.69 -28.48
CA PHE D 30 -28.27 28.27 -28.86
C PHE D 30 -27.63 29.10 -27.76
N ASN D 31 -28.46 29.89 -27.07
CA ASN D 31 -27.99 30.72 -25.93
C ASN D 31 -27.43 29.87 -24.77
N VAL D 32 -27.91 28.63 -24.66
CA VAL D 32 -27.39 27.64 -23.72
C VAL D 32 -26.00 27.16 -24.13
N ALA D 33 -25.85 26.83 -25.42
CA ALA D 33 -24.61 26.27 -25.97
C ALA D 33 -23.44 27.23 -25.81
N HIS D 34 -23.65 28.47 -26.19
CA HIS D 34 -22.62 29.45 -25.99
C HIS D 34 -22.21 29.58 -24.53
N THR D 35 -23.21 29.68 -23.66
CA THR D 35 -22.99 29.78 -22.23
C THR D 35 -22.26 28.55 -21.68
N LEU D 36 -22.67 27.37 -22.13
CA LEU D 36 -21.97 26.13 -21.74
C LEU D 36 -20.58 26.03 -22.33
N ARG D 37 -20.43 26.53 -23.54
CA ARG D 37 -19.13 26.58 -24.21
C ARG D 37 -18.19 27.44 -23.39
N MET D 38 -18.67 28.64 -23.05
CA MET D 38 -17.81 29.67 -22.49
C MET D 38 -17.41 29.32 -21.07
N MET D 39 -18.21 28.51 -20.40
CA MET D 39 -17.82 27.93 -19.10
C MET D 39 -16.60 27.05 -19.25
N VAL D 40 -16.59 26.24 -20.31
CA VAL D 40 -15.49 25.31 -20.63
C VAL D 40 -14.26 26.11 -21.04
N GLN D 41 -14.45 27.11 -21.90
CA GLN D 41 -13.33 27.98 -22.35
C GLN D 41 -12.54 28.60 -21.22
N LYS D 42 -13.21 28.85 -20.10
CA LYS D 42 -12.62 29.45 -18.90
C LYS D 42 -12.41 28.41 -17.78
N GLU D 43 -12.90 27.21 -18.00
CA GLU D 43 -12.74 26.08 -17.08
C GLU D 43 -13.54 26.26 -15.80
N ARG D 44 -14.86 26.27 -15.97
CA ARG D 44 -15.81 26.30 -14.87
C ARG D 44 -16.37 24.91 -14.71
N SER D 45 -16.50 24.52 -13.45
CA SER D 45 -17.01 23.21 -13.04
C SER D 45 -18.39 23.05 -13.66
N LEU D 46 -18.74 21.83 -14.05
CA LEU D 46 -20.07 21.53 -14.60
C LEU D 46 -20.62 20.25 -13.99
N ASP D 47 -21.06 20.34 -12.73
CA ASP D 47 -21.73 19.23 -12.05
C ASP D 47 -23.22 19.15 -12.45
N ILE D 48 -23.50 19.45 -13.71
CA ILE D 48 -24.86 19.72 -14.17
C ILE D 48 -25.64 18.43 -14.27
N LEU D 49 -25.07 17.46 -14.96
CA LEU D 49 -25.62 16.10 -15.10
C LEU D 49 -24.76 15.11 -14.35
N LYS D 50 -24.23 15.57 -13.24
CA LYS D 50 -23.50 14.71 -12.32
C LYS D 50 -24.57 13.79 -11.73
N GLY D 51 -24.38 12.49 -11.87
CA GLY D 51 -25.27 11.51 -11.28
C GLY D 51 -26.31 10.96 -12.23
N LYS D 52 -26.69 11.74 -13.25
CA LYS D 52 -27.54 11.23 -14.35
C LYS D 52 -26.68 10.35 -15.24
N VAL D 53 -27.32 9.55 -16.08
CA VAL D 53 -26.62 8.64 -17.00
C VAL D 53 -27.25 8.66 -18.37
N MET D 54 -26.40 8.58 -19.39
CA MET D 54 -26.85 8.51 -20.77
C MET D 54 -26.52 7.15 -21.36
N ALA D 55 -27.53 6.59 -22.01
CA ALA D 55 -27.47 5.28 -22.68
C ALA D 55 -27.34 5.45 -24.19
N SER D 56 -26.19 5.10 -24.73
CA SER D 56 -25.92 5.32 -26.16
C SER D 56 -26.34 4.08 -26.89
N MET D 57 -27.14 4.23 -27.93
CA MET D 57 -27.60 3.05 -28.70
C MET D 57 -27.58 3.37 -30.18
N PHE D 58 -26.58 2.85 -30.87
CA PHE D 58 -26.31 3.20 -32.25
C PHE D 58 -26.17 1.91 -33.04
N TYR D 59 -27.03 1.75 -34.05
CA TYR D 59 -27.09 0.53 -34.89
C TYR D 59 -26.55 0.79 -36.31
N GLU D 60 -26.36 2.07 -36.61
CA GLU D 60 -25.58 2.49 -37.76
C GLU D 60 -24.14 2.59 -37.31
N VAL D 61 -23.24 2.74 -38.25
CA VAL D 61 -21.82 2.99 -37.95
C VAL D 61 -21.50 4.49 -37.94
N SER D 62 -21.18 5.02 -36.78
CA SER D 62 -20.83 6.45 -36.61
C SER D 62 -19.63 6.67 -35.72
N THR D 63 -19.03 7.86 -35.81
CA THR D 63 -18.05 8.34 -34.79
C THR D 63 -17.92 9.88 -34.75
N ARG D 64 -19.05 10.57 -34.83
CA ARG D 64 -19.10 12.03 -34.74
C ARG D 64 -20.27 12.47 -33.88
N THR D 65 -21.46 11.97 -34.21
CA THR D 65 -22.65 12.15 -33.41
C THR D 65 -22.46 11.57 -32.01
N SER D 66 -22.05 10.30 -31.97
CA SER D 66 -21.87 9.55 -30.71
C SER D 66 -20.75 10.10 -29.88
N SER D 67 -19.63 10.42 -30.53
CA SER D 67 -18.47 10.99 -29.83
C SER D 67 -18.85 12.31 -29.18
N SER D 68 -19.29 13.26 -30.01
CA SER D 68 -19.81 14.55 -29.51
C SER D 68 -20.77 14.34 -28.34
N PHE D 69 -21.76 13.47 -28.56
CA PHE D 69 -22.67 13.04 -27.48
C PHE D 69 -21.96 12.52 -26.22
N ALA D 70 -20.90 11.75 -26.44
CA ALA D 70 -20.09 11.23 -25.35
C ALA D 70 -19.32 12.35 -24.63
N ALA D 71 -18.65 13.20 -25.41
CA ALA D 71 -17.91 14.32 -24.87
C ALA D 71 -18.87 15.18 -24.08
N ALA D 72 -20.00 15.45 -24.73
CA ALA D 72 -21.04 16.34 -24.18
C ALA D 72 -21.47 15.88 -22.78
N MET D 73 -21.93 14.62 -22.69
CA MET D 73 -22.38 14.03 -21.42
C MET D 73 -21.27 14.02 -20.36
N ALA D 74 -20.09 13.62 -20.80
CA ALA D 74 -18.91 13.55 -19.94
C ALA D 74 -18.46 14.91 -19.42
N ARG D 75 -18.72 15.95 -20.20
CA ARG D 75 -18.36 17.32 -19.84
C ARG D 75 -19.26 17.96 -18.79
N LEU D 76 -20.55 17.61 -18.79
CA LEU D 76 -21.49 18.17 -17.83
C LEU D 76 -21.45 17.42 -16.50
N GLY D 77 -20.63 16.36 -16.47
CA GLY D 77 -20.39 15.56 -15.26
C GLY D 77 -20.97 14.17 -15.34
N GLY D 78 -21.77 13.91 -16.38
CA GLY D 78 -22.41 12.61 -16.55
C GLY D 78 -21.53 11.47 -17.04
N ALA D 79 -22.13 10.30 -17.15
CA ALA D 79 -21.46 9.09 -17.61
C ALA D 79 -22.21 8.54 -18.82
N VAL D 80 -21.57 7.63 -19.56
CA VAL D 80 -22.19 7.07 -20.77
C VAL D 80 -22.09 5.54 -20.93
N LEU D 81 -23.23 4.96 -21.26
CA LEU D 81 -23.31 3.52 -21.43
C LEU D 81 -22.95 3.20 -22.86
N SER D 82 -21.71 2.74 -22.98
CA SER D 82 -21.24 2.09 -24.18
C SER D 82 -22.10 0.86 -24.45
N PHE D 83 -23.08 0.99 -25.34
CA PHE D 83 -23.92 -0.19 -25.76
C PHE D 83 -23.49 -0.73 -27.14
N SER D 84 -22.83 -1.88 -27.14
CA SER D 84 -22.37 -2.50 -28.38
C SER D 84 -23.31 -3.69 -28.70
N GLU D 85 -24.22 -3.47 -29.65
CA GLU D 85 -25.21 -4.48 -30.04
C GLU D 85 -24.51 -5.80 -30.36
N ALA D 86 -23.38 -5.68 -31.07
CA ALA D 86 -22.50 -6.82 -31.40
C ALA D 86 -22.25 -7.76 -30.21
N THR D 87 -22.01 -7.18 -29.02
CA THR D 87 -21.78 -7.92 -27.77
C THR D 87 -22.98 -7.88 -26.86
N SER D 88 -24.15 -7.66 -27.42
CA SER D 88 -25.38 -7.55 -26.64
C SER D 88 -26.28 -8.75 -26.87
N SER D 89 -27.29 -8.88 -26.02
CA SER D 89 -28.23 -10.00 -26.11
C SER D 89 -28.81 -10.24 -27.52
N VAL D 90 -28.37 -9.44 -28.52
CA VAL D 90 -28.90 -9.49 -29.91
C VAL D 90 -28.55 -10.84 -30.51
N GLU D 94 -33.45 -10.84 -28.64
CA GLU D 94 -34.47 -10.09 -27.90
C GLU D 94 -34.87 -8.83 -28.67
N SER D 95 -36.03 -8.28 -28.29
CA SER D 95 -36.58 -7.13 -29.01
C SER D 95 -35.69 -5.88 -28.88
N LEU D 96 -35.76 -5.01 -29.89
CA LEU D 96 -35.08 -3.72 -29.82
C LEU D 96 -35.69 -2.89 -28.71
N ALA D 97 -37.03 -2.85 -28.66
CA ALA D 97 -37.72 -2.17 -27.54
C ALA D 97 -37.26 -2.77 -26.21
N ASP D 98 -37.27 -4.10 -26.16
CA ASP D 98 -36.84 -4.87 -24.99
C ASP D 98 -35.54 -4.29 -24.47
N SER D 99 -34.59 -4.10 -25.39
CA SER D 99 -33.27 -3.59 -25.04
C SER D 99 -33.35 -2.13 -24.68
N VAL D 100 -33.98 -1.37 -25.58
CA VAL D 100 -34.06 0.09 -25.43
C VAL D 100 -34.73 0.46 -24.09
N GLN D 101 -35.81 -0.26 -23.77
CA GLN D 101 -36.48 -0.13 -22.47
C GLN D 101 -35.61 -0.64 -21.30
N THR D 102 -34.94 -1.77 -21.53
CA THR D 102 -34.02 -2.32 -20.53
C THR D 102 -33.00 -1.27 -20.14
N MET D 103 -32.39 -0.68 -21.17
CA MET D 103 -31.41 0.41 -21.00
C MET D 103 -32.06 1.62 -20.39
N SER D 104 -33.35 1.79 -20.69
CA SER D 104 -34.15 2.85 -20.05
C SER D 104 -34.32 2.63 -18.55
N CYS D 105 -33.98 1.42 -18.07
CA CYS D 105 -33.96 1.14 -16.63
C CYS D 105 -32.72 1.68 -15.93
N TYR D 106 -31.61 1.73 -16.68
CA TYR D 106 -30.25 2.04 -16.14
C TYR D 106 -29.71 3.43 -16.43
N ALA D 107 -30.50 4.20 -17.17
CA ALA D 107 -30.08 5.50 -17.66
C ALA D 107 -31.22 6.50 -17.49
N ASP D 108 -30.92 7.75 -17.80
CA ASP D 108 -31.91 8.84 -17.71
C ASP D 108 -32.26 9.53 -19.03
N VAL D 109 -31.45 9.34 -20.06
CA VAL D 109 -31.83 9.74 -21.42
C VAL D 109 -31.51 8.59 -22.33
N VAL D 110 -31.65 8.83 -23.63
CA VAL D 110 -31.26 7.86 -24.65
C VAL D 110 -30.92 8.58 -25.97
N VAL D 111 -29.93 8.03 -26.65
CA VAL D 111 -29.48 8.52 -27.92
C VAL D 111 -29.45 7.31 -28.83
N LEU D 112 -30.49 7.22 -29.65
CA LEU D 112 -30.68 6.07 -30.48
C LEU D 112 -30.49 6.46 -31.91
N ARG D 113 -29.87 5.56 -32.66
CA ARG D 113 -29.67 5.76 -34.08
C ARG D 113 -29.91 4.44 -34.79
N HIS D 114 -30.94 4.42 -35.64
CA HIS D 114 -31.34 3.21 -36.36
C HIS D 114 -31.58 3.52 -37.83
N PRO D 115 -31.10 2.66 -38.76
CA PRO D 115 -31.36 2.93 -40.18
C PRO D 115 -32.82 2.64 -40.58
N GLN D 116 -33.39 1.59 -40.00
CA GLN D 116 -34.71 1.08 -40.41
C GLN D 116 -35.80 2.18 -40.42
N PRO D 117 -36.78 2.09 -41.36
CA PRO D 117 -37.87 3.06 -41.31
C PRO D 117 -38.69 2.99 -40.01
N GLY D 118 -38.39 3.93 -39.12
CA GLY D 118 -39.19 4.11 -37.91
C GLY D 118 -38.97 3.06 -36.84
N ALA D 119 -37.78 2.46 -36.82
CA ALA D 119 -37.36 1.67 -35.66
C ALA D 119 -37.22 2.58 -34.44
N VAL D 120 -36.88 3.84 -34.72
CA VAL D 120 -36.64 4.85 -33.67
C VAL D 120 -37.95 5.35 -33.08
N GLU D 121 -38.85 5.87 -33.93
CA GLU D 121 -40.21 6.31 -33.51
C GLU D 121 -40.83 5.30 -32.57
N LEU D 122 -40.71 4.02 -32.94
CA LEU D 122 -41.24 2.90 -32.17
C LEU D 122 -40.59 2.90 -30.79
N ALA D 123 -39.29 2.66 -30.77
CA ALA D 123 -38.55 2.52 -29.52
C ALA D 123 -38.79 3.72 -28.61
N ALA D 124 -38.84 4.89 -29.23
CA ALA D 124 -39.13 6.14 -28.54
C ALA D 124 -40.51 6.06 -27.93
N LYS D 125 -41.46 5.68 -28.78
CA LYS D 125 -42.91 5.73 -28.47
C LYS D 125 -43.21 5.38 -27.01
N HIS D 126 -42.87 4.16 -26.65
CA HIS D 126 -42.98 3.67 -25.30
C HIS D 126 -41.57 3.64 -24.79
N CYS D 127 -41.31 4.49 -23.80
CA CYS D 127 -40.02 4.57 -23.15
C CYS D 127 -40.21 5.37 -21.86
N ARG D 128 -39.84 4.77 -20.73
CA ARG D 128 -39.98 5.45 -19.41
C ARG D 128 -39.11 6.67 -19.34
N ARG D 129 -38.18 6.76 -20.30
CA ARG D 129 -37.16 7.78 -20.37
C ARG D 129 -37.13 8.37 -21.78
N PRO D 130 -36.62 9.60 -21.92
CA PRO D 130 -36.64 10.30 -23.19
C PRO D 130 -35.61 9.82 -24.20
N VAL D 131 -35.93 9.99 -25.48
CA VAL D 131 -35.08 9.52 -26.56
C VAL D 131 -34.76 10.68 -27.50
N ILE D 132 -33.47 10.84 -27.79
CA ILE D 132 -32.98 11.89 -28.68
C ILE D 132 -32.50 11.24 -29.95
N ASN D 133 -33.21 11.52 -31.03
CA ASN D 133 -32.82 10.95 -32.33
C ASN D 133 -31.38 11.27 -32.66
N ALA D 134 -30.78 10.42 -33.46
CA ALA D 134 -29.51 10.72 -34.12
C ALA D 134 -29.47 10.25 -35.58
N GLY D 135 -30.53 9.59 -35.99
CA GLY D 135 -30.65 9.07 -37.33
C GLY D 135 -31.81 8.08 -37.36
N ASP D 136 -32.49 8.09 -38.49
CA ASP D 136 -33.58 7.16 -38.75
C ASP D 136 -33.52 6.81 -40.24
N GLY D 137 -34.43 5.97 -40.71
CA GLY D 137 -34.54 5.67 -42.14
C GLY D 137 -35.29 6.72 -42.95
N VAL D 138 -36.11 7.53 -42.25
CA VAL D 138 -36.89 8.60 -42.90
C VAL D 138 -35.96 9.78 -43.25
N GLY D 139 -34.79 9.81 -42.61
CA GLY D 139 -33.76 10.78 -42.88
C GLY D 139 -33.68 11.93 -41.91
N GLU D 140 -34.45 11.90 -40.80
CA GLU D 140 -34.47 13.03 -39.80
C GLU D 140 -33.39 13.00 -38.77
N HIS D 141 -32.72 14.13 -38.61
CA HIS D 141 -31.46 14.26 -37.89
C HIS D 141 -31.43 15.62 -37.17
N PRO D 142 -32.32 15.79 -36.18
CA PRO D 142 -32.53 17.11 -35.62
C PRO D 142 -31.29 17.76 -35.05
N THR D 143 -30.44 16.96 -34.40
CA THR D 143 -29.21 17.45 -33.75
C THR D 143 -28.23 18.01 -34.79
N GLN D 144 -28.10 17.34 -35.94
CA GLN D 144 -27.30 17.84 -37.08
C GLN D 144 -27.85 19.16 -37.56
N ALA D 145 -29.14 19.15 -37.90
CA ALA D 145 -29.79 20.37 -38.41
C ALA D 145 -29.63 21.45 -37.38
N LEU D 146 -29.88 21.08 -36.14
CA LEU D 146 -29.76 22.00 -35.01
C LEU D 146 -28.40 22.71 -34.98
N LEU D 147 -27.36 21.89 -35.12
CA LEU D 147 -25.98 22.25 -35.10
C LEU D 147 -25.57 23.10 -36.26
N ASP D 148 -26.07 22.68 -37.41
CA ASP D 148 -25.70 23.32 -38.65
C ASP D 148 -26.09 24.78 -38.57
N ILE D 149 -27.16 25.11 -37.85
CA ILE D 149 -27.57 26.52 -37.66
C ILE D 149 -26.54 27.33 -36.88
N PHE D 150 -26.17 26.89 -35.69
CA PHE D 150 -25.26 27.70 -34.87
C PHE D 150 -24.03 28.07 -35.67
N THR D 151 -23.55 27.12 -36.46
CA THR D 151 -22.44 27.36 -37.38
C THR D 151 -22.81 28.51 -38.30
N ILE D 152 -23.98 28.40 -38.91
CA ILE D 152 -24.49 29.37 -39.88
C ILE D 152 -24.69 30.72 -39.26
N ARG D 153 -25.18 30.73 -38.04
CA ARG D 153 -25.45 31.96 -37.29
C ARG D 153 -24.14 32.54 -36.77
N GLU D 154 -23.34 31.68 -36.14
CA GLU D 154 -22.04 32.09 -35.55
C GLU D 154 -21.09 32.59 -36.59
N GLU D 155 -21.04 31.84 -37.68
CA GLU D 155 -20.04 32.06 -38.71
C GLU D 155 -20.28 33.34 -39.51
N LEU D 156 -21.55 33.68 -39.72
CA LEU D 156 -21.92 34.79 -40.63
C LEU D 156 -22.68 35.97 -39.97
N GLY D 157 -22.89 35.90 -38.66
CA GLY D 157 -23.49 37.00 -37.90
C GLY D 157 -24.96 36.82 -37.65
N THR D 158 -25.70 36.51 -38.71
CA THR D 158 -27.13 36.20 -38.62
C THR D 158 -27.46 35.04 -39.56
N VAL D 159 -28.69 34.54 -39.46
CA VAL D 159 -29.18 33.43 -40.31
C VAL D 159 -30.01 33.94 -41.47
N ASN D 160 -30.87 34.90 -41.14
CA ASN D 160 -31.76 35.55 -42.12
C ASN D 160 -30.99 36.34 -43.15
N GLY D 161 -31.32 36.09 -44.40
CA GLY D 161 -30.74 36.78 -45.55
C GLY D 161 -29.80 35.86 -46.33
N MET D 162 -29.24 34.86 -45.66
CA MET D 162 -28.18 34.03 -46.26
C MET D 162 -28.73 33.22 -47.40
N THR D 163 -27.89 32.98 -48.39
CA THR D 163 -28.21 32.12 -49.50
C THR D 163 -27.40 30.87 -49.30
N ILE D 164 -28.02 29.71 -49.49
CA ILE D 164 -27.42 28.45 -49.05
C ILE D 164 -27.26 27.48 -50.22
N THR D 165 -26.01 27.31 -50.64
CA THR D 165 -25.64 26.34 -51.68
C THR D 165 -25.39 24.97 -51.07
N MET D 166 -26.36 24.09 -51.23
CA MET D 166 -26.19 22.73 -50.80
C MET D 166 -25.73 21.96 -52.00
N VAL D 167 -24.55 21.35 -51.87
CA VAL D 167 -23.87 20.65 -52.96
C VAL D 167 -23.67 19.19 -52.67
N GLY D 168 -23.82 18.37 -53.71
CA GLY D 168 -23.45 16.95 -53.70
C GLY D 168 -24.65 16.08 -54.00
N ASP D 169 -24.53 14.80 -53.68
CA ASP D 169 -25.67 13.89 -53.84
C ASP D 169 -26.62 14.22 -52.69
N LEU D 170 -27.79 14.73 -53.06
CA LEU D 170 -28.81 15.17 -52.12
C LEU D 170 -30.00 14.21 -52.02
N LYS D 171 -30.25 13.41 -53.08
CA LYS D 171 -31.36 12.44 -53.14
C LYS D 171 -31.41 11.55 -51.90
N HIS D 172 -30.38 10.72 -51.75
CA HIS D 172 -30.20 9.85 -50.55
C HIS D 172 -30.04 10.75 -49.30
N GLY D 173 -29.37 11.90 -49.47
CA GLY D 173 -29.05 12.85 -48.37
C GLY D 173 -30.02 12.91 -47.21
N ARG D 174 -29.60 12.33 -46.08
CA ARG D 174 -30.43 12.25 -44.86
C ARG D 174 -30.23 13.43 -43.90
N THR D 175 -29.12 14.14 -44.07
CA THR D 175 -28.82 15.33 -43.24
C THR D 175 -29.44 16.60 -43.84
N VAL D 176 -29.51 16.63 -45.17
CA VAL D 176 -29.99 17.82 -45.92
C VAL D 176 -31.49 18.00 -45.82
N HIS D 177 -32.22 16.92 -45.51
CA HIS D 177 -33.67 17.03 -45.27
C HIS D 177 -34.01 17.45 -43.89
N SER D 178 -33.02 17.39 -43.02
CA SER D 178 -33.19 17.83 -41.63
C SER D 178 -32.99 19.36 -41.52
N LEU D 179 -31.96 19.86 -42.20
CA LEU D 179 -31.64 21.28 -42.21
C LEU D 179 -32.47 22.02 -43.22
N ALA D 180 -32.55 21.48 -44.43
CA ALA D 180 -33.20 22.17 -45.58
C ALA D 180 -34.62 22.58 -45.22
N CYS D 181 -35.34 21.64 -44.61
CA CYS D 181 -36.72 21.90 -44.12
C CYS D 181 -36.73 22.97 -43.03
N LEU D 182 -35.91 22.74 -42.00
CA LEU D 182 -35.83 23.62 -40.80
C LEU D 182 -35.37 25.03 -41.13
N LEU D 183 -34.49 25.14 -42.11
CA LEU D 183 -34.06 26.42 -42.65
C LEU D 183 -35.25 27.37 -42.95
N THR D 184 -36.41 26.78 -43.25
CA THR D 184 -37.64 27.53 -43.52
C THR D 184 -38.14 28.39 -42.32
N GLN D 185 -37.48 28.30 -41.16
CA GLN D 185 -37.77 29.20 -40.04
C GLN D 185 -37.05 30.54 -40.22
N TYR D 186 -36.35 30.69 -41.34
CA TYR D 186 -35.55 31.89 -41.61
C TYR D 186 -35.85 32.41 -43.02
N ARG D 187 -35.25 33.57 -43.33
CA ARG D 187 -35.36 34.21 -44.66
C ARG D 187 -34.10 33.95 -45.45
N VAL D 188 -34.06 32.82 -46.13
CA VAL D 188 -32.87 32.45 -46.88
C VAL D 188 -33.24 31.96 -48.25
N SER D 189 -32.33 32.16 -49.20
CA SER D 189 -32.54 31.66 -50.56
C SER D 189 -31.78 30.36 -50.69
N LEU D 190 -32.53 29.28 -50.90
CA LEU D 190 -31.92 27.95 -51.03
C LEU D 190 -31.53 27.70 -52.46
N ARG D 191 -30.29 27.26 -52.65
CA ARG D 191 -29.82 26.80 -53.95
C ARG D 191 -29.43 25.35 -53.83
N TYR D 192 -29.52 24.63 -54.94
CA TYR D 192 -29.28 23.20 -54.95
C TYR D 192 -28.29 22.81 -56.02
N VAL D 193 -27.33 21.95 -55.66
CA VAL D 193 -26.35 21.42 -56.64
C VAL D 193 -26.23 19.90 -56.53
N ALA D 194 -26.68 19.22 -57.58
CA ALA D 194 -26.82 17.79 -57.56
C ALA D 194 -26.47 17.18 -58.90
N PRO D 195 -26.01 15.90 -58.90
CA PRO D 195 -25.97 15.07 -60.11
C PRO D 195 -27.37 14.64 -60.47
N PRO D 196 -27.85 14.97 -61.68
CA PRO D 196 -29.27 14.76 -62.03
C PRO D 196 -29.98 13.48 -61.55
N SER D 197 -29.22 12.46 -61.17
CA SER D 197 -29.75 11.22 -60.58
C SER D 197 -30.48 11.44 -59.23
N MET D 200 -31.83 17.16 -54.92
CA MET D 200 -32.83 17.00 -53.87
C MET D 200 -34.10 16.20 -54.13
N PRO D 201 -34.45 15.24 -53.22
CA PRO D 201 -35.65 14.43 -53.43
C PRO D 201 -36.89 15.28 -53.64
N PRO D 202 -37.42 15.25 -54.88
CA PRO D 202 -38.68 15.97 -55.09
C PRO D 202 -39.88 15.31 -54.31
N THR D 203 -39.70 14.87 -53.06
CA THR D 203 -40.76 14.35 -52.21
C THR D 203 -41.10 15.31 -51.07
N VAL D 204 -40.11 15.57 -50.22
CA VAL D 204 -40.23 16.56 -49.15
C VAL D 204 -40.35 17.98 -49.72
N ARG D 205 -39.86 18.18 -50.94
CA ARG D 205 -39.86 19.49 -51.59
C ARG D 205 -41.31 19.98 -51.83
N ALA D 206 -42.33 19.15 -51.56
CA ALA D 206 -43.75 19.61 -51.62
C ALA D 206 -44.06 20.74 -50.60
N PHE D 207 -43.41 20.66 -49.43
CA PHE D 207 -43.47 21.61 -48.29
C PHE D 207 -42.34 22.68 -48.15
N VAL D 208 -41.18 22.52 -48.80
CA VAL D 208 -40.04 23.46 -48.61
C VAL D 208 -40.31 24.87 -49.17
N ALA D 209 -40.72 24.92 -50.43
CA ALA D 209 -41.06 26.17 -51.17
C ALA D 209 -42.47 26.72 -50.88
N SER D 210 -43.28 25.98 -50.13
CA SER D 210 -44.64 26.41 -49.72
C SER D 210 -44.57 27.72 -48.93
N ARG D 211 -43.67 27.75 -47.94
CA ARG D 211 -43.43 28.90 -47.06
C ARG D 211 -42.51 29.97 -47.70
N GLY D 212 -42.25 29.85 -49.00
CA GLY D 212 -41.51 30.86 -49.78
C GLY D 212 -40.01 30.66 -49.74
N LYS D 214 -37.03 30.67 -51.50
CA LYS D 214 -36.57 30.47 -52.85
C LYS D 214 -35.78 29.17 -53.01
N GLN D 215 -35.98 28.52 -54.16
CA GLN D 215 -35.25 27.30 -54.50
C GLN D 215 -34.93 27.26 -55.97
N GLU D 216 -33.65 27.09 -56.30
CA GLU D 216 -33.25 27.03 -57.70
C GLU D 216 -32.13 26.02 -57.91
N GLU D 217 -32.21 25.31 -59.03
CA GLU D 217 -31.20 24.31 -59.37
C GLU D 217 -30.05 24.96 -60.12
N PHE D 218 -28.87 24.38 -59.97
CA PHE D 218 -27.66 24.89 -60.61
C PHE D 218 -26.81 23.77 -61.21
N GLU D 219 -25.99 24.16 -62.19
CA GLU D 219 -25.15 23.21 -62.96
C GLU D 219 -24.00 22.59 -62.15
N SER D 220 -23.41 23.41 -61.30
CA SER D 220 -22.25 23.04 -60.52
C SER D 220 -22.00 24.16 -59.49
N ILE D 221 -20.87 24.09 -58.77
CA ILE D 221 -20.48 25.13 -57.77
C ILE D 221 -19.99 26.38 -58.50
N GLU D 222 -19.19 26.16 -59.53
CA GLU D 222 -18.56 27.25 -60.32
C GLU D 222 -19.56 28.29 -60.87
N GLU D 223 -20.85 27.95 -60.91
CA GLU D 223 -21.89 28.90 -61.29
C GLU D 223 -22.70 29.45 -60.11
N ALA D 224 -23.09 28.57 -59.19
CA ALA D 224 -23.96 28.92 -58.06
C ALA D 224 -23.25 29.62 -56.92
N LEU D 225 -21.93 29.69 -56.98
CA LEU D 225 -21.12 30.19 -55.88
C LEU D 225 -21.09 31.74 -55.62
N PRO D 226 -21.32 32.61 -56.66
CA PRO D 226 -21.13 34.06 -56.44
C PRO D 226 -22.14 34.75 -55.52
N ASP D 227 -23.34 34.16 -55.37
CA ASP D 227 -24.39 34.67 -54.43
C ASP D 227 -24.54 33.69 -53.27
N THR D 228 -23.46 33.07 -52.82
CA THR D 228 -23.48 31.98 -51.82
C THR D 228 -22.99 32.49 -50.46
N ASP D 229 -23.83 32.35 -49.44
CA ASP D 229 -23.41 32.62 -48.07
C ASP D 229 -23.02 31.36 -47.28
N VAL D 230 -23.58 30.22 -47.64
CA VAL D 230 -23.14 28.95 -47.07
C VAL D 230 -23.05 27.88 -48.14
N LEU D 231 -21.89 27.25 -48.21
CA LEU D 231 -21.67 26.18 -49.16
C LEU D 231 -21.71 24.86 -48.44
N TYR D 232 -22.88 24.28 -48.38
CA TYR D 232 -23.08 23.04 -47.65
C TYR D 232 -22.75 21.86 -48.57
N MET D 233 -21.76 21.06 -48.20
CA MET D 233 -21.19 20.04 -49.06
C MET D 233 -21.65 18.67 -48.59
N THR D 234 -21.60 17.67 -49.47
CA THR D 234 -22.04 16.28 -49.14
C THR D 234 -21.34 15.17 -49.91
N ARG D 235 -21.17 14.05 -49.23
CA ARG D 235 -20.57 12.87 -49.81
C ARG D 235 -21.48 12.35 -50.87
N ILE D 236 -20.89 11.94 -52.00
CA ILE D 236 -21.65 11.51 -53.16
C ILE D 236 -21.95 10.01 -53.02
N GLN D 237 -21.43 9.19 -53.92
CA GLN D 237 -21.87 7.80 -54.12
C GLN D 237 -21.54 7.49 -55.57
N LYS D 238 -20.28 7.15 -55.85
CA LYS D 238 -19.96 6.58 -57.14
C LYS D 238 -20.65 5.21 -57.15
N GLU D 239 -21.94 5.23 -57.41
CA GLU D 239 -22.74 3.98 -57.34
C GLU D 239 -24.20 4.09 -57.82
N ARG D 240 -24.34 4.42 -59.10
CA ARG D 240 -25.62 4.72 -59.79
C ARG D 240 -25.31 5.36 -61.18
N GLU D 248 -18.29 10.53 -63.19
CA GLU D 248 -16.96 11.13 -63.10
C GLU D 248 -17.01 12.68 -62.92
N ALA D 249 -17.39 13.40 -63.97
CA ALA D 249 -17.62 14.87 -63.87
C ALA D 249 -18.59 15.14 -62.74
N CYS D 250 -19.57 14.24 -62.60
CA CYS D 250 -20.54 14.24 -61.49
C CYS D 250 -19.90 14.07 -60.11
N PHE D 251 -18.55 13.93 -60.11
CA PHE D 251 -17.67 13.76 -58.96
C PHE D 251 -16.62 14.89 -58.85
N GLY D 252 -15.98 15.25 -59.97
CA GLY D 252 -15.03 16.39 -60.03
C GLY D 252 -15.68 17.77 -60.11
N GLN D 253 -16.95 17.80 -60.52
CA GLN D 253 -17.74 19.03 -60.57
C GLN D 253 -18.15 19.39 -59.16
N PHE D 254 -18.90 18.48 -58.52
CA PHE D 254 -19.38 18.66 -57.14
C PHE D 254 -18.24 18.42 -56.16
N ILE D 255 -17.12 19.09 -56.42
CA ILE D 255 -15.91 19.01 -55.64
C ILE D 255 -15.41 20.41 -55.43
N LEU D 256 -14.94 20.69 -54.24
CA LEU D 256 -14.41 21.98 -53.90
C LEU D 256 -12.89 21.86 -53.74
N THR D 257 -12.17 22.16 -54.82
CA THR D 257 -10.71 22.35 -54.75
C THR D 257 -10.44 23.76 -54.22
N PRO D 258 -9.17 24.03 -53.85
CA PRO D 258 -8.83 25.38 -53.43
C PRO D 258 -8.85 26.36 -54.56
N HIS D 259 -8.79 25.82 -55.78
CA HIS D 259 -8.79 26.65 -56.97
C HIS D 259 -10.18 27.17 -57.29
N ILE D 260 -11.19 26.38 -56.94
CA ILE D 260 -12.58 26.83 -57.10
C ILE D 260 -12.82 27.96 -56.08
N MET D 261 -12.40 27.74 -54.83
CA MET D 261 -12.67 28.69 -53.71
C MET D 261 -12.30 30.17 -53.91
N THR D 262 -11.57 30.48 -54.97
CA THR D 262 -11.15 31.87 -55.25
C THR D 262 -12.22 32.72 -55.92
N ARG D 263 -13.21 32.08 -56.54
CA ARG D 263 -14.40 32.75 -57.13
C ARG D 263 -15.59 32.75 -56.15
N ALA D 264 -15.30 32.39 -54.91
CA ALA D 264 -16.28 32.30 -53.85
C ALA D 264 -16.21 33.54 -53.00
N LYS D 265 -17.37 33.98 -52.51
CA LYS D 265 -17.49 35.13 -51.60
C LYS D 265 -16.44 35.05 -50.50
N LYS D 266 -16.06 36.20 -49.97
CA LYS D 266 -15.09 36.29 -48.84
C LYS D 266 -15.83 36.27 -47.53
N LYS D 267 -17.09 36.74 -47.55
CA LYS D 267 -17.95 36.78 -46.35
C LYS D 267 -18.90 35.61 -46.43
N MET D 268 -18.32 34.44 -46.45
CA MET D 268 -19.01 33.21 -46.74
C MET D 268 -18.23 32.07 -46.11
N VAL D 269 -18.95 30.99 -45.85
CA VAL D 269 -18.38 29.87 -45.14
C VAL D 269 -18.89 28.56 -45.71
N VAL D 270 -17.99 27.61 -45.77
CA VAL D 270 -18.31 26.32 -46.35
C VAL D 270 -18.38 25.28 -45.24
N MET D 271 -19.44 24.50 -45.29
CA MET D 271 -19.76 23.53 -44.26
C MET D 271 -19.82 22.12 -44.82
N HIS D 272 -19.59 21.16 -43.93
CA HIS D 272 -19.77 19.76 -44.19
C HIS D 272 -20.23 19.04 -42.91
N PRO D 273 -21.29 18.22 -42.99
CA PRO D 273 -21.69 17.41 -41.85
C PRO D 273 -20.65 16.38 -41.54
N MET D 274 -20.07 15.83 -42.61
CA MET D 274 -19.03 14.78 -42.53
C MET D 274 -19.69 13.42 -42.21
N PRO D 275 -19.05 12.30 -42.55
CA PRO D 275 -17.72 12.19 -43.15
C PRO D 275 -17.58 12.64 -44.60
N ARG D 276 -16.31 12.81 -45.00
CA ARG D 276 -15.92 13.18 -46.36
C ARG D 276 -14.88 12.23 -46.86
N VAL D 277 -14.45 12.45 -48.11
CA VAL D 277 -13.36 11.66 -48.72
C VAL D 277 -12.52 12.56 -49.64
N ASN D 278 -13.01 12.79 -50.84
CA ASN D 278 -12.30 13.58 -51.85
C ASN D 278 -13.06 14.76 -52.44
N GLU D 279 -14.30 14.92 -51.96
CA GLU D 279 -15.20 16.01 -52.42
C GLU D 279 -14.66 17.39 -52.06
N ILE D 280 -14.17 17.55 -50.84
CA ILE D 280 -13.49 18.78 -50.42
C ILE D 280 -12.00 18.47 -50.38
N SER D 281 -11.24 19.20 -51.18
CA SER D 281 -9.82 18.92 -51.35
C SER D 281 -9.05 19.17 -50.05
N VAL D 282 -8.32 18.15 -49.60
CA VAL D 282 -7.57 18.21 -48.35
C VAL D 282 -6.85 19.53 -48.15
N GLU D 283 -6.35 20.12 -49.23
CA GLU D 283 -5.68 21.45 -49.14
C GLU D 283 -6.67 22.64 -49.02
N VAL D 284 -7.97 22.36 -48.85
CA VAL D 284 -9.00 23.32 -48.43
C VAL D 284 -9.15 23.30 -46.90
N ASP D 285 -8.40 22.47 -46.17
CA ASP D 285 -8.45 22.45 -44.68
C ASP D 285 -8.08 23.81 -44.10
N SER D 286 -6.86 24.24 -44.41
CA SER D 286 -6.28 25.49 -43.89
C SER D 286 -6.75 26.75 -44.63
N ASP D 287 -7.99 27.16 -44.34
CA ASP D 287 -8.69 28.26 -45.02
C ASP D 287 -9.77 28.89 -44.12
N PRO D 288 -9.56 30.10 -43.57
CA PRO D 288 -10.55 30.74 -42.67
C PRO D 288 -12.04 30.80 -43.09
N ARG D 289 -12.34 30.58 -44.38
CA ARG D 289 -13.71 30.34 -44.87
C ARG D 289 -14.15 28.84 -44.67
N ALA D 290 -13.24 28.00 -44.17
CA ALA D 290 -13.49 26.56 -43.91
C ALA D 290 -14.02 26.32 -42.48
N ALA D 291 -15.34 26.24 -42.35
CA ALA D 291 -16.01 26.03 -41.06
C ALA D 291 -16.59 24.63 -40.88
N TYR D 292 -16.06 23.66 -41.62
CA TYR D 292 -16.57 22.27 -41.53
C TYR D 292 -16.01 21.51 -40.34
N PHE D 293 -14.83 21.91 -39.87
CA PHE D 293 -14.20 21.25 -38.69
C PHE D 293 -14.70 21.86 -37.38
N ARG D 294 -14.83 23.18 -37.38
CA ARG D 294 -15.51 23.91 -36.31
C ARG D 294 -17.01 23.56 -36.20
N GLN D 295 -17.60 23.18 -37.34
CA GLN D 295 -18.96 22.61 -37.38
C GLN D 295 -19.05 21.39 -36.45
N ALA D 296 -18.11 20.46 -36.64
CA ALA D 296 -18.04 19.26 -35.78
C ALA D 296 -17.88 19.60 -34.30
N GLU D 297 -17.04 20.59 -34.02
CA GLU D 297 -16.79 21.06 -32.64
C GLU D 297 -18.03 21.63 -31.98
N ASN D 298 -18.81 22.37 -32.78
CA ASN D 298 -20.01 23.08 -32.27
C ASN D 298 -21.22 22.20 -31.98
N GLY D 299 -21.22 20.99 -32.53
CA GLY D 299 -22.25 20.00 -32.19
C GLY D 299 -22.19 19.61 -30.75
N MET D 300 -21.00 19.24 -30.31
CA MET D 300 -20.76 18.89 -28.91
C MET D 300 -21.53 19.79 -27.95
N TYR D 301 -21.68 21.07 -28.30
CA TYR D 301 -22.38 22.06 -27.48
C TYR D 301 -23.88 22.14 -27.69
N ILE D 302 -24.38 21.63 -28.81
CA ILE D 302 -25.86 21.51 -29.01
C ILE D 302 -26.31 20.37 -28.12
N ARG D 303 -25.46 19.35 -28.00
CA ARG D 303 -25.77 18.15 -27.19
C ARG D 303 -25.72 18.49 -25.72
N MET D 304 -24.71 19.22 -25.34
CA MET D 304 -24.67 19.82 -24.01
C MET D 304 -25.82 20.80 -23.83
N ALA D 305 -26.07 21.57 -24.88
CA ALA D 305 -27.24 22.49 -24.91
C ALA D 305 -28.58 21.78 -24.86
N LEU D 306 -28.61 20.59 -25.45
CA LEU D 306 -29.80 19.75 -25.52
C LEU D 306 -29.90 18.79 -24.32
N LEU D 307 -28.96 17.85 -24.23
CA LEU D 307 -28.95 16.88 -23.13
C LEU D 307 -29.27 17.55 -21.82
N ALA D 308 -28.58 18.64 -21.55
CA ALA D 308 -28.68 19.33 -20.25
C ALA D 308 -30.11 19.78 -20.03
N THR D 309 -30.66 20.46 -21.04
CA THR D 309 -32.05 20.91 -21.00
C THR D 309 -33.03 19.75 -20.91
N VAL D 310 -32.83 18.77 -21.79
CA VAL D 310 -33.71 17.59 -21.89
C VAL D 310 -33.75 16.83 -20.55
N LEU D 311 -32.80 17.15 -19.65
CA LEU D 311 -32.73 16.52 -18.32
C LEU D 311 -33.05 17.42 -17.15
N GLY D 312 -33.47 18.64 -17.44
CA GLY D 312 -34.00 19.55 -16.42
C GLY D 312 -32.97 20.24 -15.55
N ARG D 313 -31.69 19.99 -15.82
CA ARG D 313 -30.59 20.59 -15.06
C ARG D 313 -30.18 21.93 -15.66
N PHE D 314 -30.89 22.30 -16.72
CA PHE D 314 -30.83 23.62 -17.28
C PHE D 314 -32.02 23.72 -18.23
N HIS E 8 11.44 22.13 -17.21
CA HIS E 8 10.55 20.91 -17.25
C HIS E 8 9.08 21.27 -17.59
N SER E 9 8.68 21.07 -18.85
CA SER E 9 7.24 21.11 -19.28
C SER E 9 6.98 20.75 -20.76
N LEU E 10 6.13 19.76 -20.94
CA LEU E 10 5.66 19.26 -22.22
C LEU E 10 4.30 19.85 -22.62
N VAL E 11 3.83 20.86 -21.88
CA VAL E 11 2.44 21.32 -22.01
C VAL E 11 2.08 21.64 -23.47
N GLY E 12 1.32 20.73 -24.08
CA GLY E 12 0.92 20.86 -25.48
C GLY E 12 1.75 20.00 -26.40
N GLN E 13 2.94 19.62 -25.96
CA GLN E 13 3.89 18.89 -26.82
C GLN E 13 3.28 17.56 -27.21
N HIS E 14 3.59 17.12 -28.41
CA HIS E 14 3.17 15.81 -28.89
C HIS E 14 4.16 14.87 -28.25
N ILE E 15 3.83 13.59 -28.19
CA ILE E 15 4.76 12.59 -27.61
C ILE E 15 4.83 11.43 -28.59
N LEU E 16 5.80 11.51 -29.50
CA LEU E 16 5.82 10.63 -30.69
C LEU E 16 7.00 9.72 -30.78
N SER E 17 8.14 10.17 -30.31
CA SER E 17 9.35 9.37 -30.31
C SER E 17 10.09 9.62 -29.02
N VAL E 18 10.98 8.71 -28.67
CA VAL E 18 11.63 8.73 -27.37
C VAL E 18 12.79 9.73 -27.36
N GLN E 19 13.06 10.32 -28.53
CA GLN E 19 14.19 11.22 -28.76
C GLN E 19 14.03 12.54 -28.02
N GLN E 20 12.81 12.82 -27.61
CA GLN E 20 12.41 14.16 -27.11
C GLN E 20 12.44 14.29 -25.58
N PHE E 21 12.89 13.23 -24.93
CA PHE E 21 12.98 13.19 -23.49
C PHE E 21 14.41 13.51 -23.05
N THR E 22 14.48 14.23 -21.95
CA THR E 22 15.74 14.57 -21.29
C THR E 22 15.74 13.81 -19.97
N LYS E 23 16.84 13.86 -19.26
CA LYS E 23 16.96 13.14 -17.99
C LYS E 23 16.32 13.94 -16.87
N ASP E 24 16.48 15.27 -16.89
CA ASP E 24 15.79 16.15 -15.91
C ASP E 24 14.27 16.06 -16.06
N GLN E 25 13.80 15.91 -17.29
CA GLN E 25 12.38 15.70 -17.56
C GLN E 25 11.92 14.37 -17.00
N MET E 26 12.58 13.28 -17.40
CA MET E 26 12.16 11.94 -16.95
C MET E 26 12.17 11.81 -15.41
N SER E 27 13.25 12.24 -14.76
CA SER E 27 13.33 12.20 -13.27
C SER E 27 12.12 12.93 -12.67
N HIS E 28 11.84 14.13 -13.16
CA HIS E 28 10.58 14.82 -12.87
C HIS E 28 9.38 13.93 -13.21
N LEU E 29 9.33 13.52 -14.47
CA LEU E 29 8.28 12.63 -14.97
C LEU E 29 8.08 11.41 -14.05
N PHE E 30 9.16 10.97 -13.42
CA PHE E 30 9.12 9.91 -12.42
C PHE E 30 8.70 10.42 -11.06
N ASN E 31 9.22 11.58 -10.67
CA ASN E 31 8.87 12.21 -9.38
C ASN E 31 7.37 12.56 -9.29
N VAL E 32 6.75 12.79 -10.46
CA VAL E 32 5.30 12.98 -10.58
C VAL E 32 4.54 11.71 -10.29
N ALA E 33 5.00 10.63 -10.92
CA ALA E 33 4.34 9.32 -10.83
C ALA E 33 4.27 8.82 -9.40
N HIS E 34 5.40 8.85 -8.70
CA HIS E 34 5.41 8.42 -7.31
C HIS E 34 4.43 9.26 -6.49
N THR E 35 4.48 10.58 -6.69
CA THR E 35 3.61 11.51 -5.97
C THR E 35 2.12 11.26 -6.29
N LEU E 36 1.82 11.01 -7.56
CA LEU E 36 0.47 10.66 -7.96
C LEU E 36 0.06 9.30 -7.46
N ARG E 37 1.01 8.38 -7.44
CA ARG E 37 0.79 7.04 -6.91
C ARG E 37 0.40 7.13 -5.45
N MET E 38 1.22 7.86 -4.71
CA MET E 38 1.11 7.88 -3.24
C MET E 38 -0.16 8.60 -2.79
N MET E 39 -0.67 9.50 -3.61
CA MET E 39 -1.99 10.10 -3.37
C MET E 39 -3.09 9.06 -3.41
N VAL E 40 -2.99 8.17 -4.39
CA VAL E 40 -3.93 7.08 -4.57
C VAL E 40 -3.80 6.08 -3.43
N GLN E 41 -2.56 5.71 -3.10
CA GLN E 41 -2.28 4.77 -1.99
C GLN E 41 -2.93 5.15 -0.66
N LYS E 42 -3.07 6.46 -0.45
CA LYS E 42 -3.71 7.00 0.76
C LYS E 42 -5.19 7.28 0.52
N GLU E 43 -5.56 7.51 -0.74
CA GLU E 43 -6.90 7.90 -1.18
C GLU E 43 -7.14 9.41 -1.06
N ARG E 44 -6.37 10.15 -1.86
CA ARG E 44 -6.53 11.60 -1.99
C ARG E 44 -7.25 11.86 -3.31
N SER E 45 -8.18 12.80 -3.25
CA SER E 45 -9.00 13.23 -4.38
C SER E 45 -8.04 13.72 -5.46
N LEU E 46 -8.41 13.53 -6.72
CA LEU E 46 -7.59 13.98 -7.85
C LEU E 46 -8.49 14.60 -8.92
N ASP E 47 -8.94 15.82 -8.67
CA ASP E 47 -9.71 16.61 -9.65
C ASP E 47 -8.81 17.26 -10.70
N ILE E 48 -7.74 16.56 -11.07
CA ILE E 48 -6.63 17.17 -11.78
C ILE E 48 -7.03 17.42 -13.21
N LEU E 49 -7.53 16.37 -13.87
CA LEU E 49 -8.04 16.41 -15.25
C LEU E 49 -9.56 16.26 -15.23
N LYS E 50 -10.18 16.79 -14.19
CA LYS E 50 -11.63 16.85 -14.10
C LYS E 50 -12.04 17.83 -15.18
N GLY E 51 -12.89 17.38 -16.11
CA GLY E 51 -13.41 18.22 -17.19
C GLY E 51 -12.71 17.86 -18.49
N LYS E 52 -11.37 17.77 -18.47
CA LYS E 52 -10.65 17.53 -19.72
C LYS E 52 -11.06 16.12 -20.18
N VAL E 53 -10.82 15.80 -21.44
CA VAL E 53 -11.26 14.53 -22.03
C VAL E 53 -10.14 13.93 -22.84
N MET E 54 -10.04 12.61 -22.79
CA MET E 54 -9.07 11.88 -23.59
C MET E 54 -9.78 11.03 -24.64
N ALA E 55 -9.26 11.12 -25.86
CA ALA E 55 -9.75 10.35 -27.01
C ALA E 55 -8.83 9.18 -27.33
N SER E 56 -9.30 7.97 -27.12
CA SER E 56 -8.46 6.78 -27.30
C SER E 56 -8.61 6.31 -28.71
N MET E 57 -7.51 6.09 -29.42
CA MET E 57 -7.60 5.63 -30.82
C MET E 57 -6.54 4.57 -31.06
N PHE E 58 -6.96 3.31 -31.10
CA PHE E 58 -6.06 2.18 -31.20
C PHE E 58 -6.48 1.27 -32.34
N TYR E 59 -5.57 1.08 -33.30
CA TYR E 59 -5.82 0.29 -34.55
C TYR E 59 -5.06 -1.04 -34.56
N GLU E 60 -4.12 -1.17 -33.62
CA GLU E 60 -3.52 -2.44 -33.27
C GLU E 60 -4.41 -3.07 -32.21
N VAL E 61 -4.15 -4.34 -31.93
CA VAL E 61 -4.85 -5.05 -30.86
C VAL E 61 -4.04 -4.98 -29.54
N SER E 62 -4.56 -4.26 -28.56
CA SER E 62 -3.93 -4.10 -27.25
C SER E 62 -4.93 -4.19 -26.10
N THR E 63 -4.42 -4.48 -24.91
CA THR E 63 -5.21 -4.32 -23.66
C THR E 63 -4.30 -4.17 -22.45
N ARG E 64 -3.31 -3.30 -22.58
CA ARG E 64 -2.42 -2.93 -21.47
C ARG E 64 -2.03 -1.45 -21.49
N THR E 65 -1.58 -0.99 -22.64
CA THR E 65 -1.35 0.41 -22.90
C THR E 65 -2.65 1.21 -22.75
N SER E 66 -3.67 0.75 -23.46
CA SER E 66 -4.99 1.43 -23.48
C SER E 66 -5.68 1.40 -22.13
N SER E 67 -5.66 0.24 -21.50
CA SER E 67 -6.29 0.08 -20.20
C SER E 67 -5.63 1.04 -19.21
N SER E 68 -4.32 0.89 -19.04
CA SER E 68 -3.53 1.76 -18.17
C SER E 68 -3.92 3.21 -18.46
N PHE E 69 -3.86 3.58 -19.73
CA PHE E 69 -4.28 4.91 -20.19
C PHE E 69 -5.71 5.27 -19.72
N ALA E 70 -6.60 4.29 -19.77
CA ALA E 70 -7.97 4.47 -19.34
C ALA E 70 -8.04 4.67 -17.83
N ALA E 71 -7.35 3.80 -17.10
CA ALA E 71 -7.34 3.88 -15.64
C ALA E 71 -6.74 5.22 -15.27
N ALA E 72 -5.65 5.54 -15.93
CA ALA E 72 -4.89 6.76 -15.65
C ALA E 72 -5.77 8.02 -15.75
N MET E 73 -6.40 8.19 -16.91
CA MET E 73 -7.31 9.33 -17.17
C MET E 73 -8.50 9.36 -16.20
N ALA E 74 -9.09 8.19 -15.98
CA ALA E 74 -10.22 8.01 -15.06
C ALA E 74 -9.86 8.31 -13.61
N ARG E 75 -8.60 8.08 -13.24
CA ARG E 75 -8.09 8.34 -11.88
C ARG E 75 -7.82 9.80 -11.54
N LEU E 76 -7.40 10.59 -12.52
CA LEU E 76 -7.15 12.01 -12.31
C LEU E 76 -8.44 12.84 -12.38
N GLY E 77 -9.55 12.17 -12.70
CA GLY E 77 -10.89 12.77 -12.76
C GLY E 77 -11.46 12.85 -14.15
N GLY E 78 -10.64 12.56 -15.15
CA GLY E 78 -11.05 12.70 -16.54
C GLY E 78 -11.97 11.60 -17.07
N ALA E 79 -12.37 11.76 -18.31
CA ALA E 79 -13.21 10.80 -19.02
C ALA E 79 -12.49 10.31 -20.29
N VAL E 80 -12.96 9.21 -20.87
CA VAL E 80 -12.30 8.61 -22.04
C VAL E 80 -13.25 8.19 -23.17
N LEU E 81 -12.87 8.60 -24.37
CA LEU E 81 -13.66 8.27 -25.53
C LEU E 81 -13.23 6.92 -26.08
N SER E 82 -14.07 5.95 -25.79
CA SER E 82 -14.05 4.65 -26.44
C SER E 82 -14.23 4.80 -27.93
N PHE E 83 -13.13 4.79 -28.69
CA PHE E 83 -13.24 4.88 -30.17
C PHE E 83 -13.00 3.50 -30.82
N SER E 84 -14.09 2.88 -31.26
CA SER E 84 -14.05 1.56 -31.90
C SER E 84 -14.14 1.76 -33.42
N GLU E 85 -13.00 1.66 -34.09
CA GLU E 85 -12.92 1.85 -35.56
C GLU E 85 -13.93 0.95 -36.25
N ALA E 86 -14.04 -0.28 -35.74
CA ALA E 86 -15.04 -1.28 -36.17
C ALA E 86 -16.44 -0.71 -36.34
N THR E 87 -16.85 0.14 -35.38
CA THR E 87 -18.15 0.83 -35.41
C THR E 87 -18.08 2.29 -35.83
N SER E 88 -17.01 2.65 -36.49
CA SER E 88 -16.76 4.03 -36.84
C SER E 88 -16.94 4.25 -38.32
N SER E 89 -17.06 5.52 -38.67
CA SER E 89 -17.34 5.94 -40.04
C SER E 89 -16.34 5.40 -41.06
N VAL E 90 -15.25 4.78 -40.58
CA VAL E 90 -14.37 3.94 -41.42
C VAL E 90 -15.19 2.92 -42.21
N GLN E 91 -16.21 2.34 -41.57
CA GLN E 91 -17.17 1.45 -42.28
C GLN E 91 -18.05 2.20 -43.30
N LYS E 92 -18.07 3.53 -43.22
CA LYS E 92 -18.50 4.42 -44.32
C LYS E 92 -17.28 5.02 -45.06
N GLY E 93 -16.09 4.80 -44.48
CA GLY E 93 -14.82 5.07 -45.12
C GLY E 93 -14.46 6.54 -45.19
N GLU E 94 -13.86 7.06 -44.11
CA GLU E 94 -13.33 8.43 -44.07
C GLU E 94 -11.87 8.38 -43.60
N SER E 95 -11.17 9.50 -43.81
CA SER E 95 -9.72 9.55 -43.57
C SER E 95 -9.40 9.31 -42.11
N LEU E 96 -8.19 8.77 -41.86
CA LEU E 96 -7.69 8.61 -40.51
C LEU E 96 -7.50 9.96 -39.88
N ALA E 97 -6.87 10.87 -40.62
CA ALA E 97 -6.72 12.27 -40.14
C ALA E 97 -8.08 12.88 -39.88
N ASP E 98 -8.96 12.70 -40.86
CA ASP E 98 -10.34 13.16 -40.78
C ASP E 98 -10.91 12.78 -39.40
N SER E 99 -10.74 11.52 -39.03
CA SER E 99 -11.26 10.99 -37.76
C SER E 99 -10.47 11.56 -36.60
N VAL E 100 -9.16 11.42 -36.70
CA VAL E 100 -8.26 11.83 -35.61
C VAL E 100 -8.48 13.31 -35.26
N GLN E 101 -8.61 14.14 -36.30
CA GLN E 101 -8.91 15.56 -36.13
C GLN E 101 -10.33 15.76 -35.62
N THR E 102 -11.26 14.97 -36.15
CA THR E 102 -12.66 15.01 -35.70
C THR E 102 -12.73 14.79 -34.19
N MET E 103 -12.06 13.74 -33.75
CA MET E 103 -11.93 13.41 -32.33
C MET E 103 -11.17 14.49 -31.59
N SER E 104 -10.23 15.12 -32.27
CA SER E 104 -9.53 16.30 -31.73
C SER E 104 -10.48 17.47 -31.44
N CYS E 105 -11.70 17.43 -32.00
CA CYS E 105 -12.73 18.43 -31.75
C CYS E 105 -13.44 18.21 -30.42
N TYR E 106 -13.53 16.94 -30.01
CA TYR E 106 -14.28 16.50 -28.80
C TYR E 106 -13.46 16.13 -27.55
N ALA E 107 -12.14 16.21 -27.68
CA ALA E 107 -11.21 15.82 -26.63
C ALA E 107 -10.11 16.85 -26.46
N ASP E 108 -9.25 16.63 -25.46
CA ASP E 108 -8.13 17.52 -25.17
C ASP E 108 -6.74 16.89 -25.32
N VAL E 109 -6.67 15.57 -25.34
CA VAL E 109 -5.43 14.88 -25.72
C VAL E 109 -5.79 13.80 -26.72
N VAL E 110 -4.82 12.99 -27.08
CA VAL E 110 -5.07 11.82 -27.93
C VAL E 110 -4.01 10.74 -27.66
N VAL E 111 -4.45 9.50 -27.75
CA VAL E 111 -3.61 8.36 -27.57
C VAL E 111 -3.88 7.47 -28.77
N LEU E 112 -2.94 7.52 -29.71
CA LEU E 112 -3.11 6.85 -30.96
C LEU E 112 -2.12 5.73 -31.03
N ARG E 113 -2.56 4.61 -31.59
CA ARG E 113 -1.68 3.47 -31.84
C ARG E 113 -1.99 2.89 -33.21
N HIS E 114 -1.00 2.91 -34.09
CA HIS E 114 -1.17 2.45 -35.47
C HIS E 114 0.02 1.60 -35.89
N PRO E 115 -0.22 0.46 -36.57
CA PRO E 115 0.92 -0.32 -37.05
C PRO E 115 1.66 0.31 -38.23
N GLN E 116 0.90 0.95 -39.13
CA GLN E 116 1.42 1.42 -40.42
C GLN E 116 2.64 2.32 -40.26
N PRO E 117 3.58 2.26 -41.24
CA PRO E 117 4.73 3.15 -41.14
C PRO E 117 4.35 4.63 -41.18
N GLY E 118 4.30 5.24 -40.00
CA GLY E 118 4.11 6.68 -39.89
C GLY E 118 2.70 7.14 -40.17
N ALA E 119 1.72 6.28 -39.91
CA ALA E 119 0.32 6.72 -39.84
C ALA E 119 0.13 7.68 -38.66
N VAL E 120 0.93 7.47 -37.63
CA VAL E 120 0.87 8.25 -36.38
C VAL E 120 1.49 9.63 -36.55
N GLU E 121 2.76 9.68 -36.96
CA GLU E 121 3.47 10.95 -37.27
C GLU E 121 2.57 11.89 -38.04
N LEU E 122 1.90 11.32 -39.06
CA LEU E 122 0.97 12.07 -39.92
C LEU E 122 -0.15 12.65 -39.09
N ALA E 123 -0.95 11.77 -38.53
CA ALA E 123 -2.12 12.16 -37.76
C ALA E 123 -1.78 13.19 -36.68
N ALA E 124 -0.63 12.96 -36.04
CA ALA E 124 -0.08 13.88 -35.05
C ALA E 124 0.18 15.22 -35.70
N LYS E 125 0.89 15.16 -36.82
CA LYS E 125 1.48 16.33 -37.48
C LYS E 125 0.54 17.53 -37.40
N HIS E 126 -0.64 17.36 -37.99
CA HIS E 126 -1.68 18.35 -37.98
C HIS E 126 -2.69 17.82 -37.01
N CYS E 127 -2.80 18.52 -35.89
CA CYS E 127 -3.75 18.18 -34.86
C CYS E 127 -3.87 19.37 -33.92
N ARG E 128 -5.07 19.89 -33.74
CA ARG E 128 -5.25 21.06 -32.84
C ARG E 128 -4.97 20.71 -31.43
N ARG E 129 -4.85 19.40 -31.18
CA ARG E 129 -4.68 18.83 -29.85
C ARG E 129 -3.52 17.85 -29.87
N PRO E 130 -2.93 17.58 -28.70
CA PRO E 130 -1.69 16.81 -28.63
C PRO E 130 -1.94 15.33 -28.78
N VAL E 131 -0.92 14.64 -29.27
CA VAL E 131 -1.01 13.21 -29.52
C VAL E 131 0.13 12.51 -28.78
N ILE E 132 -0.23 11.48 -28.01
CA ILE E 132 0.73 10.67 -27.29
C ILE E 132 0.82 9.32 -27.96
N ASN E 133 1.97 9.04 -28.55
CA ASN E 133 2.19 7.75 -29.20
C ASN E 133 1.87 6.58 -28.25
N ALA E 134 1.49 5.45 -28.83
CA ALA E 134 1.45 4.19 -28.10
C ALA E 134 2.01 3.04 -28.93
N GLY E 135 2.36 3.34 -30.18
CA GLY E 135 2.87 2.36 -31.10
C GLY E 135 2.80 2.91 -32.51
N ASP E 136 3.79 2.53 -33.31
CA ASP E 136 3.88 2.89 -34.72
C ASP E 136 4.53 1.72 -35.45
N GLY E 137 4.74 1.85 -36.75
CA GLY E 137 5.54 0.86 -37.53
C GLY E 137 7.04 1.12 -37.58
N VAL E 138 7.42 2.36 -37.25
CA VAL E 138 8.70 3.01 -37.55
C VAL E 138 9.63 3.62 -36.44
N GLY E 139 9.73 3.11 -35.21
CA GLY E 139 9.07 1.91 -34.64
C GLY E 139 8.97 2.01 -33.12
N GLU E 140 8.51 3.17 -32.70
CA GLU E 140 8.71 3.72 -31.34
C GLU E 140 7.60 3.38 -30.30
N HIS E 141 7.89 3.58 -29.01
CA HIS E 141 6.91 3.34 -27.96
C HIS E 141 7.36 4.07 -26.66
N PRO E 142 7.34 5.40 -26.67
CA PRO E 142 7.95 6.17 -25.60
C PRO E 142 7.40 5.88 -24.20
N THR E 143 6.10 5.67 -24.10
CA THR E 143 5.43 5.39 -22.83
C THR E 143 5.90 4.04 -22.21
N GLN E 144 6.07 3.03 -23.07
CA GLN E 144 6.66 1.75 -22.67
C GLN E 144 8.08 1.95 -22.18
N ALA E 145 8.90 2.55 -23.01
CA ALA E 145 10.30 2.80 -22.64
C ALA E 145 10.30 3.58 -21.35
N LEU E 146 9.45 4.59 -21.32
CA LEU E 146 9.37 5.47 -20.18
C LEU E 146 9.13 4.73 -18.90
N LEU E 147 8.15 3.83 -18.94
CA LEU E 147 7.72 3.03 -17.76
C LEU E 147 8.68 1.92 -17.43
N ASP E 148 9.32 1.35 -18.45
CA ASP E 148 10.31 0.33 -18.23
C ASP E 148 11.42 0.87 -17.34
N ILE E 149 11.74 2.15 -17.45
CA ILE E 149 12.74 2.77 -16.55
C ILE E 149 12.31 2.75 -15.07
N PHE E 150 11.15 3.32 -14.75
CA PHE E 150 10.76 3.46 -13.35
C PHE E 150 10.86 2.11 -12.68
N THR E 151 10.45 1.07 -13.41
CA THR E 151 10.60 -0.30 -12.95
C THR E 151 12.07 -0.57 -12.65
N ILE E 152 12.92 -0.23 -13.60
CA ILE E 152 14.37 -0.47 -13.51
C ILE E 152 14.99 0.32 -12.37
N ARG E 153 14.52 1.54 -12.21
CA ARG E 153 15.02 2.44 -11.18
C ARG E 153 14.43 2.05 -9.80
N GLU E 154 13.11 1.84 -9.76
CA GLU E 154 12.39 1.47 -8.53
C GLU E 154 12.84 0.14 -8.00
N GLU E 155 12.96 -0.80 -8.92
CA GLU E 155 13.25 -2.18 -8.59
C GLU E 155 14.67 -2.40 -8.04
N LEU E 156 15.64 -1.65 -8.56
CA LEU E 156 17.07 -1.91 -8.27
C LEU E 156 17.82 -0.76 -7.58
N GLY E 157 17.11 0.33 -7.28
CA GLY E 157 17.67 1.45 -6.53
C GLY E 157 18.14 2.58 -7.41
N THR E 158 18.92 2.26 -8.44
CA THR E 158 19.37 3.23 -9.44
C THR E 158 19.30 2.60 -10.83
N VAL E 159 19.55 3.41 -11.85
CA VAL E 159 19.55 2.94 -13.26
C VAL E 159 20.97 2.72 -13.77
N ASN E 160 21.84 3.68 -13.43
CA ASN E 160 23.25 3.65 -13.82
C ASN E 160 23.98 2.49 -13.15
N GLY E 161 24.70 1.74 -13.97
CA GLY E 161 25.53 0.63 -13.53
C GLY E 161 24.92 -0.70 -13.96
N MET E 162 23.61 -0.72 -14.15
CA MET E 162 22.91 -1.98 -14.40
C MET E 162 23.31 -2.57 -15.74
N THR E 163 23.30 -3.90 -15.79
CA THR E 163 23.54 -4.63 -17.02
C THR E 163 22.21 -5.20 -17.43
N ILE E 164 21.88 -5.09 -18.71
CA ILE E 164 20.51 -5.35 -19.16
C ILE E 164 20.48 -6.47 -20.22
N THR E 165 20.00 -7.62 -19.78
CA THR E 165 19.79 -8.78 -20.68
C THR E 165 18.42 -8.70 -21.33
N MET E 166 18.40 -8.30 -22.59
CA MET E 166 17.19 -8.29 -23.37
C MET E 166 17.15 -9.59 -24.12
N VAL E 167 16.11 -10.37 -23.87
CA VAL E 167 15.99 -11.73 -24.39
C VAL E 167 14.77 -11.87 -25.25
N GLY E 168 14.93 -12.66 -26.31
CA GLY E 168 13.81 -13.12 -27.16
C GLY E 168 13.99 -12.66 -28.59
N ASP E 169 12.91 -12.71 -29.36
CA ASP E 169 12.97 -12.23 -30.73
C ASP E 169 12.97 -10.72 -30.60
N LEU E 170 14.08 -10.12 -31.02
CA LEU E 170 14.29 -8.67 -30.94
C LEU E 170 14.19 -7.94 -32.29
N LYS E 171 14.40 -8.67 -33.39
CA LYS E 171 14.38 -8.09 -34.75
C LYS E 171 13.13 -7.27 -35.00
N HIS E 172 11.99 -7.93 -34.96
CA HIS E 172 10.68 -7.28 -35.09
C HIS E 172 10.46 -6.32 -33.91
N GLY E 173 10.95 -6.74 -32.75
CA GLY E 173 10.77 -6.04 -31.47
C GLY E 173 10.63 -4.53 -31.56
N ARG E 174 9.40 -4.03 -31.38
CA ARG E 174 9.12 -2.59 -31.45
C ARG E 174 9.21 -1.87 -30.08
N THR E 175 9.19 -2.64 -28.99
CA THR E 175 9.34 -2.10 -27.61
C THR E 175 10.81 -1.93 -27.24
N VAL E 176 11.65 -2.85 -27.74
CA VAL E 176 13.07 -2.92 -27.41
C VAL E 176 13.89 -1.82 -28.07
N HIS E 177 13.39 -1.27 -29.18
CA HIS E 177 14.06 -0.13 -29.85
C HIS E 177 13.73 1.18 -29.14
N SER E 178 12.67 1.15 -28.33
CA SER E 178 12.21 2.34 -27.60
C SER E 178 13.03 2.51 -26.31
N LEU E 179 13.23 1.39 -25.60
CA LEU E 179 13.99 1.38 -24.37
C LEU E 179 15.48 1.31 -24.65
N ALA E 180 15.86 0.41 -25.56
CA ALA E 180 17.29 0.11 -25.81
C ALA E 180 18.06 1.36 -26.17
N CYS E 181 17.48 2.15 -27.06
CA CYS E 181 18.04 3.45 -27.45
C CYS E 181 18.12 4.40 -26.23
N LEU E 182 16.99 4.58 -25.56
CA LEU E 182 16.82 5.56 -24.47
C LEU E 182 17.72 5.22 -23.31
N LEU E 183 17.93 3.94 -23.10
CA LEU E 183 18.85 3.46 -22.06
C LEU E 183 20.20 4.19 -22.13
N THR E 184 20.55 4.66 -23.33
CA THR E 184 21.81 5.40 -23.57
C THR E 184 21.92 6.70 -22.76
N GLN E 185 20.87 7.09 -22.05
CA GLN E 185 20.94 8.22 -21.14
C GLN E 185 21.52 7.80 -19.81
N TYR E 186 21.93 6.54 -19.72
CA TYR E 186 22.48 5.98 -18.47
C TYR E 186 23.79 5.22 -18.73
N ARG E 187 24.43 4.77 -17.65
CA ARG E 187 25.67 3.96 -17.70
C ARG E 187 25.32 2.49 -17.48
N VAL E 188 24.97 1.80 -18.56
CA VAL E 188 24.56 0.40 -18.45
C VAL E 188 25.23 -0.45 -19.51
N SER E 189 25.47 -1.72 -19.20
CA SER E 189 26.00 -2.65 -20.20
C SER E 189 24.86 -3.42 -20.78
N LEU E 190 24.63 -3.23 -22.07
CA LEU E 190 23.52 -3.92 -22.78
C LEU E 190 23.98 -5.25 -23.28
N ARG E 191 23.20 -6.26 -22.97
CA ARG E 191 23.43 -7.58 -23.52
C ARG E 191 22.24 -7.95 -24.34
N TYR E 192 22.46 -8.79 -25.33
CA TYR E 192 21.42 -9.18 -26.27
C TYR E 192 21.30 -10.70 -26.38
N VAL E 193 20.06 -11.21 -26.34
CA VAL E 193 19.81 -12.65 -26.53
C VAL E 193 18.70 -12.88 -27.55
N ALA E 194 19.11 -13.44 -28.68
CA ALA E 194 18.24 -13.54 -29.84
C ALA E 194 18.48 -14.85 -30.61
N PRO E 195 17.43 -15.34 -31.29
CA PRO E 195 17.58 -16.38 -32.32
C PRO E 195 18.21 -15.82 -33.60
N PRO E 196 19.38 -16.34 -34.04
CA PRO E 196 20.03 -15.76 -35.24
C PRO E 196 19.09 -15.68 -36.47
N SER E 197 18.28 -14.63 -36.63
CA SER E 197 17.33 -14.50 -37.74
C SER E 197 16.55 -13.21 -37.57
N MET E 200 18.65 -8.45 -32.31
CA MET E 200 18.47 -7.02 -32.53
C MET E 200 18.74 -6.45 -33.93
N PRO E 201 17.79 -5.66 -34.48
CA PRO E 201 18.00 -5.06 -35.80
C PRO E 201 19.32 -4.28 -35.89
N PRO E 202 20.26 -4.79 -36.69
CA PRO E 202 21.53 -4.05 -36.85
C PRO E 202 21.35 -2.72 -37.64
N THR E 203 20.24 -2.02 -37.43
CA THR E 203 19.99 -0.69 -38.00
C THR E 203 20.00 0.37 -36.91
N VAL E 204 19.06 0.26 -35.98
CA VAL E 204 19.02 1.14 -34.81
C VAL E 204 20.20 0.90 -33.86
N ARG E 205 20.80 -0.30 -33.93
CA ARG E 205 21.91 -0.69 -33.03
C ARG E 205 23.20 0.15 -33.17
N ALA E 206 23.39 0.75 -34.34
CA ALA E 206 24.56 1.60 -34.60
C ALA E 206 24.60 2.80 -33.67
N PHE E 207 23.41 3.31 -33.32
CA PHE E 207 23.27 4.49 -32.45
C PHE E 207 23.62 4.26 -30.98
N VAL E 208 23.14 3.15 -30.40
CA VAL E 208 23.32 2.92 -28.95
C VAL E 208 24.78 2.63 -28.59
N ALA E 209 25.39 1.70 -29.31
CA ALA E 209 26.80 1.31 -29.07
C ALA E 209 27.80 2.42 -29.41
N SER E 210 27.38 3.38 -30.22
CA SER E 210 28.23 4.53 -30.60
C SER E 210 28.67 5.28 -29.36
N ARG E 211 27.69 5.53 -28.48
CA ARG E 211 27.89 6.28 -27.24
C ARG E 211 28.54 5.44 -26.14
N GLY E 212 28.99 4.24 -26.50
CA GLY E 212 29.77 3.39 -25.57
C GLY E 212 28.91 2.55 -24.65
N THR E 213 27.59 2.68 -24.77
CA THR E 213 26.66 1.76 -24.11
C THR E 213 26.96 0.36 -24.62
N LYS E 214 27.77 -0.34 -23.84
CA LYS E 214 28.33 -1.63 -24.24
C LYS E 214 27.24 -2.53 -24.79
N GLN E 215 27.60 -3.36 -25.75
CA GLN E 215 26.63 -4.25 -26.41
C GLN E 215 27.29 -5.56 -26.84
N GLU E 216 26.78 -6.68 -26.34
CA GLU E 216 27.37 -7.96 -26.65
C GLU E 216 26.31 -9.02 -26.85
N GLU E 217 26.54 -9.88 -27.82
CA GLU E 217 25.61 -10.95 -28.14
C GLU E 217 25.93 -12.18 -27.30
N PHE E 218 24.89 -12.94 -26.99
CA PHE E 218 25.01 -14.14 -26.15
C PHE E 218 24.22 -15.32 -26.70
N GLU E 219 24.63 -16.53 -26.30
CA GLU E 219 24.07 -17.80 -26.81
C GLU E 219 22.64 -18.06 -26.33
N SER E 220 22.39 -17.72 -25.07
CA SER E 220 21.13 -17.97 -24.38
C SER E 220 21.14 -17.22 -23.05
N ILE E 221 20.13 -17.46 -22.21
CA ILE E 221 20.03 -16.84 -20.87
C ILE E 221 21.03 -17.51 -19.93
N GLU E 222 21.08 -18.84 -20.02
CA GLU E 222 21.92 -19.68 -19.14
C GLU E 222 23.40 -19.25 -19.12
N GLU E 223 23.84 -18.50 -20.13
CA GLU E 223 25.19 -17.93 -20.16
C GLU E 223 25.25 -16.46 -19.74
N ALA E 224 24.32 -15.66 -20.27
CA ALA E 224 24.33 -14.21 -20.09
C ALA E 224 23.75 -13.74 -18.78
N LEU E 225 23.17 -14.64 -18.01
CA LEU E 225 22.47 -14.30 -16.76
C LEU E 225 23.30 -13.93 -15.48
N PRO E 226 24.50 -14.51 -15.28
CA PRO E 226 25.26 -14.24 -14.04
C PRO E 226 25.68 -12.79 -13.77
N ASP E 227 25.77 -11.99 -14.84
CA ASP E 227 26.12 -10.59 -14.73
C ASP E 227 24.93 -9.68 -15.18
N THR E 228 23.71 -10.14 -14.86
CA THR E 228 22.45 -9.52 -15.30
C THR E 228 21.74 -8.76 -14.16
N ASP E 229 21.49 -7.48 -14.37
CA ASP E 229 20.68 -6.70 -13.43
C ASP E 229 19.21 -6.59 -13.85
N VAL E 230 18.96 -6.63 -15.15
CA VAL E 230 17.60 -6.67 -15.65
C VAL E 230 17.47 -7.68 -16.79
N LEU E 231 16.53 -8.60 -16.61
CA LEU E 231 16.28 -9.60 -17.62
C LEU E 231 15.02 -9.22 -18.36
N TYR E 232 15.19 -8.49 -19.43
CA TYR E 232 14.06 -8.02 -20.21
C TYR E 232 13.68 -9.09 -21.24
N MET E 233 12.46 -9.60 -21.12
CA MET E 233 12.00 -10.76 -21.89
C MET E 233 11.08 -10.29 -23.03
N THR E 234 10.94 -11.12 -24.07
CA THR E 234 10.07 -10.79 -25.23
C THR E 234 9.43 -12.00 -25.92
N ARG E 235 8.22 -11.78 -26.41
CA ARG E 235 7.49 -12.77 -27.17
C ARG E 235 8.25 -13.02 -28.46
N ILE E 236 8.39 -14.31 -28.80
CA ILE E 236 9.22 -14.69 -29.94
C ILE E 236 8.51 -14.42 -31.25
N GLN E 237 7.44 -15.16 -31.51
CA GLN E 237 6.89 -15.22 -32.86
C GLN E 237 7.67 -16.29 -33.65
N LYS E 238 7.24 -17.53 -33.41
CA LYS E 238 7.53 -18.68 -34.26
C LYS E 238 6.70 -18.61 -35.56
N GLU E 239 6.33 -17.39 -35.97
CA GLU E 239 5.71 -17.15 -37.24
C GLU E 239 6.80 -16.56 -38.15
N ARG E 240 8.07 -16.94 -37.92
CA ARG E 240 9.16 -16.71 -38.89
C ARG E 240 10.39 -17.58 -38.54
N PHE E 241 10.12 -18.82 -38.21
CA PHE E 241 11.13 -19.77 -37.78
C PHE E 241 11.87 -20.35 -38.95
N GLY E 242 11.16 -20.76 -40.00
CA GLY E 242 11.71 -21.51 -41.14
C GLY E 242 12.95 -22.36 -40.84
N TYR E 247 15.15 -25.20 -33.49
CA TYR E 247 14.18 -24.11 -33.37
C TYR E 247 13.16 -24.31 -32.27
N GLU E 248 13.03 -25.52 -31.71
CA GLU E 248 12.48 -25.70 -30.37
C GLU E 248 13.54 -25.50 -29.30
N ALA E 249 14.82 -25.47 -29.70
CA ALA E 249 15.84 -24.85 -28.87
C ALA E 249 15.64 -23.34 -28.89
N CYS E 250 15.35 -22.77 -30.05
CA CYS E 250 14.92 -21.37 -30.10
C CYS E 250 13.74 -21.20 -29.15
N PHE E 251 12.85 -22.18 -29.12
CA PHE E 251 11.67 -22.15 -28.21
C PHE E 251 12.08 -22.16 -26.76
N GLY E 252 12.81 -23.21 -26.41
CA GLY E 252 13.12 -23.55 -25.02
C GLY E 252 14.36 -22.91 -24.39
N GLN E 253 15.23 -22.35 -25.24
CA GLN E 253 16.43 -21.63 -24.80
C GLN E 253 16.04 -20.25 -24.27
N PHE E 254 15.43 -19.45 -25.15
CA PHE E 254 14.95 -18.09 -24.80
C PHE E 254 13.67 -18.14 -23.98
N ILE E 255 13.71 -18.96 -22.94
CA ILE E 255 12.61 -19.20 -22.05
C ILE E 255 13.16 -19.18 -20.66
N LEU E 256 12.42 -18.57 -19.76
CA LEU E 256 12.82 -18.49 -18.37
C LEU E 256 11.90 -19.36 -17.53
N THR E 257 12.33 -20.59 -17.31
CA THR E 257 11.66 -21.46 -16.35
C THR E 257 12.10 -20.99 -14.94
N PRO E 258 11.33 -21.36 -13.90
CA PRO E 258 11.83 -21.09 -12.55
C PRO E 258 13.08 -21.90 -12.18
N HIS E 259 13.42 -22.90 -12.99
CA HIS E 259 14.64 -23.69 -12.79
C HIS E 259 15.90 -23.00 -13.31
N ILE E 260 15.74 -22.19 -14.34
CA ILE E 260 16.84 -21.35 -14.85
C ILE E 260 17.12 -20.29 -13.80
N MET E 261 16.06 -19.67 -13.29
CA MET E 261 16.16 -18.54 -12.33
C MET E 261 17.07 -18.73 -11.10
N THR E 262 17.53 -19.95 -10.87
CA THR E 262 18.44 -20.27 -9.75
C THR E 262 19.91 -19.92 -9.97
N ARG E 263 20.32 -19.77 -11.24
CA ARG E 263 21.66 -19.30 -11.63
C ARG E 263 21.65 -17.78 -11.90
N ALA E 264 20.53 -17.13 -11.54
CA ALA E 264 20.31 -15.71 -11.74
C ALA E 264 20.58 -14.94 -10.47
N LYS E 265 21.15 -13.75 -10.63
CA LYS E 265 21.45 -12.86 -9.51
C LYS E 265 20.25 -12.77 -8.59
N LYS E 266 20.51 -12.48 -7.32
CA LYS E 266 19.44 -12.28 -6.34
C LYS E 266 19.06 -10.81 -6.20
N LYS E 267 19.96 -9.91 -6.61
CA LYS E 267 19.73 -8.44 -6.62
C LYS E 267 19.49 -8.06 -8.06
N MET E 268 18.46 -8.64 -8.62
CA MET E 268 18.16 -8.53 -10.04
C MET E 268 16.66 -8.71 -10.20
N VAL E 269 16.17 -8.22 -11.33
CA VAL E 269 14.75 -8.26 -11.59
C VAL E 269 14.46 -8.55 -13.05
N VAL E 270 13.41 -9.33 -13.27
CA VAL E 270 13.07 -9.76 -14.62
C VAL E 270 11.79 -9.09 -15.05
N MET E 271 11.86 -8.52 -16.25
CA MET E 271 10.79 -7.67 -16.78
C MET E 271 10.24 -8.26 -18.06
N HIS E 272 8.98 -7.90 -18.33
CA HIS E 272 8.32 -8.19 -19.57
C HIS E 272 7.34 -7.04 -19.90
N PRO E 273 7.37 -6.52 -21.14
CA PRO E 273 6.38 -5.56 -21.56
C PRO E 273 5.02 -6.19 -21.61
N MET E 274 5.00 -7.45 -22.06
CA MET E 274 3.76 -8.23 -22.24
C MET E 274 3.02 -7.75 -23.51
N PRO E 275 2.18 -8.60 -24.11
CA PRO E 275 1.81 -9.94 -23.68
C PRO E 275 2.86 -11.04 -23.77
N ARG E 276 2.58 -12.15 -23.09
CA ARG E 276 3.43 -13.36 -23.07
C ARG E 276 2.59 -14.58 -23.38
N VAL E 277 3.25 -15.74 -23.43
CA VAL E 277 2.59 -17.04 -23.68
C VAL E 277 3.25 -18.23 -22.93
N ASN E 278 4.31 -18.81 -23.52
CA ASN E 278 5.11 -19.94 -22.91
C ASN E 278 6.59 -19.53 -22.57
N GLU E 279 7.01 -18.30 -22.92
CA GLU E 279 8.40 -17.83 -22.74
C GLU E 279 8.84 -17.74 -21.27
N ILE E 280 7.99 -17.15 -20.43
CA ILE E 280 8.23 -17.09 -18.98
C ILE E 280 7.31 -18.11 -18.33
N SER E 281 7.90 -19.09 -17.60
CA SER E 281 7.15 -20.12 -16.81
C SER E 281 6.22 -19.36 -15.91
N VAL E 282 5.05 -19.85 -15.61
CA VAL E 282 4.15 -18.99 -14.83
C VAL E 282 4.86 -18.64 -13.48
N GLU E 283 5.30 -19.72 -12.85
CA GLU E 283 5.96 -19.63 -11.56
C GLU E 283 7.31 -18.92 -11.67
N SER E 286 5.63 -16.37 -7.50
CA SER E 286 6.41 -16.79 -6.33
C SER E 286 7.92 -16.49 -6.42
N ASP E 287 8.23 -15.31 -6.96
CA ASP E 287 9.60 -14.85 -7.15
C ASP E 287 9.59 -13.34 -7.02
N PRO E 288 9.79 -12.79 -5.81
CA PRO E 288 10.07 -11.36 -5.61
C PRO E 288 11.01 -10.70 -6.59
N ARG E 289 11.78 -11.49 -7.33
CA ARG E 289 12.52 -10.95 -8.49
C ARG E 289 11.67 -10.76 -9.76
N ALA E 290 10.40 -11.17 -9.70
CA ALA E 290 9.48 -11.11 -10.84
C ALA E 290 8.74 -9.78 -10.83
N ALA E 291 9.26 -8.83 -11.60
CA ALA E 291 8.73 -7.48 -11.66
C ALA E 291 8.02 -7.17 -12.98
N TYR E 292 7.57 -8.21 -13.67
CA TYR E 292 6.84 -8.01 -14.94
C TYR E 292 5.35 -7.64 -14.76
N PHE E 293 4.76 -8.02 -13.63
CA PHE E 293 3.36 -7.68 -13.32
C PHE E 293 3.24 -6.31 -12.68
N ARG E 294 4.16 -6.02 -11.78
CA ARG E 294 4.35 -4.67 -11.22
C ARG E 294 4.79 -3.66 -12.29
N GLN E 295 5.48 -4.15 -13.32
CA GLN E 295 5.81 -3.36 -14.51
C GLN E 295 4.51 -2.78 -15.12
N ALA E 296 3.55 -3.67 -15.34
CA ALA E 296 2.26 -3.30 -15.88
C ALA E 296 1.55 -2.26 -15.02
N GLU E 297 1.60 -2.48 -13.71
CA GLU E 297 0.99 -1.56 -12.71
C GLU E 297 1.60 -0.18 -12.75
N ASN E 298 2.92 -0.12 -12.93
CA ASN E 298 3.65 1.16 -12.87
C ASN E 298 3.51 2.04 -14.12
N GLY E 299 3.08 1.45 -15.22
CA GLY E 299 2.78 2.24 -16.41
C GLY E 299 1.65 3.20 -16.12
N MET E 300 0.57 2.67 -15.58
CA MET E 300 -0.61 3.49 -15.22
C MET E 300 -0.23 4.84 -14.65
N TYR E 301 0.87 4.85 -13.90
CA TYR E 301 1.39 6.08 -13.26
C TYR E 301 2.32 6.95 -14.11
N ILE E 302 2.89 6.38 -15.17
CA ILE E 302 3.62 7.14 -16.16
C ILE E 302 2.60 7.96 -16.94
N ARG E 303 1.46 7.34 -17.22
CA ARG E 303 0.38 7.94 -18.02
C ARG E 303 -0.28 9.06 -17.21
N MET E 304 -0.53 8.78 -15.96
CA MET E 304 -0.94 9.82 -15.04
C MET E 304 0.16 10.85 -14.89
N ALA E 305 1.41 10.37 -14.82
CA ALA E 305 2.59 11.25 -14.77
C ALA E 305 2.76 12.07 -16.07
N LEU E 306 2.35 11.47 -17.19
CA LEU E 306 2.45 12.08 -18.51
C LEU E 306 1.17 12.88 -18.84
N LEU E 307 0.05 12.18 -19.00
CA LEU E 307 -1.23 12.82 -19.33
C LEU E 307 -1.38 14.12 -18.56
N ALA E 308 -1.17 14.03 -17.25
CA ALA E 308 -1.43 15.15 -16.34
C ALA E 308 -0.56 16.32 -16.72
N THR E 309 0.73 16.04 -16.89
CA THR E 309 1.70 17.05 -17.32
C THR E 309 1.39 17.59 -18.73
N VAL E 310 1.17 16.66 -19.65
CA VAL E 310 0.88 17.00 -21.07
C VAL E 310 -0.37 17.89 -21.18
N LEU E 311 -1.15 17.96 -20.10
CA LEU E 311 -2.36 18.80 -20.06
C LEU E 311 -2.30 20.03 -19.15
N GLY E 312 -1.13 20.27 -18.58
CA GLY E 312 -0.87 21.51 -17.84
C GLY E 312 -1.44 21.56 -16.43
N ARG E 313 -2.07 20.47 -15.99
CA ARG E 313 -2.67 20.40 -14.64
C ARG E 313 -1.64 19.92 -13.63
N PHE E 314 -0.44 19.65 -14.11
CA PHE E 314 0.71 19.37 -13.29
C PHE E 314 1.96 19.45 -14.19
N SER F 4 -12.65 -9.84 6.48
CA SER F 4 -12.99 -11.13 7.15
C SER F 4 -12.99 -11.00 8.69
N PRO F 5 -13.79 -10.05 9.16
CA PRO F 5 -13.79 -9.65 10.57
C PRO F 5 -15.23 -9.48 11.03
N LEU F 6 -15.37 -9.01 12.27
CA LEU F 6 -16.64 -8.88 12.95
C LEU F 6 -17.67 -8.04 12.22
N LEU F 7 -18.93 -8.26 12.60
CA LEU F 7 -20.12 -7.79 11.90
C LEU F 7 -20.29 -8.61 10.63
N HIS F 8 -20.86 -8.00 9.60
CA HIS F 8 -20.97 -8.61 8.30
C HIS F 8 -20.12 -7.74 7.40
N SER F 9 -19.36 -8.39 6.51
CA SER F 9 -18.49 -7.69 5.56
C SER F 9 -17.90 -8.66 4.57
N LEU F 10 -18.06 -8.30 3.31
CA LEU F 10 -17.41 -8.97 2.20
C LEU F 10 -16.11 -8.27 1.78
N VAL F 11 -15.63 -7.27 2.54
CA VAL F 11 -14.58 -6.37 2.05
C VAL F 11 -13.34 -7.15 1.59
N GLY F 12 -13.19 -7.24 0.27
CA GLY F 12 -12.10 -7.98 -0.34
C GLY F 12 -12.54 -9.35 -0.83
N GLN F 13 -13.64 -9.87 -0.29
CA GLN F 13 -14.09 -11.23 -0.58
C GLN F 13 -14.38 -11.32 -2.07
N HIS F 14 -14.11 -12.47 -2.66
CA HIS F 14 -14.50 -12.76 -4.04
C HIS F 14 -15.96 -13.10 -3.96
N ILE F 15 -16.65 -13.05 -5.08
CA ILE F 15 -18.10 -13.35 -5.11
C ILE F 15 -18.31 -14.29 -6.28
N LEU F 16 -18.20 -15.58 -5.99
CA LEU F 16 -18.11 -16.61 -7.02
C LEU F 16 -19.25 -17.61 -7.07
N SER F 17 -19.78 -17.95 -5.91
CA SER F 17 -20.92 -18.83 -5.83
C SER F 17 -21.87 -18.28 -4.79
N VAL F 18 -23.10 -18.74 -4.86
CA VAL F 18 -24.17 -18.20 -4.02
C VAL F 18 -24.15 -18.82 -2.61
N GLN F 19 -23.23 -19.75 -2.41
CA GLN F 19 -23.05 -20.51 -1.15
C GLN F 19 -22.53 -19.65 0.00
N GLN F 20 -21.98 -18.49 -0.34
CA GLN F 20 -21.21 -17.65 0.60
C GLN F 20 -22.05 -16.52 1.22
N PHE F 21 -23.34 -16.52 0.90
CA PHE F 21 -24.25 -15.52 1.41
C PHE F 21 -25.06 -16.07 2.56
N THR F 22 -25.28 -15.19 3.53
CA THR F 22 -26.07 -15.50 4.71
C THR F 22 -27.31 -14.65 4.58
N LYS F 23 -28.26 -14.85 5.47
CA LYS F 23 -29.50 -14.07 5.44
C LYS F 23 -29.28 -12.70 6.07
N ASP F 24 -28.50 -12.64 7.15
CA ASP F 24 -28.16 -11.33 7.80
C ASP F 24 -27.35 -10.44 6.84
N GLN F 25 -26.49 -11.08 6.04
CA GLN F 25 -25.73 -10.36 5.02
C GLN F 25 -26.65 -9.83 3.93
N MET F 26 -27.45 -10.72 3.34
CA MET F 26 -28.37 -10.32 2.25
C MET F 26 -29.32 -9.19 2.69
N SER F 27 -29.96 -9.34 3.84
CA SER F 27 -30.89 -8.29 4.36
C SER F 27 -30.15 -6.97 4.43
N HIS F 28 -28.96 -6.99 5.01
CA HIS F 28 -28.04 -5.81 4.95
C HIS F 28 -27.82 -5.42 3.49
N LEU F 29 -27.34 -6.38 2.72
CA LEU F 29 -27.12 -6.19 1.28
C LEU F 29 -28.33 -5.60 0.57
N PHE F 30 -29.52 -5.91 1.07
CA PHE F 30 -30.77 -5.30 0.62
C PHE F 30 -31.02 -3.94 1.22
N ASN F 31 -30.76 -3.81 2.52
CA ASN F 31 -30.89 -2.53 3.24
C ASN F 31 -29.96 -1.42 2.68
N VAL F 32 -28.84 -1.85 2.09
CA VAL F 32 -27.90 -0.96 1.37
C VAL F 32 -28.52 -0.44 0.09
N ALA F 33 -29.11 -1.36 -0.68
CA ALA F 33 -29.67 -1.07 -2.00
C ALA F 33 -30.78 -0.04 -1.93
N HIS F 34 -31.73 -0.24 -1.01
CA HIS F 34 -32.83 0.74 -0.82
C HIS F 34 -32.25 2.10 -0.47
N THR F 35 -31.31 2.11 0.46
CA THR F 35 -30.65 3.35 0.91
C THR F 35 -29.88 4.02 -0.22
N LEU F 36 -29.17 3.23 -1.02
CA LEU F 36 -28.47 3.76 -2.21
C LEU F 36 -29.44 4.19 -3.29
N ARG F 37 -30.54 3.46 -3.42
CA ARG F 37 -31.59 3.80 -4.37
C ARG F 37 -32.16 5.15 -4.02
N MET F 38 -32.52 5.29 -2.76
CA MET F 38 -33.28 6.46 -2.31
C MET F 38 -32.42 7.72 -2.35
N MET F 39 -31.12 7.58 -2.25
CA MET F 39 -30.20 8.70 -2.42
C MET F 39 -30.28 9.23 -3.83
N VAL F 40 -30.36 8.30 -4.79
CA VAL F 40 -30.48 8.62 -6.23
C VAL F 40 -31.85 9.25 -6.51
N GLN F 41 -32.91 8.63 -5.98
CA GLN F 41 -34.28 9.14 -6.14
C GLN F 41 -34.42 10.61 -5.78
N LYS F 42 -33.60 11.06 -4.81
CA LYS F 42 -33.59 12.44 -4.30
C LYS F 42 -32.37 13.25 -4.75
N GLU F 43 -31.42 12.58 -5.40
CA GLU F 43 -30.21 13.19 -6.03
C GLU F 43 -29.08 13.63 -5.06
N ARG F 44 -28.71 12.67 -4.24
CA ARG F 44 -27.69 12.89 -3.23
C ARG F 44 -26.42 12.44 -3.90
N SER F 45 -25.38 13.23 -3.67
CA SER F 45 -24.06 13.02 -4.24
C SER F 45 -23.62 11.62 -3.78
N LEU F 46 -22.87 10.93 -4.63
CA LEU F 46 -22.34 9.61 -4.26
C LEU F 46 -20.87 9.50 -4.70
N ASP F 47 -19.99 10.18 -3.97
CA ASP F 47 -18.53 10.06 -4.16
C ASP F 47 -17.98 8.81 -3.45
N ILE F 48 -18.76 7.73 -3.51
CA ILE F 48 -18.53 6.56 -2.68
C ILE F 48 -17.35 5.78 -3.20
N LEU F 49 -17.39 5.46 -4.50
CA LEU F 49 -16.31 4.77 -5.21
C LEU F 49 -15.64 5.72 -6.18
N LYS F 50 -15.58 6.97 -5.76
CA LYS F 50 -14.88 7.97 -6.52
C LYS F 50 -13.44 7.58 -6.38
N GLY F 51 -12.76 7.40 -7.50
CA GLY F 51 -11.32 7.13 -7.50
C GLY F 51 -10.98 5.65 -7.59
N LYS F 52 -11.89 4.77 -7.16
CA LYS F 52 -11.74 3.34 -7.44
C LYS F 52 -12.12 3.09 -8.88
N VAL F 53 -11.73 1.93 -9.40
CA VAL F 53 -12.00 1.57 -10.80
C VAL F 53 -12.51 0.14 -10.87
N MET F 54 -13.45 -0.09 -11.77
CA MET F 54 -13.94 -1.43 -12.05
C MET F 54 -13.50 -1.86 -13.46
N ALA F 55 -12.98 -3.09 -13.50
CA ALA F 55 -12.57 -3.74 -14.76
C ALA F 55 -13.61 -4.76 -15.23
N SER F 56 -14.28 -4.49 -16.34
CA SER F 56 -15.35 -5.36 -16.81
C SER F 56 -14.74 -6.38 -17.72
N MET F 57 -15.04 -7.66 -17.50
CA MET F 57 -14.52 -8.71 -18.38
C MET F 57 -15.60 -9.73 -18.66
N PHE F 58 -16.17 -9.67 -19.86
CA PHE F 58 -17.29 -10.51 -20.24
C PHE F 58 -16.98 -11.22 -21.55
N TYR F 59 -17.01 -12.57 -21.51
CA TYR F 59 -16.68 -13.43 -22.68
C TYR F 59 -17.90 -14.10 -23.29
N GLU F 60 -19.00 -14.04 -22.54
CA GLU F 60 -20.32 -14.36 -23.04
C GLU F 60 -20.87 -13.07 -23.64
N VAL F 61 -21.97 -13.18 -24.38
CA VAL F 61 -22.63 -12.01 -24.93
C VAL F 61 -23.74 -11.57 -23.98
N SER F 62 -23.57 -10.41 -23.36
CA SER F 62 -24.57 -9.84 -22.44
C SER F 62 -24.80 -8.35 -22.64
N THR F 63 -25.93 -7.86 -22.16
CA THR F 63 -26.18 -6.41 -22.07
C THR F 63 -27.25 -6.12 -21.02
N ARG F 64 -27.12 -6.74 -19.85
CA ARG F 64 -27.97 -6.43 -18.69
C ARG F 64 -27.20 -6.46 -17.39
N THR F 65 -26.46 -7.56 -17.18
CA THR F 65 -25.56 -7.69 -16.06
C THR F 65 -24.48 -6.62 -16.15
N SER F 66 -23.83 -6.54 -17.30
CA SER F 66 -22.73 -5.60 -17.55
C SER F 66 -23.18 -4.16 -17.50
N SER F 67 -24.30 -3.87 -18.15
CA SER F 67 -24.85 -2.51 -18.17
C SER F 67 -25.14 -2.08 -16.73
N SER F 68 -26.00 -2.82 -16.05
CA SER F 68 -26.34 -2.56 -14.65
C SER F 68 -25.05 -2.31 -13.88
N PHE F 69 -24.12 -3.23 -14.00
CA PHE F 69 -22.78 -3.08 -13.41
C PHE F 69 -22.09 -1.76 -13.79
N ALA F 70 -22.24 -1.38 -15.05
CA ALA F 70 -21.68 -0.13 -15.55
C ALA F 70 -22.39 1.07 -14.91
N ALA F 71 -23.72 1.04 -14.92
CA ALA F 71 -24.51 2.11 -14.34
C ALA F 71 -24.15 2.22 -12.88
N ALA F 72 -24.12 1.05 -12.24
CA ALA F 72 -23.88 0.94 -10.80
C ALA F 72 -22.59 1.64 -10.40
N MET F 73 -21.48 1.21 -11.03
CA MET F 73 -20.14 1.81 -10.80
C MET F 73 -20.06 3.30 -11.11
N ALA F 74 -20.65 3.67 -12.25
CA ALA F 74 -20.73 5.05 -12.70
C ALA F 74 -21.56 5.94 -11.78
N ARG F 75 -22.56 5.37 -11.12
CA ARG F 75 -23.43 6.10 -10.17
C ARG F 75 -22.80 6.40 -8.80
N LEU F 76 -21.93 5.52 -8.32
CA LEU F 76 -21.28 5.73 -7.03
C LEU F 76 -20.08 6.65 -7.16
N GLY F 77 -19.76 7.02 -8.41
CA GLY F 77 -18.66 7.94 -8.72
C GLY F 77 -17.52 7.29 -9.46
N GLY F 78 -17.53 5.97 -9.52
CA GLY F 78 -16.44 5.22 -10.16
C GLY F 78 -16.40 5.24 -11.68
N ALA F 79 -15.39 4.60 -12.22
CA ALA F 79 -15.19 4.48 -13.66
C ALA F 79 -15.12 3.01 -14.05
N VAL F 80 -15.27 2.73 -15.34
CA VAL F 80 -15.32 1.33 -15.82
C VAL F 80 -14.46 1.03 -17.06
N LEU F 81 -13.68 -0.04 -16.95
CA LEU F 81 -12.80 -0.43 -18.02
C LEU F 81 -13.55 -1.32 -18.98
N SER F 82 -13.94 -0.69 -20.07
CA SER F 82 -14.32 -1.43 -21.24
C SER F 82 -13.20 -2.45 -21.51
N PHE F 83 -13.52 -3.74 -21.44
CA PHE F 83 -12.61 -4.75 -22.01
C PHE F 83 -13.26 -5.57 -23.15
N SER F 84 -12.94 -5.24 -24.39
CA SER F 84 -13.44 -5.99 -25.56
C SER F 84 -12.38 -7.02 -25.94
N GLU F 85 -12.59 -8.28 -25.53
CA GLU F 85 -11.63 -9.38 -25.81
C GLU F 85 -11.30 -9.45 -27.30
N ALA F 86 -12.34 -9.30 -28.12
CA ALA F 86 -12.22 -9.21 -29.60
C ALA F 86 -11.07 -8.31 -30.06
N THR F 87 -10.93 -7.16 -29.39
CA THR F 87 -9.89 -6.18 -29.67
C THR F 87 -8.79 -6.16 -28.63
N SER F 88 -8.64 -7.27 -27.92
CA SER F 88 -7.64 -7.41 -26.85
C SER F 88 -6.50 -8.37 -27.20
N SER F 89 -5.43 -8.28 -26.43
CA SER F 89 -4.21 -9.03 -26.68
C SER F 89 -4.43 -10.54 -26.74
N VAL F 90 -5.63 -11.02 -26.38
CA VAL F 90 -6.07 -12.40 -26.72
C VAL F 90 -5.88 -12.68 -28.23
N GLN F 91 -6.14 -11.69 -29.08
CA GLN F 91 -5.80 -11.79 -30.52
C GLN F 91 -4.26 -11.78 -30.74
N LYS F 92 -3.54 -11.98 -29.65
CA LYS F 92 -2.07 -12.09 -29.65
C LYS F 92 -1.55 -13.26 -28.76
N GLY F 93 -2.45 -14.18 -28.40
CA GLY F 93 -2.12 -15.35 -27.58
C GLY F 93 -1.64 -14.90 -26.24
N GLU F 94 -2.58 -14.59 -25.37
CA GLU F 94 -2.28 -14.34 -23.96
C GLU F 94 -3.20 -15.14 -23.08
N SER F 95 -2.71 -15.59 -21.91
CA SER F 95 -3.56 -16.31 -20.96
C SER F 95 -4.72 -15.43 -20.47
N LEU F 96 -5.83 -16.09 -20.11
CA LEU F 96 -6.97 -15.41 -19.52
C LEU F 96 -6.55 -14.83 -18.18
N ALA F 97 -5.88 -15.64 -17.36
CA ALA F 97 -5.34 -15.16 -16.08
C ALA F 97 -4.42 -13.98 -16.34
N ASP F 98 -3.51 -14.17 -17.29
CA ASP F 98 -2.55 -13.13 -17.71
C ASP F 98 -3.29 -11.80 -17.86
N SER F 99 -4.41 -11.85 -18.58
CA SER F 99 -5.22 -10.65 -18.84
C SER F 99 -5.90 -10.22 -17.56
N VAL F 100 -6.59 -11.17 -16.95
CA VAL F 100 -7.44 -10.88 -15.77
C VAL F 100 -6.58 -10.26 -14.66
N GLN F 101 -5.39 -10.81 -14.47
CA GLN F 101 -4.43 -10.26 -13.53
C GLN F 101 -3.88 -8.92 -14.01
N THR F 102 -3.61 -8.83 -15.31
CA THR F 102 -3.13 -7.59 -15.91
C THR F 102 -4.11 -6.46 -15.60
N MET F 103 -5.38 -6.73 -15.87
CA MET F 103 -6.46 -5.80 -15.55
C MET F 103 -6.58 -5.59 -14.06
N SER F 104 -6.25 -6.62 -13.28
CA SER F 104 -6.16 -6.48 -11.81
C SER F 104 -5.10 -5.48 -11.35
N CYS F 105 -4.22 -5.10 -12.27
CA CYS F 105 -3.21 -4.07 -12.00
C CYS F 105 -3.78 -2.66 -12.12
N TYR F 106 -4.76 -2.49 -13.00
CA TYR F 106 -5.35 -1.17 -13.37
C TYR F 106 -6.71 -0.84 -12.73
N ALA F 107 -7.25 -1.79 -11.96
CA ALA F 107 -8.57 -1.68 -11.38
C ALA F 107 -8.56 -2.11 -9.92
N ASP F 108 -9.70 -1.94 -9.25
CA ASP F 108 -9.87 -2.34 -7.84
C ASP F 108 -10.89 -3.45 -7.57
N VAL F 109 -11.78 -3.72 -8.52
CA VAL F 109 -12.61 -4.93 -8.47
C VAL F 109 -12.53 -5.60 -9.84
N VAL F 110 -13.33 -6.63 -10.03
CA VAL F 110 -13.48 -7.27 -11.33
C VAL F 110 -14.85 -7.93 -11.45
N VAL F 111 -15.37 -7.88 -12.66
CA VAL F 111 -16.64 -8.47 -13.00
C VAL F 111 -16.41 -9.34 -14.22
N LEU F 112 -16.33 -10.62 -13.98
CA LEU F 112 -15.94 -11.55 -15.01
C LEU F 112 -17.10 -12.43 -15.31
N ARG F 113 -17.25 -12.74 -16.57
CA ARG F 113 -18.28 -13.66 -17.03
C ARG F 113 -17.72 -14.55 -18.10
N HIS F 114 -17.69 -15.85 -17.83
CA HIS F 114 -17.11 -16.83 -18.75
C HIS F 114 -18.02 -18.05 -18.87
N PRO F 115 -18.24 -18.58 -20.11
CA PRO F 115 -19.05 -19.78 -20.23
C PRO F 115 -18.34 -21.04 -19.76
N GLN F 116 -17.03 -21.13 -20.02
CA GLN F 116 -16.25 -22.37 -19.82
C GLN F 116 -16.36 -22.94 -18.40
N PRO F 117 -16.27 -24.28 -18.24
CA PRO F 117 -16.45 -24.81 -16.88
C PRO F 117 -15.39 -24.29 -15.92
N GLY F 118 -15.76 -23.22 -15.24
CA GLY F 118 -15.01 -22.74 -14.12
C GLY F 118 -13.75 -21.97 -14.54
N ALA F 119 -13.72 -21.40 -15.75
CA ALA F 119 -12.67 -20.43 -16.18
C ALA F 119 -12.60 -19.28 -15.19
N VAL F 120 -13.74 -19.05 -14.53
CA VAL F 120 -13.92 -17.96 -13.57
C VAL F 120 -13.22 -18.28 -12.25
N GLU F 121 -13.59 -19.41 -11.65
CA GLU F 121 -12.95 -19.91 -10.41
C GLU F 121 -11.45 -19.75 -10.49
N LEU F 122 -10.89 -20.15 -11.64
CA LEU F 122 -9.45 -20.09 -11.90
C LEU F 122 -8.99 -18.64 -11.80
N ALA F 123 -9.49 -17.82 -12.70
CA ALA F 123 -9.08 -16.43 -12.80
C ALA F 123 -9.22 -15.71 -11.46
N ALA F 124 -10.31 -16.01 -10.78
CA ALA F 124 -10.57 -15.51 -9.43
C ALA F 124 -9.47 -15.97 -8.50
N LYS F 125 -9.23 -17.28 -8.54
CA LYS F 125 -8.36 -17.97 -7.56
C LYS F 125 -7.14 -17.14 -7.16
N HIS F 126 -6.31 -16.84 -8.15
CA HIS F 126 -5.16 -16.00 -7.98
C HIS F 126 -5.59 -14.67 -8.61
N CYS F 127 -5.74 -13.66 -7.76
CA CYS F 127 -6.06 -12.31 -8.21
C CYS F 127 -5.75 -11.35 -7.07
N ARG F 128 -4.91 -10.35 -7.31
CA ARG F 128 -4.56 -9.37 -6.25
C ARG F 128 -5.79 -8.58 -5.85
N ARG F 129 -6.84 -8.66 -6.66
CA ARG F 129 -8.06 -7.87 -6.53
C ARG F 129 -9.27 -8.79 -6.64
N PRO F 130 -10.41 -8.35 -6.11
CA PRO F 130 -11.55 -9.24 -5.93
C PRO F 130 -12.32 -9.42 -7.21
N VAL F 131 -12.99 -10.56 -7.32
CA VAL F 131 -13.72 -10.90 -8.54
C VAL F 131 -15.16 -11.20 -8.19
N ILE F 132 -16.08 -10.56 -8.91
CA ILE F 132 -17.51 -10.76 -8.72
C ILE F 132 -18.06 -11.51 -9.90
N ASN F 133 -18.48 -12.74 -9.66
CA ASN F 133 -19.02 -13.58 -10.73
C ASN F 133 -20.16 -12.85 -11.45
N ALA F 134 -20.35 -13.21 -12.69
CA ALA F 134 -21.56 -12.85 -13.43
C ALA F 134 -22.11 -13.98 -14.27
N GLY F 135 -21.38 -15.08 -14.28
CA GLY F 135 -21.74 -16.24 -15.06
C GLY F 135 -20.53 -17.15 -15.15
N ASP F 136 -20.81 -18.45 -15.14
CA ASP F 136 -19.82 -19.48 -15.34
C ASP F 136 -20.46 -20.59 -16.17
N GLY F 137 -19.71 -21.64 -16.47
CA GLY F 137 -20.27 -22.85 -17.12
C GLY F 137 -20.96 -23.81 -16.18
N VAL F 138 -20.65 -23.70 -14.90
CA VAL F 138 -21.21 -24.57 -13.85
C VAL F 138 -22.66 -24.04 -13.50
N GLY F 139 -22.96 -22.80 -13.90
CA GLY F 139 -24.31 -22.21 -13.79
C GLY F 139 -24.56 -21.21 -12.68
N GLU F 140 -23.54 -20.87 -11.89
CA GLU F 140 -23.76 -19.95 -10.76
C GLU F 140 -23.92 -18.54 -11.29
N HIS F 141 -24.68 -17.73 -10.55
CA HIS F 141 -24.93 -16.33 -10.92
C HIS F 141 -25.44 -15.56 -9.70
N PRO F 142 -24.56 -15.36 -8.74
CA PRO F 142 -25.00 -14.86 -7.42
C PRO F 142 -25.73 -13.52 -7.46
N THR F 143 -25.28 -12.63 -8.33
CA THR F 143 -25.84 -11.28 -8.48
C THR F 143 -27.28 -11.33 -8.99
N GLN F 144 -27.53 -12.24 -9.94
CA GLN F 144 -28.89 -12.51 -10.43
C GLN F 144 -29.75 -13.03 -9.30
N ALA F 145 -29.30 -14.11 -8.67
CA ALA F 145 -30.04 -14.71 -7.55
C ALA F 145 -30.27 -13.65 -6.51
N LEU F 146 -29.21 -12.92 -6.22
CA LEU F 146 -29.26 -11.86 -5.22
C LEU F 146 -30.36 -10.84 -5.48
N LEU F 147 -30.44 -10.39 -6.73
CA LEU F 147 -31.42 -9.38 -7.17
C LEU F 147 -32.81 -9.93 -7.31
N ASP F 148 -32.90 -11.19 -7.71
CA ASP F 148 -34.19 -11.82 -7.87
C ASP F 148 -34.91 -11.80 -6.54
N ILE F 149 -34.17 -11.90 -5.43
CA ILE F 149 -34.79 -11.81 -4.10
C ILE F 149 -35.42 -10.44 -3.81
N PHE F 150 -34.66 -9.36 -3.92
CA PHE F 150 -35.20 -8.04 -3.59
C PHE F 150 -36.53 -7.85 -4.32
N THR F 151 -36.57 -8.29 -5.58
CA THR F 151 -37.78 -8.24 -6.38
C THR F 151 -38.87 -9.00 -5.63
N ILE F 152 -38.53 -10.21 -5.22
CA ILE F 152 -39.47 -11.13 -4.55
C ILE F 152 -39.93 -10.57 -3.22
N ARG F 153 -38.99 -9.96 -2.52
CA ARG F 153 -39.26 -9.37 -1.21
C ARG F 153 -40.02 -8.04 -1.36
N GLU F 154 -39.50 -7.18 -2.25
CA GLU F 154 -40.10 -5.86 -2.50
C GLU F 154 -41.50 -5.98 -3.04
N GLU F 155 -41.63 -6.88 -3.99
CA GLU F 155 -42.85 -7.02 -4.76
C GLU F 155 -44.01 -7.56 -3.94
N LEU F 156 -43.72 -8.47 -3.01
CA LEU F 156 -44.76 -9.24 -2.30
C LEU F 156 -44.81 -9.05 -0.79
N GLY F 157 -43.94 -8.18 -0.27
CA GLY F 157 -43.96 -7.82 1.16
C GLY F 157 -42.97 -8.61 1.99
N THR F 158 -42.96 -9.93 1.82
CA THR F 158 -41.97 -10.80 2.45
C THR F 158 -41.54 -11.90 1.47
N VAL F 159 -40.55 -12.69 1.87
CA VAL F 159 -40.03 -13.79 1.03
C VAL F 159 -40.60 -15.12 1.49
N ASN F 160 -40.62 -15.27 2.82
CA ASN F 160 -41.11 -16.49 3.46
C ASN F 160 -42.61 -16.68 3.23
N GLY F 161 -42.96 -17.88 2.81
CA GLY F 161 -44.34 -18.30 2.58
C GLY F 161 -44.65 -18.43 1.11
N MET F 162 -43.90 -17.71 0.27
CA MET F 162 -44.21 -17.62 -1.17
C MET F 162 -44.01 -18.97 -1.84
N THR F 163 -44.83 -19.21 -2.85
CA THR F 163 -44.71 -20.40 -3.68
C THR F 163 -44.18 -19.91 -5.01
N ILE F 164 -43.20 -20.62 -5.57
CA ILE F 164 -42.42 -20.09 -6.68
C ILE F 164 -42.50 -21.00 -7.90
N THR F 165 -43.26 -20.55 -8.89
CA THR F 165 -43.39 -21.25 -10.16
C THR F 165 -42.27 -20.82 -11.09
N MET F 166 -41.28 -21.69 -11.23
CA MET F 166 -40.23 -21.48 -12.21
C MET F 166 -40.61 -22.21 -13.46
N VAL F 167 -40.74 -21.45 -14.55
CA VAL F 167 -41.25 -21.95 -15.82
C VAL F 167 -40.22 -21.81 -16.91
N GLY F 168 -40.18 -22.82 -17.78
CA GLY F 168 -39.42 -22.76 -19.05
C GLY F 168 -38.38 -23.85 -19.08
N ASP F 169 -37.41 -23.71 -19.97
CA ASP F 169 -36.34 -24.69 -20.07
C ASP F 169 -35.45 -24.39 -18.89
N LEU F 170 -35.39 -25.36 -17.96
CA LEU F 170 -34.66 -25.24 -16.71
C LEU F 170 -33.39 -26.07 -16.67
N LYS F 171 -33.34 -27.13 -17.49
CA LYS F 171 -32.16 -28.04 -17.57
C LYS F 171 -30.85 -27.24 -17.74
N HIS F 172 -30.75 -26.57 -18.88
CA HIS F 172 -29.62 -25.70 -19.19
C HIS F 172 -29.58 -24.53 -18.20
N GLY F 173 -30.76 -24.05 -17.83
CA GLY F 173 -30.95 -22.88 -16.96
C GLY F 173 -29.86 -22.62 -15.94
N ARG F 174 -29.04 -21.62 -16.21
CA ARG F 174 -27.90 -21.28 -15.34
C ARG F 174 -28.23 -20.21 -14.27
N THR F 175 -29.34 -19.52 -14.46
CA THR F 175 -29.87 -18.53 -13.49
C THR F 175 -30.71 -19.21 -12.39
N VAL F 176 -31.42 -20.27 -12.76
CA VAL F 176 -32.37 -20.95 -11.88
C VAL F 176 -31.69 -21.79 -10.84
N HIS F 177 -30.43 -22.18 -11.09
CA HIS F 177 -29.65 -22.92 -10.04
C HIS F 177 -29.11 -21.98 -8.99
N SER F 178 -29.05 -20.70 -9.38
CA SER F 178 -28.47 -19.68 -8.53
C SER F 178 -29.50 -19.24 -7.51
N LEU F 179 -30.72 -19.04 -7.98
CA LEU F 179 -31.81 -18.62 -7.12
C LEU F 179 -32.45 -19.80 -6.42
N ALA F 180 -32.70 -20.85 -7.19
CA ALA F 180 -33.46 -22.01 -6.70
C ALA F 180 -32.82 -22.57 -5.43
N CYS F 181 -31.51 -22.70 -5.49
CA CYS F 181 -30.73 -23.17 -4.34
C CYS F 181 -30.85 -22.20 -3.17
N LEU F 182 -30.53 -20.94 -3.45
CA LEU F 182 -30.46 -19.88 -2.44
C LEU F 182 -31.80 -19.63 -1.78
N LEU F 183 -32.87 -19.81 -2.56
CA LEU F 183 -34.23 -19.74 -2.03
C LEU F 183 -34.39 -20.54 -0.73
N THR F 184 -33.57 -21.59 -0.58
CA THR F 184 -33.58 -22.47 0.60
C THR F 184 -33.23 -21.75 1.91
N GLN F 185 -32.88 -20.47 1.85
CA GLN F 185 -32.71 -19.64 3.06
C GLN F 185 -34.06 -19.11 3.54
N TYR F 186 -35.14 -19.49 2.86
CA TYR F 186 -36.49 -19.03 3.18
C TYR F 186 -37.46 -20.21 3.27
N ARG F 187 -38.70 -19.90 3.64
CA ARG F 187 -39.80 -20.88 3.71
C ARG F 187 -40.72 -20.75 2.52
N VAL F 188 -40.36 -21.44 1.44
CA VAL F 188 -41.13 -21.32 0.21
C VAL F 188 -41.37 -22.68 -0.41
N SER F 189 -42.47 -22.82 -1.14
CA SER F 189 -42.76 -24.05 -1.86
C SER F 189 -42.37 -23.85 -3.30
N LEU F 190 -41.40 -24.64 -3.75
CA LEU F 190 -40.89 -24.54 -5.13
C LEU F 190 -41.68 -25.42 -6.05
N ARG F 191 -42.12 -24.84 -7.15
CA ARG F 191 -42.78 -25.59 -8.20
C ARG F 191 -41.96 -25.47 -9.44
N TYR F 192 -42.07 -26.47 -10.30
CA TYR F 192 -41.27 -26.52 -11.51
C TYR F 192 -42.12 -26.73 -12.74
N VAL F 193 -41.84 -25.97 -13.80
CA VAL F 193 -42.56 -26.12 -15.08
C VAL F 193 -41.66 -26.15 -16.33
N MET F 200 -35.88 -29.74 -15.23
CA MET F 200 -34.93 -29.23 -14.25
C MET F 200 -33.78 -30.25 -14.01
N PRO F 201 -32.54 -29.77 -13.78
CA PRO F 201 -31.42 -30.68 -13.56
C PRO F 201 -31.60 -31.49 -12.28
N PRO F 202 -32.01 -32.78 -12.42
CA PRO F 202 -32.18 -33.70 -11.28
C PRO F 202 -30.97 -33.95 -10.34
N THR F 203 -29.84 -33.31 -10.63
CA THR F 203 -28.58 -33.61 -9.97
C THR F 203 -28.50 -32.75 -8.73
N VAL F 204 -28.57 -31.44 -8.94
CA VAL F 204 -28.64 -30.39 -7.89
C VAL F 204 -30.09 -30.03 -7.40
N ARG F 205 -31.14 -30.65 -7.97
CA ARG F 205 -32.46 -30.74 -7.29
C ARG F 205 -32.38 -31.46 -5.94
N ALA F 206 -31.35 -32.29 -5.77
CA ALA F 206 -31.12 -33.09 -4.55
C ALA F 206 -30.71 -32.29 -3.30
N PHE F 207 -29.94 -31.23 -3.50
CA PHE F 207 -29.55 -30.33 -2.41
C PHE F 207 -30.73 -29.54 -1.84
N VAL F 208 -31.64 -29.13 -2.73
CA VAL F 208 -32.81 -28.34 -2.31
C VAL F 208 -33.78 -29.10 -1.41
N ALA F 209 -34.19 -30.27 -1.88
CA ALA F 209 -35.17 -31.08 -1.15
C ALA F 209 -34.67 -31.57 0.20
N SER F 210 -33.34 -31.58 0.37
CA SER F 210 -32.73 -32.02 1.65
C SER F 210 -33.24 -31.18 2.82
N ARG F 211 -33.23 -29.86 2.62
CA ARG F 211 -33.72 -28.87 3.58
C ARG F 211 -35.26 -28.68 3.58
N GLY F 212 -35.98 -29.59 2.94
CA GLY F 212 -37.44 -29.63 2.99
C GLY F 212 -38.17 -28.72 2.00
N THR F 213 -37.41 -27.89 1.27
CA THR F 213 -38.01 -26.93 0.34
C THR F 213 -38.76 -27.68 -0.77
N LYS F 214 -40.09 -27.74 -0.63
CA LYS F 214 -41.02 -28.53 -1.52
C LYS F 214 -40.53 -28.52 -2.95
N GLN F 215 -40.98 -29.48 -3.74
CA GLN F 215 -40.50 -29.53 -5.13
C GLN F 215 -41.48 -30.39 -5.83
N GLU F 216 -42.30 -29.80 -6.69
CA GLU F 216 -43.28 -30.59 -7.43
C GLU F 216 -43.31 -30.17 -8.86
N GLU F 217 -43.40 -31.16 -9.74
CA GLU F 217 -43.45 -30.93 -11.17
C GLU F 217 -44.88 -30.69 -11.62
N PHE F 218 -45.02 -29.89 -12.67
CA PHE F 218 -46.34 -29.54 -13.19
C PHE F 218 -46.40 -29.63 -14.72
N GLU F 219 -47.63 -29.79 -15.25
CA GLU F 219 -47.89 -29.98 -16.70
C GLU F 219 -47.62 -28.72 -17.53
N SER F 220 -47.99 -27.58 -16.98
CA SER F 220 -47.87 -26.29 -17.65
C SER F 220 -48.18 -25.19 -16.61
N ILE F 221 -48.28 -23.93 -17.06
CA ILE F 221 -48.60 -22.79 -16.16
C ILE F 221 -50.07 -22.84 -15.77
N GLU F 222 -50.90 -23.15 -16.76
CA GLU F 222 -52.37 -23.21 -16.64
C GLU F 222 -52.87 -24.05 -15.44
N GLU F 223 -52.05 -24.96 -14.97
CA GLU F 223 -52.35 -25.78 -13.80
C GLU F 223 -51.64 -25.30 -12.52
N ALA F 224 -50.35 -25.00 -12.63
CA ALA F 224 -49.51 -24.65 -11.47
C ALA F 224 -49.70 -23.23 -10.97
N LEU F 225 -50.43 -22.42 -11.70
CA LEU F 225 -50.54 -21.00 -11.42
C LEU F 225 -51.42 -20.54 -10.21
N PRO F 226 -52.51 -21.26 -9.88
CA PRO F 226 -53.45 -20.78 -8.83
C PRO F 226 -52.86 -20.65 -7.42
N ASP F 227 -51.77 -21.37 -7.16
CA ASP F 227 -51.05 -21.33 -5.87
C ASP F 227 -49.66 -20.71 -6.01
N THR F 228 -49.57 -19.74 -6.93
CA THR F 228 -48.30 -19.18 -7.34
C THR F 228 -48.13 -17.75 -6.77
N ASP F 229 -47.05 -17.54 -6.03
CA ASP F 229 -46.68 -16.18 -5.59
C ASP F 229 -45.61 -15.51 -6.46
N VAL F 230 -44.77 -16.31 -7.10
CA VAL F 230 -43.82 -15.79 -8.10
C VAL F 230 -43.77 -16.70 -9.33
N LEU F 231 -43.99 -16.10 -10.49
CA LEU F 231 -43.93 -16.84 -11.73
C LEU F 231 -42.63 -16.49 -12.41
N TYR F 232 -41.61 -17.29 -12.12
CA TYR F 232 -40.29 -17.05 -12.67
C TYR F 232 -40.19 -17.71 -14.05
N MET F 233 -39.95 -16.91 -15.08
CA MET F 233 -40.03 -17.35 -16.48
C MET F 233 -38.63 -17.52 -17.04
N THR F 234 -38.48 -18.33 -18.10
CA THR F 234 -37.16 -18.56 -18.76
C THR F 234 -37.22 -18.82 -20.26
N ARG F 235 -36.19 -18.34 -20.96
CA ARG F 235 -36.03 -18.56 -22.39
C ARG F 235 -35.81 -20.05 -22.61
N ILE F 236 -36.49 -20.58 -23.63
CA ILE F 236 -36.46 -22.02 -23.91
C ILE F 236 -35.30 -22.36 -24.86
N GLN F 237 -35.42 -21.80 -26.06
CA GLN F 237 -34.64 -22.16 -27.25
C GLN F 237 -35.44 -23.20 -28.05
N LYS F 238 -35.93 -22.77 -29.21
CA LYS F 238 -36.71 -23.65 -30.10
C LYS F 238 -35.76 -24.73 -30.52
N GLU F 239 -34.73 -24.33 -31.26
CA GLU F 239 -33.61 -25.20 -31.56
C GLU F 239 -33.09 -25.76 -30.23
N ARG F 240 -33.04 -27.09 -30.17
CA ARG F 240 -32.63 -27.97 -29.04
C ARG F 240 -33.81 -28.63 -28.33
N PHE F 241 -35.01 -28.53 -28.89
CA PHE F 241 -36.26 -28.97 -28.25
C PHE F 241 -36.54 -30.47 -28.51
N GLY F 242 -37.74 -30.93 -28.14
CA GLY F 242 -38.22 -32.28 -28.47
C GLY F 242 -37.65 -32.97 -29.71
N SER F 243 -38.18 -32.61 -30.90
CA SER F 243 -37.78 -33.18 -32.22
C SER F 243 -38.63 -32.71 -33.46
N THR F 244 -39.52 -33.57 -33.97
CA THR F 244 -40.47 -33.24 -35.03
C THR F 244 -41.75 -32.60 -34.49
N GLN F 245 -42.20 -33.01 -33.29
CA GLN F 245 -43.60 -32.89 -32.96
C GLN F 245 -44.13 -31.52 -32.66
N TYR F 247 -42.21 -30.61 -30.00
CA TYR F 247 -41.82 -29.24 -30.30
C TYR F 247 -43.00 -28.26 -30.20
N GLU F 248 -43.99 -28.49 -31.05
CA GLU F 248 -45.15 -27.58 -31.18
C GLU F 248 -45.72 -27.00 -29.85
N ALA F 249 -46.58 -27.73 -29.14
CA ALA F 249 -47.35 -27.12 -28.03
C ALA F 249 -46.45 -26.52 -26.95
N CYS F 250 -45.36 -27.21 -26.63
CA CYS F 250 -44.37 -26.71 -25.66
C CYS F 250 -43.76 -25.35 -26.06
N PHE F 251 -43.79 -25.06 -27.36
CA PHE F 251 -43.59 -23.69 -27.85
C PHE F 251 -44.66 -22.81 -27.21
N GLY F 252 -45.94 -23.20 -27.29
CA GLY F 252 -47.07 -22.40 -26.80
C GLY F 252 -47.47 -22.51 -25.33
N GLN F 253 -47.08 -23.61 -24.68
CA GLN F 253 -47.56 -23.92 -23.32
C GLN F 253 -46.81 -23.09 -22.29
N PHE F 254 -45.48 -23.23 -22.30
CA PHE F 254 -44.59 -22.49 -21.38
C PHE F 254 -44.44 -21.04 -21.85
N ILE F 255 -45.59 -20.42 -22.09
CA ILE F 255 -45.71 -19.04 -22.58
C ILE F 255 -46.76 -18.40 -21.71
N LEU F 256 -46.53 -17.15 -21.34
CA LEU F 256 -47.47 -16.38 -20.57
C LEU F 256 -48.07 -15.29 -21.48
N THR F 257 -49.22 -15.59 -22.08
CA THR F 257 -50.03 -14.57 -22.74
C THR F 257 -50.78 -13.79 -21.66
N PRO F 258 -51.33 -12.60 -21.99
CA PRO F 258 -52.24 -11.95 -21.02
C PRO F 258 -53.56 -12.70 -20.80
N HIS F 259 -53.87 -13.67 -21.67
CA HIS F 259 -55.06 -14.52 -21.54
C HIS F 259 -54.89 -15.59 -20.49
N ILE F 260 -53.66 -16.07 -20.33
CA ILE F 260 -53.34 -17.01 -19.26
C ILE F 260 -53.41 -16.27 -17.93
N MET F 261 -52.78 -15.10 -17.88
CA MET F 261 -52.65 -14.30 -16.63
C MET F 261 -53.97 -13.99 -15.88
N THR F 262 -55.12 -14.34 -16.45
CA THR F 262 -56.44 -14.15 -15.82
C THR F 262 -56.81 -15.21 -14.79
N ARG F 263 -56.18 -16.39 -14.86
CA ARG F 263 -56.33 -17.46 -13.86
C ARG F 263 -55.18 -17.43 -12.83
N ALA F 264 -54.43 -16.34 -12.87
CA ALA F 264 -53.29 -16.13 -11.99
C ALA F 264 -53.69 -15.26 -10.80
N LYS F 265 -53.11 -15.55 -9.65
CA LYS F 265 -53.32 -14.79 -8.42
C LYS F 265 -53.21 -13.33 -8.74
N LYS F 266 -53.88 -12.53 -7.94
CA LYS F 266 -53.84 -11.08 -8.09
C LYS F 266 -52.79 -10.45 -7.15
N LYS F 267 -52.40 -11.20 -6.10
CA LYS F 267 -51.30 -10.80 -5.19
C LYS F 267 -50.08 -11.63 -5.48
N MET F 268 -49.59 -11.43 -6.68
CA MET F 268 -48.56 -12.27 -7.23
C MET F 268 -47.83 -11.43 -8.28
N VAL F 269 -46.63 -11.87 -8.59
CA VAL F 269 -45.80 -11.14 -9.51
C VAL F 269 -44.99 -12.09 -10.40
N VAL F 270 -44.86 -11.72 -11.66
CA VAL F 270 -44.18 -12.55 -12.61
C VAL F 270 -42.85 -11.90 -12.96
N MET F 271 -41.82 -12.74 -12.92
CA MET F 271 -40.43 -12.30 -13.07
C MET F 271 -39.77 -12.98 -14.25
N HIS F 272 -38.75 -12.30 -14.78
CA HIS F 272 -37.87 -12.83 -15.81
C HIS F 272 -36.47 -12.26 -15.64
N PRO F 273 -35.44 -13.13 -15.67
CA PRO F 273 -34.07 -12.65 -15.64
C PRO F 273 -33.74 -11.90 -16.90
N MET F 274 -34.26 -12.42 -18.01
CA MET F 274 -34.05 -11.85 -19.35
C MET F 274 -32.64 -12.23 -19.84
N PRO F 275 -32.41 -12.24 -21.16
CA PRO F 275 -33.35 -11.82 -22.23
C PRO F 275 -34.54 -12.74 -22.49
N ARG F 276 -35.52 -12.19 -23.23
CA ARG F 276 -36.73 -12.91 -23.65
C ARG F 276 -36.93 -12.72 -25.13
N VAL F 277 -37.96 -13.36 -25.64
CA VAL F 277 -38.33 -13.27 -27.07
C VAL F 277 -39.86 -13.33 -27.27
N ASN F 278 -40.42 -14.53 -27.27
CA ASN F 278 -41.89 -14.72 -27.45
C ASN F 278 -42.58 -15.46 -26.27
N GLU F 279 -41.79 -15.85 -25.26
CA GLU F 279 -42.30 -16.60 -24.10
C GLU F 279 -43.28 -15.80 -23.24
N ILE F 280 -42.96 -14.53 -22.98
CA ILE F 280 -43.88 -13.61 -22.32
C ILE F 280 -44.42 -12.68 -23.37
N SER F 281 -45.74 -12.69 -23.53
CA SER F 281 -46.37 -11.95 -24.62
C SER F 281 -46.23 -10.44 -24.44
N VAL F 282 -45.69 -9.77 -25.45
CA VAL F 282 -45.43 -8.34 -25.42
C VAL F 282 -46.58 -7.55 -24.76
N GLU F 283 -47.82 -7.99 -24.96
CA GLU F 283 -48.99 -7.33 -24.31
C GLU F 283 -49.10 -7.56 -22.79
N VAL F 284 -48.21 -8.39 -22.26
CA VAL F 284 -48.07 -8.62 -20.83
C VAL F 284 -47.15 -7.54 -20.24
N ASP F 285 -46.61 -6.63 -21.06
CA ASP F 285 -45.75 -5.54 -20.56
C ASP F 285 -46.56 -4.67 -19.58
N SER F 286 -47.66 -4.10 -20.10
CA SER F 286 -48.54 -3.18 -19.36
C SER F 286 -49.54 -3.91 -18.44
N ASP F 287 -49.01 -4.41 -17.32
CA ASP F 287 -49.74 -5.23 -16.36
C ASP F 287 -49.09 -5.10 -14.99
N PRO F 288 -49.64 -4.27 -14.09
CA PRO F 288 -48.97 -4.12 -12.80
C PRO F 288 -48.21 -5.41 -12.28
N ARG F 289 -48.85 -6.59 -12.31
CA ARG F 289 -48.22 -7.82 -11.78
C ARG F 289 -46.92 -8.18 -12.52
N ALA F 290 -46.58 -7.36 -13.51
CA ALA F 290 -45.40 -7.56 -14.35
C ALA F 290 -44.18 -6.85 -13.77
N ALA F 291 -43.40 -7.61 -13.03
CA ALA F 291 -42.20 -7.09 -12.35
C ALA F 291 -40.88 -7.51 -12.98
N TYR F 292 -40.92 -7.90 -14.25
CA TYR F 292 -39.71 -8.39 -14.94
C TYR F 292 -38.84 -7.24 -15.43
N PHE F 293 -39.44 -6.07 -15.67
CA PHE F 293 -38.66 -4.88 -16.10
C PHE F 293 -38.09 -4.14 -14.91
N ARG F 294 -38.90 -4.01 -13.87
CA ARG F 294 -38.43 -3.53 -12.57
C ARG F 294 -37.38 -4.45 -11.92
N GLN F 295 -37.47 -5.73 -12.25
CA GLN F 295 -36.43 -6.71 -11.89
C GLN F 295 -35.09 -6.23 -12.43
N ALA F 296 -35.05 -5.90 -13.71
CA ALA F 296 -33.83 -5.40 -14.36
C ALA F 296 -33.31 -4.12 -13.68
N GLU F 297 -34.25 -3.24 -13.33
CA GLU F 297 -33.93 -1.96 -12.65
C GLU F 297 -33.30 -2.16 -11.28
N ASN F 298 -33.83 -3.12 -10.55
CA ASN F 298 -33.40 -3.38 -9.16
C ASN F 298 -32.06 -4.06 -9.01
N GLY F 299 -31.58 -4.69 -10.08
CA GLY F 299 -30.24 -5.27 -10.09
C GLY F 299 -29.21 -4.18 -9.93
N MET F 300 -29.32 -3.14 -10.75
CA MET F 300 -28.41 -1.99 -10.69
C MET F 300 -28.06 -1.60 -9.26
N TYR F 301 -29.03 -1.75 -8.35
CA TYR F 301 -28.87 -1.43 -6.92
C TYR F 301 -28.29 -2.54 -6.05
N ILE F 302 -28.34 -3.77 -6.53
CA ILE F 302 -27.64 -4.88 -5.88
C ILE F 302 -26.15 -4.69 -6.12
N ARG F 303 -25.83 -4.24 -7.33
CA ARG F 303 -24.43 -4.05 -7.75
C ARG F 303 -23.83 -2.86 -7.02
N MET F 304 -24.61 -1.79 -6.95
CA MET F 304 -24.25 -0.69 -6.08
C MET F 304 -24.24 -1.15 -4.63
N ALA F 305 -25.21 -1.97 -4.25
CA ALA F 305 -25.25 -2.58 -2.91
C ALA F 305 -24.09 -3.52 -2.64
N LEU F 306 -23.63 -4.17 -3.71
CA LEU F 306 -22.52 -5.13 -3.66
C LEU F 306 -21.16 -4.46 -3.91
N LEU F 307 -20.97 -3.95 -5.12
CA LEU F 307 -19.72 -3.26 -5.48
C LEU F 307 -19.25 -2.35 -4.33
N ALA F 308 -20.17 -1.53 -3.83
CA ALA F 308 -19.84 -0.52 -2.82
C ALA F 308 -19.30 -1.19 -1.57
N THR F 309 -20.04 -2.20 -1.09
CA THR F 309 -19.61 -3.00 0.06
C THR F 309 -18.29 -3.74 -0.23
N VAL F 310 -18.25 -4.43 -1.37
CA VAL F 310 -17.10 -5.27 -1.74
C VAL F 310 -15.83 -4.41 -1.82
N LEU F 311 -16.01 -3.08 -1.82
CA LEU F 311 -14.86 -2.14 -1.87
C LEU F 311 -14.62 -1.33 -0.60
N GLY F 312 -15.39 -1.61 0.44
CA GLY F 312 -15.16 -1.05 1.76
C GLY F 312 -15.64 0.38 1.95
N ARG F 313 -16.28 0.96 0.92
CA ARG F 313 -16.81 2.32 0.98
C ARG F 313 -18.23 2.35 1.52
N PHE F 314 -18.73 1.16 1.84
CA PHE F 314 -19.94 0.99 2.62
C PHE F 314 -19.99 -0.46 3.06
#